data_3JX8
#
_entry.id   3JX8
#
_cell.length_a   201.880
_cell.length_b   201.880
_cell.length_c   202.840
_cell.angle_alpha   90.000
_cell.angle_beta   90.000
_cell.angle_gamma   90.000
#
_symmetry.space_group_name_H-M   'P 41 21 2'
#
loop_
_entity.id
_entity.type
_entity.pdbx_description
1 polymer 'Putative lipoprotein'
2 non-polymer 'SULFATE ION'
3 non-polymer GLYCEROL
4 non-polymer 'CHLORIDE ION'
5 water water
#
_entity_poly.entity_id   1
_entity_poly.type   'polypeptide(L)'
_entity_poly.pdbx_seq_one_letter_code
;GAADKRIDGNGNPETREIKISDYDEITFVGSADFEYEQSDKAPYLSVTIDENLFDYLVTEVEGGTLKIYPKSIKKGFNNN
SYDLRPTVYKIKSNSKELKELNTVGSGSFIISKPTKVNR(MSE)EIN(MSE)AGSGNVELRGPVKGYKLECN(MSE)AGS
GNIIAKDIQLDNLSCSLASSGEIEVIGTVDRASFNVAGSGEIKAFDCQARKAECNIASSGEISVYATQILDANIVGSGEI
HYKGDPEISKSI(MSE)GSGSINKVK
;
_entity_poly.pdbx_strand_id   A,B,C,D,E,F
#
loop_
_chem_comp.id
_chem_comp.type
_chem_comp.name
_chem_comp.formula
CL non-polymer 'CHLORIDE ION' 'Cl -1'
GOL non-polymer GLYCEROL 'C3 H8 O3'
SO4 non-polymer 'SULFATE ION' 'O4 S -2'
#
# COMPACT_ATOMS: atom_id res chain seq x y z
N ASP A 4 -35.28 54.39 -11.05
CA ASP A 4 -35.57 52.92 -10.87
C ASP A 4 -34.56 52.14 -9.98
N LYS A 5 -33.34 51.89 -10.44
N LYS A 5 -33.34 51.95 -10.46
CA LYS A 5 -32.39 51.01 -9.73
CA LYS A 5 -32.37 51.04 -9.80
C LYS A 5 -31.64 51.66 -8.56
C LYS A 5 -31.63 51.66 -8.60
N ARG A 6 -31.15 52.90 -8.73
CA ARG A 6 -30.36 53.57 -7.67
C ARG A 6 -31.21 54.46 -6.78
N ILE A 7 -31.12 54.30 -5.46
CA ILE A 7 -31.92 55.13 -4.55
C ILE A 7 -30.96 55.82 -3.58
N ASP A 8 -30.94 57.14 -3.60
CA ASP A 8 -30.06 57.88 -2.70
C ASP A 8 -30.75 58.13 -1.38
N GLY A 9 -30.00 58.03 -0.29
CA GLY A 9 -30.50 58.37 1.03
C GLY A 9 -30.84 59.84 1.09
N ASN A 10 -31.98 60.17 1.69
CA ASN A 10 -32.43 61.56 1.78
C ASN A 10 -31.72 62.35 2.86
N GLY A 11 -30.82 61.72 3.61
CA GLY A 11 -30.01 62.45 4.59
C GLY A 11 -30.70 62.62 5.92
N ASN A 12 -31.83 61.97 6.13
CA ASN A 12 -32.49 62.01 7.42
C ASN A 12 -32.43 60.65 8.09
N PRO A 13 -31.39 60.38 8.89
CA PRO A 13 -31.28 59.06 9.46
C PRO A 13 -32.34 58.71 10.48
N GLU A 14 -32.87 57.49 10.37
CA GLU A 14 -33.87 56.97 11.28
C GLU A 14 -33.41 55.63 11.84
N THR A 15 -33.62 55.44 13.14
CA THR A 15 -33.34 54.19 13.81
C THR A 15 -34.64 53.47 14.10
N ARG A 16 -34.66 52.20 13.75
CA ARG A 16 -35.78 51.32 14.04
C ARG A 16 -35.29 50.07 14.74
N GLU A 17 -35.92 49.81 15.88
CA GLU A 17 -35.75 48.53 16.53
C GLU A 17 -36.76 47.59 15.92
N ILE A 18 -36.30 46.45 15.42
CA ILE A 18 -37.16 45.52 14.71
C ILE A 18 -37.33 44.24 15.53
N LYS A 19 -38.60 43.88 15.76
CA LYS A 19 -38.93 42.70 16.55
C LYS A 19 -38.52 41.45 15.80
N ILE A 20 -37.74 40.61 16.45
CA ILE A 20 -37.25 39.39 15.84
C ILE A 20 -37.22 38.21 16.81
N SER A 21 -37.37 37.00 16.29
CA SER A 21 -37.03 35.78 17.03
C SER A 21 -35.54 35.56 16.95
N ASP A 22 -35.08 34.58 17.74
CA ASP A 22 -33.72 34.13 17.65
C ASP A 22 -33.39 33.62 16.27
N TYR A 23 -32.11 33.68 15.94
CA TYR A 23 -31.61 33.19 14.68
C TYR A 23 -30.24 32.64 14.94
N ASP A 24 -29.84 31.68 14.14
CA ASP A 24 -28.52 31.10 14.21
C ASP A 24 -27.75 31.32 12.92
N GLU A 25 -28.34 32.08 12.01
CA GLU A 25 -27.74 32.32 10.72
C GLU A 25 -28.09 33.73 10.23
N ILE A 26 -27.15 34.38 9.53
CA ILE A 26 -27.31 35.75 9.00
C ILE A 26 -27.02 35.77 7.51
N THR A 27 -27.96 36.31 6.72
CA THR A 27 -27.75 36.69 5.34
C THR A 27 -27.76 38.20 5.34
N PHE A 28 -26.61 38.81 5.05
CA PHE A 28 -26.47 40.27 5.08
C PHE A 28 -25.89 40.76 3.78
N VAL A 29 -26.63 41.54 3.03
CA VAL A 29 -26.14 42.10 1.79
C VAL A 29 -26.18 43.59 1.94
N GLY A 30 -25.08 44.25 1.67
CA GLY A 30 -25.05 45.71 1.72
C GLY A 30 -23.80 46.31 2.33
N SER A 31 -23.87 47.62 2.52
CA SER A 31 -22.71 48.43 2.87
C SER A 31 -22.69 48.88 4.32
N ALA A 32 -23.59 48.34 5.15
CA ALA A 32 -23.70 48.79 6.54
C ALA A 32 -22.45 48.45 7.35
N ASP A 33 -22.25 49.21 8.42
CA ASP A 33 -21.46 48.73 9.55
C ASP A 33 -22.40 47.94 10.46
N PHE A 34 -22.17 46.64 10.52
CA PHE A 34 -23.01 45.70 11.22
C PHE A 34 -22.23 45.23 12.42
N GLU A 35 -22.72 45.49 13.62
CA GLU A 35 -22.16 44.95 14.85
C GLU A 35 -23.00 43.83 15.39
N TYR A 36 -22.38 42.66 15.60
CA TYR A 36 -23.09 41.48 16.07
C TYR A 36 -22.38 40.96 17.30
N GLU A 37 -23.16 40.35 18.20
CA GLU A 37 -22.61 39.59 19.32
C GLU A 37 -23.50 38.38 19.60
N GLN A 38 -22.89 37.32 20.09
CA GLN A 38 -23.66 36.23 20.66
C GLN A 38 -24.02 36.67 22.06
N SER A 39 -25.24 36.36 22.50
CA SER A 39 -25.74 36.78 23.82
C SER A 39 -26.92 35.92 24.26
N ASP A 40 -27.01 35.68 25.56
CA ASP A 40 -28.17 35.01 26.15
C ASP A 40 -29.33 35.95 26.44
N LYS A 41 -29.12 37.26 26.27
CA LYS A 41 -30.24 38.17 26.32
C LYS A 41 -31.20 37.88 25.18
N ALA A 42 -32.36 38.50 25.25
CA ALA A 42 -33.35 38.40 24.19
C ALA A 42 -32.73 38.77 22.84
N PRO A 43 -33.15 38.10 21.77
CA PRO A 43 -32.63 38.48 20.46
C PRO A 43 -33.05 39.92 20.12
N TYR A 44 -32.16 40.66 19.48
CA TYR A 44 -32.35 42.09 19.30
C TYR A 44 -31.88 42.51 17.93
N LEU A 45 -32.62 43.42 17.30
CA LEU A 45 -32.20 44.01 16.06
C LEU A 45 -32.54 45.48 16.03
N SER A 46 -31.55 46.28 15.67
CA SER A 46 -31.73 47.68 15.42
C SER A 46 -31.02 48.07 14.12
N VAL A 47 -31.68 48.88 13.30
CA VAL A 47 -31.14 49.36 12.02
C VAL A 47 -31.32 50.87 11.93
N THR A 48 -30.24 51.56 11.56
CA THR A 48 -30.24 52.98 11.33
C THR A 48 -29.87 53.23 9.87
N ILE A 49 -30.76 53.90 9.13
CA ILE A 49 -30.48 54.22 7.73
C ILE A 49 -31.33 55.45 7.37
N ASP A 50 -30.97 56.15 6.30
CA ASP A 50 -31.81 57.23 5.81
C ASP A 50 -33.26 56.74 5.75
N GLU A 51 -34.17 57.55 6.27
CA GLU A 51 -35.56 57.14 6.49
C GLU A 51 -36.20 56.60 5.20
N ASN A 52 -35.83 57.19 4.06
CA ASN A 52 -36.42 56.77 2.80
C ASN A 52 -35.98 55.37 2.33
N LEU A 53 -34.85 54.87 2.81
CA LEU A 53 -34.32 53.62 2.31
C LEU A 53 -34.96 52.35 2.94
N PHE A 54 -35.65 52.48 4.10
CA PHE A 54 -36.32 51.32 4.72
C PHE A 54 -37.33 50.65 3.78
N ASP A 55 -38.03 51.44 2.98
CA ASP A 55 -38.97 50.92 2.00
C ASP A 55 -38.32 50.03 0.96
N TYR A 56 -37.00 50.12 0.81
CA TYR A 56 -36.25 49.35 -0.18
C TYR A 56 -35.45 48.19 0.42
N LEU A 57 -35.62 47.94 1.71
CA LEU A 57 -34.77 47.02 2.45
C LEU A 57 -35.62 45.91 3.07
N VAL A 58 -35.14 44.67 3.03
CA VAL A 58 -35.74 43.57 3.80
C VAL A 58 -34.95 43.48 5.07
N THR A 59 -35.65 43.42 6.21
CA THR A 59 -35.02 43.28 7.53
C THR A 59 -35.91 42.40 8.40
N GLU A 60 -35.63 41.10 8.47
CA GLU A 60 -36.49 40.20 9.21
C GLU A 60 -35.78 38.91 9.53
N VAL A 61 -36.36 38.17 10.47
CA VAL A 61 -35.91 36.85 10.79
C VAL A 61 -36.95 35.89 10.30
N GLU A 62 -36.49 34.84 9.66
CA GLU A 62 -37.40 33.86 9.09
C GLU A 62 -36.66 32.53 8.99
N GLY A 63 -37.27 31.48 9.51
CA GLY A 63 -36.67 30.16 9.46
C GLY A 63 -35.36 30.16 10.22
N GLY A 64 -35.32 30.90 11.33
CA GLY A 64 -34.12 31.02 12.11
C GLY A 64 -32.94 31.72 11.47
N THR A 65 -33.21 32.52 10.42
CA THR A 65 -32.20 33.31 9.72
C THR A 65 -32.55 34.79 9.69
N LEU A 66 -31.62 35.63 10.15
CA LEU A 66 -31.72 37.06 10.01
C LEU A 66 -31.34 37.41 8.58
N LYS A 67 -32.24 38.10 7.91
CA LYS A 67 -32.07 38.49 6.54
C LYS A 67 -32.17 39.99 6.44
N ILE A 68 -31.09 40.62 5.96
CA ILE A 68 -31.01 42.07 5.72
C ILE A 68 -30.43 42.27 4.33
N TYR A 69 -31.23 42.76 3.41
CA TYR A 69 -30.73 43.01 2.06
C TYR A 69 -31.68 43.91 1.29
N PRO A 70 -31.18 44.59 0.24
CA PRO A 70 -32.06 45.38 -0.61
C PRO A 70 -33.10 44.52 -1.30
N LYS A 71 -34.33 45.04 -1.39
CA LYS A 71 -35.36 44.34 -2.13
C LYS A 71 -35.00 44.19 -3.61
N SER A 72 -35.62 43.18 -4.22
CA SER A 72 -35.68 43.08 -5.67
C SER A 72 -36.38 44.25 -6.25
N ILE A 73 -35.97 44.66 -7.44
CA ILE A 73 -36.62 45.77 -8.09
C ILE A 73 -38.09 45.41 -8.40
N LYS A 74 -38.98 46.33 -7.99
CA LYS A 74 -40.42 46.19 -8.22
C LYS A 74 -40.67 45.93 -9.73
N LYS A 75 -41.37 44.85 -10.02
CA LYS A 75 -41.64 44.37 -11.37
C LYS A 75 -40.39 44.06 -12.15
N GLY A 76 -39.30 43.77 -11.45
CA GLY A 76 -38.06 43.37 -12.09
C GLY A 76 -37.83 41.84 -12.13
N PHE A 77 -38.85 41.09 -11.68
CA PHE A 77 -38.88 39.63 -11.70
C PHE A 77 -37.78 38.98 -10.88
N ASN A 78 -37.29 39.65 -9.85
CA ASN A 78 -36.14 39.19 -9.10
C ASN A 78 -34.87 38.98 -9.93
N ASN A 79 -34.75 39.68 -11.05
CA ASN A 79 -33.51 39.67 -11.83
C ASN A 79 -32.42 40.59 -11.30
N ASN A 80 -32.82 41.49 -10.39
CA ASN A 80 -31.92 42.49 -9.82
C ASN A 80 -32.54 43.18 -8.65
N SER A 81 -31.70 43.84 -7.86
CA SER A 81 -32.14 44.51 -6.65
C SER A 81 -31.72 45.96 -6.70
N TYR A 82 -32.24 46.76 -5.76
CA TYR A 82 -31.96 48.18 -5.71
C TYR A 82 -30.53 48.44 -5.27
N ASP A 83 -29.98 49.51 -5.81
CA ASP A 83 -28.66 50.02 -5.48
C ASP A 83 -28.85 51.21 -4.51
N LEU A 84 -28.71 50.93 -3.22
CA LEU A 84 -29.03 51.91 -2.20
C LEU A 84 -27.75 52.70 -1.90
N ARG A 85 -27.88 54.03 -1.81
CA ARG A 85 -26.76 54.87 -1.43
C ARG A 85 -27.11 55.62 -0.15
N PRO A 86 -26.93 54.97 1.00
CA PRO A 86 -27.21 55.64 2.27
C PRO A 86 -26.17 56.68 2.63
N THR A 87 -26.57 57.66 3.43
CA THR A 87 -25.63 58.59 4.03
C THR A 87 -25.15 58.03 5.38
N VAL A 88 -25.91 57.11 5.97
CA VAL A 88 -25.56 56.48 7.26
C VAL A 88 -26.20 55.11 7.20
N TYR A 89 -25.53 54.07 7.64
CA TYR A 89 -26.11 52.73 7.62
C TYR A 89 -25.42 51.88 8.66
N LYS A 90 -26.11 51.63 9.78
CA LYS A 90 -25.57 50.93 10.92
C LYS A 90 -26.59 49.87 11.35
N ILE A 91 -26.07 48.72 11.73
CA ILE A 91 -26.91 47.63 12.20
C ILE A 91 -26.31 47.10 13.50
N LYS A 92 -27.14 46.90 14.51
CA LYS A 92 -26.72 46.24 15.74
CA LYS A 92 -26.73 46.26 15.75
C LYS A 92 -27.65 45.07 15.99
N SER A 93 -27.09 43.91 16.23
CA SER A 93 -27.96 42.75 16.49
C SER A 93 -27.27 41.74 17.36
N ASN A 94 -28.07 40.92 18.04
CA ASN A 94 -27.55 39.77 18.75
C ASN A 94 -28.50 38.58 18.72
N SER A 95 -27.93 37.40 18.93
CA SER A 95 -28.70 36.15 19.01
C SER A 95 -27.90 35.24 19.92
N LYS A 96 -28.45 34.06 20.20
CA LYS A 96 -27.80 33.16 21.14
C LYS A 96 -26.51 32.59 20.51
N GLU A 97 -26.54 32.29 19.22
CA GLU A 97 -25.39 31.68 18.55
C GLU A 97 -25.40 32.05 17.07
N LEU A 98 -24.21 32.17 16.48
CA LEU A 98 -24.09 32.39 15.04
C LEU A 98 -23.29 31.27 14.43
N LYS A 99 -23.98 30.35 13.78
CA LYS A 99 -23.35 29.21 13.16
C LYS A 99 -22.88 29.56 11.78
N GLU A 100 -23.61 30.44 11.10
CA GLU A 100 -23.26 30.79 9.73
C GLU A 100 -23.62 32.22 9.34
N LEU A 101 -22.62 32.92 8.84
CA LEU A 101 -22.72 34.25 8.31
C LEU A 101 -22.45 34.19 6.79
N ASN A 102 -23.40 34.74 6.04
CA ASN A 102 -23.28 34.93 4.61
C ASN A 102 -23.41 36.40 4.40
N THR A 103 -22.30 37.04 4.09
CA THR A 103 -22.25 38.45 3.88
C THR A 103 -21.73 38.78 2.46
N VAL A 104 -22.37 39.75 1.81
CA VAL A 104 -22.07 40.12 0.43
C VAL A 104 -22.11 41.63 0.32
N GLY A 105 -21.02 42.21 -0.16
CA GLY A 105 -21.02 43.64 -0.41
C GLY A 105 -19.76 44.29 0.10
N SER A 106 -19.87 45.60 0.28
CA SER A 106 -18.78 46.44 0.67
C SER A 106 -18.87 46.80 2.14
N GLY A 107 -19.79 46.20 2.88
CA GLY A 107 -19.98 46.53 4.28
C GLY A 107 -18.94 45.96 5.23
N SER A 108 -19.16 46.19 6.50
CA SER A 108 -18.26 45.75 7.51
C SER A 108 -19.03 45.02 8.61
N PHE A 109 -18.65 43.80 8.91
CA PHE A 109 -19.32 42.99 9.90
C PHE A 109 -18.34 42.72 11.02
N ILE A 110 -18.66 43.15 12.25
CA ILE A 110 -17.73 43.13 13.39
C ILE A 110 -18.31 42.48 14.62
N ILE A 111 -17.60 41.52 15.20
CA ILE A 111 -17.92 40.89 16.50
C ILE A 111 -16.81 41.33 17.44
N SER A 112 -17.18 41.94 18.58
CA SER A 112 -16.18 42.55 19.47
C SER A 112 -15.97 41.92 20.84
N LYS A 113 -16.93 41.13 21.30
CA LYS A 113 -16.86 40.54 22.63
C LYS A 113 -16.36 39.11 22.56
N PRO A 114 -15.92 38.56 23.71
CA PRO A 114 -15.53 37.16 23.78
C PRO A 114 -16.63 36.27 23.27
N THR A 115 -16.31 35.42 22.31
CA THR A 115 -17.27 34.59 21.64
C THR A 115 -16.85 33.13 21.78
N LYS A 116 -17.73 32.31 22.33
CA LYS A 116 -17.51 30.87 22.39
C LYS A 116 -18.19 30.24 21.18
N VAL A 117 -17.48 29.40 20.42
CA VAL A 117 -18.07 28.77 19.24
C VAL A 117 -17.96 27.27 19.28
N ASN A 118 -18.97 26.62 18.74
CA ASN A 118 -18.91 25.22 18.42
C ASN A 118 -18.44 25.15 16.96
N ARG A 119 -19.34 25.34 16.00
CA ARG A 119 -18.95 25.60 14.61
C ARG A 119 -19.43 26.93 14.16
N MSE A 120 -18.48 27.80 13.80
CA MSE A 120 -18.79 29.06 13.17
C MSE A 120 -18.23 29.11 11.73
O MSE A 120 -17.01 28.97 11.52
CB MSE A 120 -18.28 30.24 13.99
CG MSE A 120 -18.69 31.59 13.38
SE MSE A 120 -17.94 33.10 14.32
CE MSE A 120 -19.40 33.27 15.62
N GLU A 121 -19.12 29.32 10.77
CA GLU A 121 -18.75 29.48 9.36
C GLU A 121 -19.03 30.89 8.85
N ILE A 122 -17.98 31.56 8.40
CA ILE A 122 -18.08 32.90 7.80
C ILE A 122 -17.86 32.81 6.28
N ASN A 123 -18.85 33.27 5.53
CA ASN A 123 -18.79 33.31 4.05
C ASN A 123 -19.00 34.76 3.59
N MSE A 124 -17.98 35.33 2.98
CA MSE A 124 -18.04 36.67 2.41
C MSE A 124 -17.79 36.72 0.89
O MSE A 124 -16.84 36.11 0.39
CB MSE A 124 -17.00 37.52 3.07
CG MSE A 124 -16.48 38.66 2.13
SE MSE A 124 -16.31 40.10 3.30
CE MSE A 124 -17.99 41.07 2.79
N ALA A 125 -18.63 37.46 0.16
CA ALA A 125 -18.36 37.80 -1.23
C ALA A 125 -18.31 39.33 -1.34
N GLY A 126 -17.24 39.84 -1.93
CA GLY A 126 -17.11 41.25 -2.21
C GLY A 126 -15.88 41.95 -1.65
N SER A 127 -15.99 43.27 -1.55
CA SER A 127 -14.92 44.16 -1.22
C SER A 127 -14.92 44.54 0.23
N GLY A 128 -15.93 44.08 0.97
CA GLY A 128 -16.06 44.45 2.40
C GLY A 128 -15.11 43.75 3.37
N ASN A 129 -15.48 43.76 4.64
CA ASN A 129 -14.67 43.14 5.69
C ASN A 129 -15.47 42.50 6.81
N VAL A 130 -14.93 41.40 7.32
CA VAL A 130 -15.40 40.80 8.55
C VAL A 130 -14.25 40.84 9.52
N GLU A 131 -14.52 41.33 10.73
CA GLU A 131 -13.54 41.37 11.81
C GLU A 131 -14.04 40.72 13.07
N LEU A 132 -13.38 39.65 13.47
CA LEU A 132 -13.62 39.01 14.76
C LEU A 132 -12.60 39.61 15.69
N ARG A 133 -12.97 40.70 16.35
CA ARG A 133 -12.03 41.44 17.19
C ARG A 133 -11.89 40.82 18.55
N GLY A 134 -12.94 40.21 19.05
CA GLY A 134 -12.91 39.63 20.38
C GLY A 134 -12.26 38.27 20.36
N PRO A 135 -11.92 37.74 21.53
CA PRO A 135 -11.42 36.38 21.61
C PRO A 135 -12.46 35.37 21.16
N VAL A 136 -12.08 34.53 20.21
CA VAL A 136 -12.94 33.45 19.75
C VAL A 136 -12.30 32.18 20.26
N LYS A 137 -13.09 31.34 20.88
CA LYS A 137 -12.61 30.10 21.46
C LYS A 137 -13.60 29.00 21.21
N GLY A 138 -13.12 27.82 20.84
CA GLY A 138 -14.00 26.69 20.60
C GLY A 138 -13.50 25.66 19.61
N TYR A 139 -14.45 24.95 19.00
CA TYR A 139 -14.12 23.80 18.19
C TYR A 139 -13.66 24.14 16.77
N LYS A 140 -14.52 24.81 16.01
CA LYS A 140 -14.21 25.07 14.61
C LYS A 140 -14.63 26.44 14.11
N LEU A 141 -13.69 27.15 13.48
CA LEU A 141 -13.96 28.36 12.72
C LEU A 141 -13.61 28.14 11.24
N GLU A 142 -14.54 28.50 10.36
CA GLU A 142 -14.29 28.46 8.91
C GLU A 142 -14.49 29.87 8.35
N CYS A 143 -13.48 30.36 7.66
CA CYS A 143 -13.49 31.69 6.99
C CYS A 143 -13.33 31.54 5.49
N ASN A 144 -14.41 31.76 4.76
CA ASN A 144 -14.41 31.62 3.34
C ASN A 144 -14.67 32.94 2.72
N MSE A 145 -13.86 33.29 1.73
CA MSE A 145 -14.16 34.48 0.96
C MSE A 145 -13.86 34.41 -0.55
O MSE A 145 -12.95 33.66 -1.01
CB MSE A 145 -13.52 35.67 1.59
CG MSE A 145 -12.05 35.74 1.51
SE MSE A 145 -11.65 37.68 1.58
CE MSE A 145 -12.33 38.22 -0.18
N ALA A 146 -14.69 35.14 -1.31
CA ALA A 146 -14.49 35.29 -2.73
C ALA A 146 -14.60 36.78 -3.00
N GLY A 147 -13.47 37.38 -3.34
CA GLY A 147 -13.46 38.79 -3.70
C GLY A 147 -12.19 39.45 -3.30
N SER A 148 -12.23 40.78 -3.29
CA SER A 148 -11.09 41.62 -3.01
C SER A 148 -11.06 42.15 -1.58
N GLY A 149 -12.09 41.85 -0.79
CA GLY A 149 -12.11 42.33 0.57
C GLY A 149 -11.26 41.49 1.53
N ASN A 150 -11.60 41.57 2.80
CA ASN A 150 -10.84 40.82 3.80
C ASN A 150 -11.60 40.35 5.03
N ILE A 151 -11.06 39.30 5.63
CA ILE A 151 -11.52 38.76 6.91
C ILE A 151 -10.30 38.76 7.82
N ILE A 152 -10.48 39.24 9.05
CA ILE A 152 -9.43 39.21 10.07
C ILE A 152 -10.01 38.68 11.37
N ALA A 153 -9.35 37.69 11.96
CA ALA A 153 -9.72 37.17 13.28
C ALA A 153 -8.53 37.46 14.16
N LYS A 154 -8.71 38.39 15.09
CA LYS A 154 -7.61 38.91 15.89
C LYS A 154 -7.18 38.08 17.07
N ASP A 155 -7.96 37.10 17.49
CA ASP A 155 -7.64 36.40 18.73
C ASP A 155 -8.43 35.12 18.81
N ILE A 156 -7.86 34.05 18.25
CA ILE A 156 -8.55 32.78 18.17
C ILE A 156 -7.83 31.73 18.99
N GLN A 157 -8.62 30.80 19.50
CA GLN A 157 -8.16 29.63 20.23
C GLN A 157 -9.12 28.51 19.83
N LEU A 158 -8.67 27.68 18.89
CA LEU A 158 -9.53 26.73 18.23
C LEU A 158 -8.90 25.34 18.12
N ASP A 159 -9.75 24.31 18.09
CA ASP A 159 -9.29 22.99 17.70
C ASP A 159 -9.03 22.94 16.20
N ASN A 160 -9.90 23.58 15.43
CA ASN A 160 -9.87 23.53 13.97
C ASN A 160 -10.12 24.86 13.32
N LEU A 161 -9.28 25.21 12.35
CA LEU A 161 -9.46 26.44 11.57
C LEU A 161 -9.37 26.10 10.11
N SER A 162 -10.30 26.62 9.32
CA SER A 162 -10.21 26.45 7.88
C SER A 162 -10.44 27.77 7.18
N CYS A 163 -9.50 28.16 6.32
CA CYS A 163 -9.66 29.37 5.49
C CYS A 163 -9.48 29.10 4.02
N SER A 164 -10.46 29.52 3.22
CA SER A 164 -10.42 29.44 1.77
C SER A 164 -10.69 30.81 1.18
N LEU A 165 -9.79 31.23 0.31
CA LEU A 165 -9.80 32.54 -0.32
C LEU A 165 -9.82 32.33 -1.83
N ALA A 166 -10.86 32.83 -2.49
CA ALA A 166 -10.89 32.89 -3.96
C ALA A 166 -10.67 34.34 -4.32
N SER A 167 -9.90 34.57 -5.37
CA SER A 167 -9.64 35.91 -5.90
C SER A 167 -8.54 36.64 -5.15
N SER A 168 -8.63 37.96 -5.07
CA SER A 168 -7.46 38.80 -4.76
C SER A 168 -7.39 39.33 -3.34
N GLY A 169 -8.37 39.00 -2.51
CA GLY A 169 -8.44 39.53 -1.16
C GLY A 169 -7.42 38.97 -0.16
N GLU A 170 -7.79 39.08 1.11
CA GLU A 170 -6.90 38.79 2.22
C GLU A 170 -7.63 38.22 3.46
N ILE A 171 -7.10 37.13 4.00
CA ILE A 171 -7.55 36.58 5.26
C ILE A 171 -6.36 36.63 6.17
N GLU A 172 -6.59 37.14 7.40
CA GLU A 172 -5.57 37.23 8.43
C GLU A 172 -6.08 36.65 9.75
N VAL A 173 -5.26 35.80 10.37
CA VAL A 173 -5.65 35.07 11.58
C VAL A 173 -4.52 35.09 12.57
N ILE A 174 -4.89 35.34 13.83
CA ILE A 174 -3.94 35.51 14.91
C ILE A 174 -4.45 34.71 16.10
N GLY A 175 -3.58 33.88 16.66
CA GLY A 175 -3.92 33.09 17.84
C GLY A 175 -3.25 31.73 17.87
N THR A 176 -4.03 30.73 18.28
CA THR A 176 -3.58 29.35 18.39
C THR A 176 -4.67 28.42 17.88
N VAL A 177 -4.25 27.38 17.15
N VAL A 177 -4.24 27.38 17.15
CA VAL A 177 -5.16 26.38 16.62
CA VAL A 177 -5.16 26.39 16.61
C VAL A 177 -4.41 25.06 16.60
C VAL A 177 -4.41 25.06 16.60
N ASP A 178 -5.15 23.96 16.77
CA ASP A 178 -4.55 22.64 16.73
C ASP A 178 -4.31 22.26 15.27
N ARG A 179 -5.39 22.19 14.47
CA ARG A 179 -5.28 21.90 13.03
C ARG A 179 -5.82 23.04 12.20
N ALA A 180 -5.05 23.42 11.18
CA ALA A 180 -5.38 24.50 10.28
C ALA A 180 -5.30 24.02 8.83
N SER A 181 -6.22 24.55 8.04
CA SER A 181 -6.23 24.35 6.61
C SER A 181 -6.34 25.74 5.92
N PHE A 182 -5.35 26.10 5.10
CA PHE A 182 -5.29 27.38 4.39
C PHE A 182 -5.25 27.20 2.89
N ASN A 183 -6.21 27.79 2.19
CA ASN A 183 -6.40 27.58 0.77
C ASN A 183 -6.56 28.90 0.05
N VAL A 184 -5.75 29.11 -0.98
CA VAL A 184 -5.87 30.25 -1.86
C VAL A 184 -6.03 29.82 -3.33
N ALA A 185 -7.09 30.30 -3.99
CA ALA A 185 -7.28 30.10 -5.43
C ALA A 185 -7.38 31.48 -6.06
N GLY A 186 -6.25 32.01 -6.50
CA GLY A 186 -6.19 33.35 -7.05
C GLY A 186 -4.94 34.07 -6.56
N SER A 187 -4.97 35.39 -6.62
CA SER A 187 -3.78 36.19 -6.33
C SER A 187 -3.74 36.66 -4.90
N GLY A 188 -4.76 36.33 -4.11
CA GLY A 188 -4.86 36.84 -2.75
C GLY A 188 -3.85 36.24 -1.77
N GLU A 189 -4.06 36.56 -0.50
CA GLU A 189 -3.07 36.24 0.52
C GLU A 189 -3.70 35.84 1.84
N ILE A 190 -3.21 34.73 2.40
CA ILE A 190 -3.52 34.38 3.78
C ILE A 190 -2.31 34.74 4.64
N LYS A 191 -2.57 35.49 5.71
CA LYS A 191 -1.53 35.90 6.63
C LYS A 191 -1.78 35.21 7.96
N ALA A 192 -0.92 34.27 8.28
CA ALA A 192 -1.12 33.45 9.46
C ALA A 192 0.15 33.18 10.22
N PHE A 193 1.14 34.05 10.10
CA PHE A 193 2.39 33.88 10.84
C PHE A 193 2.19 33.94 12.35
N ASP A 194 1.21 34.72 12.85
CA ASP A 194 0.93 34.75 14.31
C ASP A 194 -0.26 33.91 14.69
N CYS A 195 -0.56 32.92 13.86
CA CYS A 195 -1.52 31.92 14.20
C CYS A 195 -0.76 30.63 14.34
N GLN A 196 -0.49 30.23 15.57
CA GLN A 196 0.30 29.04 15.83
C GLN A 196 -0.53 27.77 15.69
N ALA A 197 -0.23 27.02 14.64
CA ALA A 197 -0.85 25.74 14.37
C ALA A 197 0.08 24.61 14.74
N ARG A 198 -0.47 23.52 15.29
CA ARG A 198 0.32 22.31 15.45
C ARG A 198 0.50 21.63 14.08
N LYS A 199 -0.62 21.37 13.40
CA LYS A 199 -0.61 20.84 12.04
C LYS A 199 -1.30 21.81 11.10
N ALA A 200 -0.69 22.05 9.94
CA ALA A 200 -1.29 22.89 8.92
C ALA A 200 -1.14 22.28 7.52
N GLU A 201 -2.19 22.46 6.74
CA GLU A 201 -2.19 22.16 5.30
C GLU A 201 -2.36 23.47 4.53
N CYS A 202 -1.49 23.71 3.57
CA CYS A 202 -1.50 24.93 2.77
C CYS A 202 -1.60 24.58 1.31
N ASN A 203 -2.59 25.12 0.65
CA ASN A 203 -2.81 24.89 -0.77
C ASN A 203 -2.96 26.19 -1.49
N ILE A 204 -2.19 26.34 -2.58
CA ILE A 204 -2.29 27.49 -3.49
C ILE A 204 -2.49 27.06 -4.94
N ALA A 205 -3.49 27.68 -5.57
CA ALA A 205 -3.71 27.58 -6.99
C ALA A 205 -3.50 28.98 -7.58
N SER A 206 -2.55 29.06 -8.50
CA SER A 206 -2.17 30.25 -9.20
C SER A 206 -1.15 31.08 -8.42
N SER A 207 -1.29 32.40 -8.33
CA SER A 207 -0.19 33.29 -7.91
C SER A 207 -0.26 33.81 -6.48
N GLY A 208 -1.18 33.31 -5.69
CA GLY A 208 -1.34 33.78 -4.33
C GLY A 208 -0.25 33.37 -3.35
N GLU A 209 -0.49 33.71 -2.08
CA GLU A 209 0.49 33.61 -1.02
C GLU A 209 -0.10 33.21 0.32
N ILE A 210 0.64 32.37 1.04
CA ILE A 210 0.28 31.99 2.41
C ILE A 210 1.52 32.11 3.29
N SER A 211 1.34 32.75 4.44
CA SER A 211 2.36 32.77 5.50
C SER A 211 1.87 31.96 6.67
N VAL A 212 2.57 30.87 7.00
CA VAL A 212 2.08 29.91 7.97
C VAL A 212 3.10 29.67 9.07
N TYR A 213 2.58 29.37 10.27
CA TYR A 213 3.36 28.96 11.42
C TYR A 213 2.77 27.65 11.90
N ALA A 214 3.52 26.57 11.68
CA ALA A 214 3.13 25.20 12.07
C ALA A 214 4.29 24.65 12.89
N THR A 215 3.97 24.03 14.02
CA THR A 215 5.00 23.54 14.93
C THR A 215 5.35 22.08 14.68
N GLN A 216 4.41 21.26 14.21
CA GLN A 216 4.68 19.84 14.08
C GLN A 216 4.64 19.29 12.64
N ILE A 217 3.56 19.53 11.93
CA ILE A 217 3.37 19.03 10.57
C ILE A 217 2.91 20.17 9.66
N LEU A 218 3.54 20.27 8.50
CA LEU A 218 3.18 21.23 7.46
C LEU A 218 3.12 20.50 6.13
N ASP A 219 1.97 20.60 5.50
CA ASP A 219 1.75 20.01 4.20
C ASP A 219 1.57 21.21 3.25
N ALA A 220 2.56 21.41 2.38
CA ALA A 220 2.71 22.63 1.59
C ALA A 220 2.56 22.30 0.11
N ASN A 221 1.50 22.81 -0.52
CA ASN A 221 1.15 22.47 -1.90
C ASN A 221 0.91 23.71 -2.72
N ILE A 222 1.57 23.78 -3.88
CA ILE A 222 1.43 24.89 -4.81
C ILE A 222 1.30 24.35 -6.21
N VAL A 223 0.27 24.84 -6.89
CA VAL A 223 0.09 24.65 -8.30
C VAL A 223 0.01 26.05 -8.91
N GLY A 224 1.13 26.51 -9.46
CA GLY A 224 1.22 27.86 -10.03
C GLY A 224 2.49 28.59 -9.62
N SER A 225 2.45 29.92 -9.61
CA SER A 225 3.63 30.77 -9.31
C SER A 225 3.62 31.28 -7.88
N GLY A 226 2.60 30.90 -7.11
CA GLY A 226 2.48 31.31 -5.73
C GLY A 226 3.56 30.87 -4.78
N GLU A 227 3.42 31.32 -3.54
CA GLU A 227 4.47 31.12 -2.53
C GLU A 227 3.95 30.84 -1.15
N ILE A 228 4.61 29.90 -0.48
CA ILE A 228 4.35 29.57 0.91
C ILE A 228 5.61 29.94 1.71
N HIS A 229 5.42 30.79 2.71
CA HIS A 229 6.48 31.18 3.63
C HIS A 229 6.09 30.56 4.95
N TYR A 230 7.00 29.84 5.57
CA TYR A 230 6.68 29.22 6.84
C TYR A 230 7.73 29.42 7.91
N LYS A 231 7.24 29.39 9.15
CA LYS A 231 8.09 29.44 10.32
C LYS A 231 7.67 28.33 11.25
N GLY A 232 8.48 28.12 12.28
CA GLY A 232 8.34 26.96 13.13
C GLY A 232 9.31 25.93 12.62
N ASP A 233 9.36 24.78 13.29
CA ASP A 233 10.17 23.66 12.84
C ASP A 233 9.33 22.41 12.65
N PRO A 234 8.27 22.48 11.84
CA PRO A 234 7.51 21.27 11.58
C PRO A 234 8.28 20.35 10.62
N GLU A 235 7.79 19.14 10.42
CA GLU A 235 8.18 18.29 9.30
C GLU A 235 7.30 18.73 8.13
N ILE A 236 7.94 19.16 7.05
CA ILE A 236 7.22 19.69 5.89
C ILE A 236 7.15 18.64 4.81
N SER A 237 5.98 18.48 4.22
CA SER A 237 5.81 17.75 2.95
C SER A 237 5.61 18.79 1.90
N LYS A 238 6.46 18.76 0.88
CA LYS A 238 6.51 19.82 -0.14
C LYS A 238 5.92 19.29 -1.44
N SER A 239 5.14 20.11 -2.12
CA SER A 239 4.68 19.77 -3.45
C SER A 239 4.47 21.02 -4.27
N ILE A 240 5.26 21.18 -5.33
CA ILE A 240 5.17 22.33 -6.21
C ILE A 240 5.10 21.92 -7.69
N MSE A 241 4.04 22.33 -8.37
CA MSE A 241 3.93 22.19 -9.82
C MSE A 241 3.81 23.58 -10.35
O MSE A 241 2.78 24.26 -10.19
CB MSE A 241 2.68 21.37 -10.20
CG MSE A 241 2.70 20.98 -11.63
SE MSE A 241 0.93 20.35 -12.21
CE MSE A 241 1.02 18.60 -11.27
N GLY A 242 4.88 24.07 -10.92
CA GLY A 242 4.92 25.45 -11.43
C GLY A 242 6.17 26.17 -10.98
N SER A 243 6.20 27.47 -11.17
CA SER A 243 7.35 28.34 -10.82
C SER A 243 7.31 28.85 -9.38
N GLY A 244 6.31 28.44 -8.60
CA GLY A 244 6.19 28.88 -7.21
C GLY A 244 7.31 28.38 -6.31
N SER A 245 7.22 28.74 -5.04
CA SER A 245 8.27 28.41 -4.11
C SER A 245 7.84 28.40 -2.67
N ILE A 246 8.60 27.65 -1.89
CA ILE A 246 8.43 27.47 -0.47
C ILE A 246 9.68 28.02 0.19
N ASN A 247 9.52 28.81 1.25
CA ASN A 247 10.68 29.28 2.01
C ASN A 247 10.44 29.37 3.52
N LYS A 248 11.47 29.00 4.27
CA LYS A 248 11.43 28.99 5.72
C LYS A 248 12.00 30.30 6.25
N VAL A 249 11.29 30.93 7.18
CA VAL A 249 11.75 32.18 7.78
C VAL A 249 11.88 31.97 9.29
N LYS A 250 12.72 32.77 9.95
CA LYS A 250 12.83 32.72 11.43
C LYS A 250 11.61 33.39 12.09
N ASP B 4 22.25 31.24 -10.87
CA ASP B 4 21.60 30.07 -10.18
C ASP B 4 20.13 29.82 -10.59
N LYS B 5 19.26 30.84 -10.59
CA LYS B 5 17.82 30.58 -10.81
CA LYS B 5 17.82 30.61 -10.79
C LYS B 5 17.33 30.81 -12.25
N ARG B 6 17.74 31.91 -12.87
CA ARG B 6 17.31 32.23 -14.24
C ARG B 6 18.34 31.73 -15.24
N ILE B 7 17.94 30.96 -16.24
CA ILE B 7 18.88 30.45 -17.23
C ILE B 7 18.40 30.88 -18.63
N ASP B 8 19.23 31.61 -19.35
CA ASP B 8 18.82 32.12 -20.66
C ASP B 8 19.22 31.16 -21.77
N GLY B 9 18.30 30.94 -22.70
CA GLY B 9 18.60 30.19 -23.92
C GLY B 9 19.77 30.77 -24.66
N ASN B 10 20.68 29.91 -25.12
CA ASN B 10 21.88 30.40 -25.77
C ASN B 10 21.67 30.70 -27.23
N GLY B 11 20.45 30.56 -27.70
CA GLY B 11 20.13 30.90 -29.09
C GLY B 11 20.47 29.86 -30.14
N ASN B 12 20.85 28.66 -29.73
CA ASN B 12 21.13 27.58 -30.65
C ASN B 12 20.07 26.49 -30.48
N PRO B 13 19.01 26.53 -31.27
CA PRO B 13 17.95 25.54 -31.02
C PRO B 13 18.33 24.14 -31.40
N GLU B 14 17.99 23.20 -30.52
CA GLU B 14 18.18 21.79 -30.75
C GLU B 14 16.84 21.05 -30.60
N THR B 15 16.60 20.09 -31.51
CA THR B 15 15.45 19.22 -31.49
C THR B 15 15.90 17.83 -31.04
N ARG B 16 15.22 17.28 -30.05
CA ARG B 16 15.43 15.91 -29.62
C ARG B 16 14.11 15.13 -29.62
N GLU B 17 14.12 13.98 -30.26
CA GLU B 17 13.04 13.01 -30.14
C GLU B 17 13.38 12.14 -28.95
N ILE B 18 12.50 12.08 -27.96
CA ILE B 18 12.74 11.38 -26.72
C ILE B 18 11.88 10.12 -26.71
N LYS B 19 12.52 8.99 -26.44
CA LYS B 19 11.81 7.71 -26.39
C LYS B 19 10.90 7.65 -25.18
N ILE B 20 9.63 7.31 -25.42
CA ILE B 20 8.65 7.29 -24.37
C ILE B 20 7.70 6.12 -24.55
N SER B 21 7.17 5.64 -23.44
CA SER B 21 5.99 4.78 -23.41
C SER B 21 4.73 5.62 -23.55
N ASP B 22 3.60 4.92 -23.68
CA ASP B 22 2.31 5.56 -23.77
C ASP B 22 1.94 6.19 -22.43
N TYR B 23 1.18 7.27 -22.49
CA TYR B 23 0.73 7.96 -21.33
C TYR B 23 -0.72 8.35 -21.52
N ASP B 24 -1.43 8.52 -20.40
CA ASP B 24 -2.81 8.98 -20.41
C ASP B 24 -3.02 10.25 -19.65
N GLU B 25 -1.92 10.84 -19.22
CA GLU B 25 -1.93 12.03 -18.43
C GLU B 25 -0.68 12.87 -18.73
N ILE B 26 -0.84 14.19 -18.69
CA ILE B 26 0.29 15.11 -18.95
C ILE B 26 0.45 16.09 -17.81
N THR B 27 1.68 16.26 -17.33
CA THR B 27 2.05 17.35 -16.47
C THR B 27 3.01 18.23 -17.24
N PHE B 28 2.60 19.44 -17.54
CA PHE B 28 3.38 20.35 -18.35
C PHE B 28 3.56 21.67 -17.65
N VAL B 29 4.79 22.03 -17.32
CA VAL B 29 5.05 23.33 -16.70
C VAL B 29 5.98 24.09 -17.61
N GLY B 30 5.61 25.30 -17.96
CA GLY B 30 6.45 26.15 -18.76
C GLY B 30 5.81 26.87 -19.92
N SER B 31 6.67 27.48 -20.74
CA SER B 31 6.25 28.49 -21.71
C SER B 31 6.14 28.00 -23.14
N ALA B 32 6.34 26.71 -23.37
CA ALA B 32 6.38 26.15 -24.72
C ALA B 32 5.06 26.25 -25.47
N ASP B 33 5.12 26.21 -26.81
CA ASP B 33 3.98 25.83 -27.64
C ASP B 33 3.99 24.32 -27.76
N PHE B 34 2.97 23.68 -27.17
CA PHE B 34 2.91 22.24 -27.03
C PHE B 34 1.80 21.86 -27.96
N GLU B 35 2.08 21.05 -28.96
CA GLU B 35 1.06 20.43 -29.78
C GLU B 35 0.84 18.97 -29.45
N TYR B 36 -0.40 18.61 -29.20
CA TYR B 36 -0.72 17.25 -28.77
C TYR B 36 -1.83 16.71 -29.60
N GLU B 37 -1.78 15.42 -29.91
CA GLU B 37 -2.93 14.71 -30.47
C GLU B 37 -3.09 13.34 -29.84
N GLN B 38 -4.33 12.81 -29.85
CA GLN B 38 -4.57 11.39 -29.58
C GLN B 38 -4.29 10.66 -30.86
N SER B 39 -3.67 9.50 -30.75
CA SER B 39 -3.36 8.71 -31.93
C SER B 39 -3.13 7.27 -31.54
N ASP B 40 -3.50 6.35 -32.41
CA ASP B 40 -3.25 4.91 -32.19
CA ASP B 40 -3.25 4.92 -32.15
C ASP B 40 -1.88 4.47 -32.69
N LYS B 41 -1.07 5.41 -33.17
CA LYS B 41 0.30 5.10 -33.49
C LYS B 41 1.15 5.00 -32.24
N ALA B 42 2.39 4.62 -32.43
CA ALA B 42 3.34 4.59 -31.36
C ALA B 42 3.38 5.95 -30.66
N PRO B 43 3.53 5.92 -29.36
CA PRO B 43 3.72 7.17 -28.63
C PRO B 43 4.98 7.91 -29.10
N TYR B 44 4.90 9.23 -29.13
CA TYR B 44 5.95 10.04 -29.69
C TYR B 44 6.14 11.31 -28.87
N LEU B 45 7.41 11.70 -28.68
CA LEU B 45 7.75 12.98 -28.09
C LEU B 45 8.92 13.62 -28.80
N SER B 46 8.76 14.89 -29.13
CA SER B 46 9.82 15.69 -29.68
C SER B 46 9.81 17.05 -29.02
N VAL B 47 10.98 17.52 -28.61
CA VAL B 47 11.15 18.80 -27.94
C VAL B 47 12.24 19.58 -28.65
N THR B 48 11.98 20.86 -28.89
CA THR B 48 12.93 21.80 -29.49
C THR B 48 13.08 22.97 -28.57
N ILE B 49 14.30 23.18 -28.11
CA ILE B 49 14.60 24.25 -27.19
C ILE B 49 16.10 24.61 -27.34
N ASP B 50 16.50 25.81 -26.93
CA ASP B 50 17.94 26.15 -26.92
C ASP B 50 18.71 25.00 -26.31
N GLU B 51 19.77 24.59 -26.98
CA GLU B 51 20.54 23.42 -26.61
C GLU B 51 20.96 23.39 -25.15
N ASN B 52 21.31 24.54 -24.59
CA ASN B 52 21.78 24.60 -23.21
C ASN B 52 20.67 24.41 -22.19
N LEU B 53 19.40 24.51 -22.57
CA LEU B 53 18.29 24.41 -21.59
C LEU B 53 17.81 22.97 -21.33
N PHE B 54 18.18 22.01 -22.21
CA PHE B 54 17.87 20.58 -21.93
C PHE B 54 18.35 20.09 -20.59
N ASP B 55 19.54 20.51 -20.19
CA ASP B 55 20.10 20.11 -18.91
C ASP B 55 19.25 20.56 -17.70
N TYR B 56 18.40 21.55 -17.90
CA TYR B 56 17.57 22.12 -16.85
C TYR B 56 16.10 21.68 -16.93
N LEU B 57 15.83 20.65 -17.74
CA LEU B 57 14.45 20.26 -18.08
C LEU B 57 14.24 18.78 -17.81
N VAL B 58 13.11 18.43 -17.23
CA VAL B 58 12.71 17.05 -17.11
C VAL B 58 11.77 16.79 -18.27
N THR B 59 12.02 15.70 -18.99
CA THR B 59 11.18 15.30 -20.12
C THR B 59 11.13 13.78 -20.12
N GLU B 60 10.09 13.21 -19.56
CA GLU B 60 9.96 11.74 -19.51
C GLU B 60 8.53 11.26 -19.24
N VAL B 61 8.31 9.98 -19.53
CA VAL B 61 7.07 9.34 -19.16
C VAL B 61 7.35 8.45 -17.97
N GLU B 62 6.56 8.61 -16.93
CA GLU B 62 6.68 7.79 -15.75
C GLU B 62 5.29 7.54 -15.19
N GLY B 63 5.01 6.28 -14.93
CA GLY B 63 3.70 5.90 -14.38
C GLY B 63 2.56 6.26 -15.31
N GLY B 64 2.77 6.10 -16.59
CA GLY B 64 1.79 6.54 -17.58
C GLY B 64 1.50 8.04 -17.63
N THR B 65 2.41 8.87 -17.12
CA THR B 65 2.26 10.32 -17.18
C THR B 65 3.44 10.97 -17.86
N LEU B 66 3.17 11.78 -18.89
CA LEU B 66 4.22 12.55 -19.54
C LEU B 66 4.48 13.76 -18.67
N LYS B 67 5.74 13.93 -18.27
CA LYS B 67 6.17 15.01 -17.41
C LYS B 67 7.22 15.85 -18.09
N ILE B 68 6.90 17.13 -18.27
CA ILE B 68 7.79 18.10 -18.87
C ILE B 68 7.75 19.32 -18.00
N TYR B 69 8.86 19.61 -17.33
CA TYR B 69 8.91 20.76 -16.44
C TYR B 69 10.34 21.13 -16.12
N PRO B 70 10.58 22.39 -15.74
CA PRO B 70 11.93 22.70 -15.32
C PRO B 70 12.30 22.02 -14.02
N LYS B 71 13.57 21.61 -13.94
CA LYS B 71 14.11 20.99 -12.74
C LYS B 71 14.12 21.89 -11.51
N SER B 72 14.11 21.23 -10.36
CA SER B 72 14.36 21.90 -9.10
C SER B 72 15.77 22.44 -9.10
N ILE B 73 15.96 23.58 -8.45
CA ILE B 73 17.30 24.16 -8.39
C ILE B 73 18.21 23.21 -7.63
N LYS B 74 19.34 22.91 -8.24
CA LYS B 74 20.37 22.06 -7.66
C LYS B 74 20.72 22.55 -6.25
N LYS B 75 20.56 21.67 -5.27
CA LYS B 75 20.84 21.97 -3.89
C LYS B 75 19.91 23.02 -3.33
N GLY B 76 18.73 23.18 -3.90
CA GLY B 76 17.74 24.07 -3.32
C GLY B 76 16.62 23.35 -2.61
N PHE B 77 16.76 22.04 -2.44
CA PHE B 77 15.88 21.21 -1.62
C PHE B 77 14.47 21.11 -2.14
N ASN B 78 14.33 21.18 -3.46
CA ASN B 78 13.04 21.27 -4.13
C ASN B 78 12.14 22.40 -3.61
N ASN B 79 12.72 23.46 -3.07
CA ASN B 79 11.94 24.65 -2.71
C ASN B 79 11.58 25.58 -3.89
N ASN B 80 12.20 25.35 -5.04
CA ASN B 80 11.99 26.14 -6.25
C ASN B 80 12.67 25.50 -7.42
N SER B 81 12.33 25.98 -8.60
CA SER B 81 12.83 25.40 -9.82
C SER B 81 13.44 26.50 -10.67
N TYR B 82 14.18 26.09 -11.70
CA TYR B 82 14.83 27.05 -12.61
C TYR B 82 13.81 27.85 -13.38
N ASP B 83 14.14 29.11 -13.62
CA ASP B 83 13.41 30.06 -14.45
C ASP B 83 14.09 30.12 -15.82
N LEU B 84 13.52 29.38 -16.77
CA LEU B 84 14.17 29.18 -18.08
C LEU B 84 13.65 30.24 -19.04
N ARG B 85 14.55 30.82 -19.83
CA ARG B 85 14.16 31.87 -20.80
C ARG B 85 14.59 31.46 -22.20
N PRO B 86 13.87 30.50 -22.82
CA PRO B 86 14.28 29.99 -24.15
C PRO B 86 14.05 31.01 -25.21
N THR B 87 14.77 30.94 -26.32
CA THR B 87 14.49 31.78 -27.48
C THR B 87 13.50 31.05 -28.38
N VAL B 88 13.38 29.75 -28.23
CA VAL B 88 12.53 28.89 -29.05
C VAL B 88 12.16 27.73 -28.09
N TYR B 89 10.88 27.36 -28.03
CA TYR B 89 10.47 26.23 -27.21
C TYR B 89 9.18 25.64 -27.75
N LYS B 90 9.33 24.49 -28.39
CA LYS B 90 8.24 23.78 -29.04
C LYS B 90 8.25 22.33 -28.58
N ILE B 91 7.07 21.79 -28.39
CA ILE B 91 6.88 20.41 -28.02
C ILE B 91 5.81 19.82 -28.93
N LYS B 92 6.06 18.60 -29.42
CA LYS B 92 5.09 17.82 -30.18
CA LYS B 92 5.06 17.84 -30.16
C LYS B 92 4.98 16.44 -29.56
N SER B 93 3.77 15.98 -29.25
CA SER B 93 3.62 14.64 -28.67
C SER B 93 2.26 14.06 -29.01
N ASN B 94 2.19 12.73 -28.94
CA ASN B 94 0.96 11.99 -29.05
C ASN B 94 0.95 10.74 -28.14
N SER B 95 -0.25 10.34 -27.72
CA SER B 95 -0.44 9.11 -26.96
C SER B 95 -1.81 8.57 -27.38
N LYS B 96 -2.21 7.41 -26.89
CA LYS B 96 -3.48 6.85 -27.33
C LYS B 96 -4.66 7.67 -26.78
N GLU B 97 -4.52 8.25 -25.60
CA GLU B 97 -5.65 8.94 -24.98
C GLU B 97 -5.14 9.95 -23.97
N LEU B 98 -5.83 11.09 -23.85
CA LEU B 98 -5.50 12.04 -22.81
C LEU B 98 -6.69 12.18 -21.87
N LYS B 99 -6.58 11.57 -20.69
CA LYS B 99 -7.61 11.66 -19.64
C LYS B 99 -7.48 12.91 -18.84
N GLU B 100 -6.24 13.33 -18.61
CA GLU B 100 -6.00 14.49 -17.81
C GLU B 100 -4.75 15.27 -18.19
N LEU B 101 -4.92 16.57 -18.35
CA LEU B 101 -3.88 17.53 -18.58
C LEU B 101 -3.79 18.43 -17.36
N ASN B 102 -2.58 18.58 -16.86
CA ASN B 102 -2.24 19.57 -15.88
C ASN B 102 -1.16 20.45 -16.46
N THR B 103 -1.52 21.70 -16.76
CA THR B 103 -0.63 22.63 -17.38
C THR B 103 -0.53 23.89 -16.52
N VAL B 104 0.70 24.38 -16.35
CA VAL B 104 0.99 25.50 -15.48
C VAL B 104 2.02 26.39 -16.15
N GLY B 105 1.70 27.65 -16.31
CA GLY B 105 2.63 28.57 -16.91
C GLY B 105 2.00 29.48 -17.94
N SER B 106 2.85 30.03 -18.79
CA SER B 106 2.46 30.98 -19.78
C SER B 106 2.42 30.36 -21.16
N GLY B 107 2.57 29.05 -21.21
CA GLY B 107 2.61 28.36 -22.49
C GLY B 107 1.26 28.16 -23.13
N SER B 108 1.30 27.44 -24.22
CA SER B 108 0.16 27.23 -25.02
C SER B 108 0.06 25.77 -25.41
N PHE B 109 -1.07 25.13 -25.06
CA PHE B 109 -1.28 23.72 -25.31
C PHE B 109 -2.42 23.58 -26.32
N ILE B 110 -2.14 22.99 -27.49
CA ILE B 110 -3.08 22.95 -28.61
C ILE B 110 -3.34 21.55 -29.11
N ILE B 111 -4.62 21.21 -29.26
CA ILE B 111 -5.06 19.96 -29.92
C ILE B 111 -5.82 20.38 -31.16
N SER B 112 -5.41 19.87 -32.31
CA SER B 112 -5.99 20.30 -33.58
C SER B 112 -6.79 19.29 -34.36
N LYS B 113 -6.59 18.02 -34.13
CA LYS B 113 -7.31 17.01 -34.86
C LYS B 113 -8.61 16.63 -34.19
N PRO B 114 -9.51 16.00 -34.96
CA PRO B 114 -10.73 15.49 -34.39
C PRO B 114 -10.39 14.56 -33.26
N THR B 115 -10.96 14.79 -32.09
CA THR B 115 -10.59 14.06 -30.89
C THR B 115 -11.84 13.39 -30.28
N LYS B 116 -11.76 12.09 -30.07
CA LYS B 116 -12.82 11.34 -29.49
C LYS B 116 -12.47 11.10 -28.04
N VAL B 117 -13.37 11.48 -27.11
CA VAL B 117 -13.08 11.38 -25.68
C VAL B 117 -14.15 10.55 -24.93
N ASN B 118 -13.70 9.85 -23.92
CA ASN B 118 -14.55 9.32 -22.87
C ASN B 118 -14.73 10.44 -21.85
N ARG B 119 -13.80 10.54 -20.91
CA ARG B 119 -13.69 11.70 -20.01
C ARG B 119 -12.36 12.39 -20.20
N MSE B 120 -12.36 13.65 -20.59
CA MSE B 120 -11.12 14.42 -20.66
C MSE B 120 -11.20 15.59 -19.66
O MSE B 120 -12.17 16.36 -19.69
CB MSE B 120 -10.89 14.94 -22.07
CG MSE B 120 -9.66 15.90 -22.19
SE MSE B 120 -9.52 16.66 -24.00
CE MSE B 120 -8.61 15.15 -24.78
N GLU B 121 -10.17 15.71 -18.82
CA GLU B 121 -10.08 16.78 -17.86
C GLU B 121 -8.85 17.66 -18.09
N ILE B 122 -9.10 18.95 -18.23
CA ILE B 122 -8.08 19.97 -18.44
C ILE B 122 -7.97 20.87 -17.24
N ASN B 123 -6.80 20.88 -16.63
CA ASN B 123 -6.48 21.73 -15.48
C ASN B 123 -5.34 22.71 -15.83
N MSE B 124 -5.64 23.99 -15.80
CA MSE B 124 -4.64 25.01 -16.06
C MSE B 124 -4.50 26.00 -14.91
O MSE B 124 -5.50 26.46 -14.34
CB MSE B 124 -4.99 25.78 -17.30
CG MSE B 124 -4.39 27.21 -17.29
SE MSE B 124 -3.87 27.59 -19.08
CE MSE B 124 -1.91 27.32 -18.85
N ALA B 125 -3.25 26.34 -14.59
CA ALA B 125 -2.95 27.39 -13.67
C ALA B 125 -1.98 28.37 -14.37
N GLY B 126 -2.24 29.65 -14.27
CA GLY B 126 -1.38 30.66 -14.88
C GLY B 126 -2.00 31.50 -15.98
N SER B 127 -1.15 32.10 -16.80
CA SER B 127 -1.52 33.09 -17.78
C SER B 127 -1.52 32.54 -19.19
N GLY B 128 -1.24 31.26 -19.34
CA GLY B 128 -1.18 30.65 -20.66
C GLY B 128 -2.55 30.29 -21.26
N ASN B 129 -2.53 29.42 -22.23
CA ASN B 129 -3.76 29.00 -22.87
C ASN B 129 -3.80 27.54 -23.28
N VAL B 130 -5.02 27.01 -23.33
CA VAL B 130 -5.30 25.70 -23.87
C VAL B 130 -6.34 25.95 -24.94
N GLU B 131 -6.06 25.44 -26.14
CA GLU B 131 -7.01 25.45 -27.23
C GLU B 131 -7.28 24.09 -27.80
N LEU B 132 -8.54 23.67 -27.73
CA LEU B 132 -9.00 22.50 -28.40
C LEU B 132 -9.64 22.98 -29.67
N ARG B 133 -8.85 22.92 -30.72
CA ARG B 133 -9.25 23.52 -31.97
C ARG B 133 -10.05 22.59 -32.79
N GLY B 134 -9.70 21.33 -32.78
CA GLY B 134 -10.44 20.36 -33.54
C GLY B 134 -11.71 19.91 -32.83
N PRO B 135 -12.58 19.23 -33.56
CA PRO B 135 -13.85 18.72 -33.02
C PRO B 135 -13.61 17.71 -31.90
N VAL B 136 -14.18 17.97 -30.74
CA VAL B 136 -14.04 17.08 -29.59
C VAL B 136 -15.40 16.49 -29.39
N LYS B 137 -15.49 15.17 -29.36
CA LYS B 137 -16.76 14.49 -29.28
C LYS B 137 -16.69 13.38 -28.27
N GLY B 138 -17.68 13.27 -27.41
CA GLY B 138 -17.76 12.18 -26.46
C GLY B 138 -18.57 12.43 -25.20
N TYR B 139 -18.21 11.69 -24.15
CA TYR B 139 -18.99 11.63 -22.95
C TYR B 139 -18.87 12.88 -22.08
N LYS B 140 -17.65 13.25 -21.72
CA LYS B 140 -17.43 14.38 -20.84
C LYS B 140 -16.11 15.16 -21.01
N LEU B 141 -16.24 16.48 -21.01
CA LEU B 141 -15.09 17.37 -20.92
C LEU B 141 -15.21 18.23 -19.65
N GLU B 142 -14.11 18.35 -18.95
CA GLU B 142 -14.02 19.21 -17.82
C GLU B 142 -12.84 20.20 -18.05
N CYS B 143 -13.12 21.51 -18.03
CA CYS B 143 -12.15 22.60 -18.18
C CYS B 143 -12.06 23.40 -16.91
N ASN B 144 -10.94 23.28 -16.19
CA ASN B 144 -10.72 23.97 -14.93
C ASN B 144 -9.52 24.89 -15.03
N MSE B 145 -9.71 26.13 -14.60
CA MSE B 145 -8.56 26.98 -14.47
C MSE B 145 -8.55 27.95 -13.29
O MSE B 145 -9.61 28.32 -12.77
CB MSE B 145 -8.34 27.72 -15.72
CG MSE B 145 -9.47 28.48 -16.20
SE MSE B 145 -8.62 29.92 -17.25
CE MSE B 145 -6.86 29.12 -17.72
N ALA B 146 -7.30 28.25 -12.89
CA ALA B 146 -7.02 29.22 -11.88
C ALA B 146 -5.94 30.13 -12.43
N GLY B 147 -6.26 31.41 -12.64
CA GLY B 147 -5.30 32.33 -13.22
C GLY B 147 -5.95 33.25 -14.20
N SER B 148 -5.12 33.97 -14.93
CA SER B 148 -5.53 35.04 -15.82
C SER B 148 -5.53 34.62 -17.26
N GLY B 149 -5.11 33.41 -17.54
CA GLY B 149 -5.12 32.89 -18.91
C GLY B 149 -6.48 32.43 -19.41
N ASN B 150 -6.46 31.58 -20.44
CA ASN B 150 -7.69 31.12 -21.03
C ASN B 150 -7.67 29.72 -21.62
N ILE B 151 -8.87 29.16 -21.70
CA ILE B 151 -9.15 27.88 -22.33
C ILE B 151 -10.24 28.15 -23.32
N ILE B 152 -10.05 27.68 -24.54
CA ILE B 152 -11.06 27.72 -25.55
C ILE B 152 -11.24 26.36 -26.16
N ALA B 153 -12.50 25.93 -26.27
CA ALA B 153 -12.80 24.70 -26.97
C ALA B 153 -13.70 25.15 -28.11
N LYS B 154 -13.23 24.99 -29.35
CA LYS B 154 -13.89 25.58 -30.52
C LYS B 154 -15.01 24.77 -31.12
N ASP B 155 -15.10 23.49 -30.79
CA ASP B 155 -16.05 22.60 -31.46
C ASP B 155 -16.31 21.33 -30.63
N ILE B 156 -17.24 21.44 -29.69
CA ILE B 156 -17.51 20.33 -28.80
C ILE B 156 -18.90 19.73 -29.09
N GLN B 157 -18.98 18.42 -28.86
CA GLN B 157 -20.23 17.69 -28.91
C GLN B 157 -20.18 16.65 -27.82
N LEU B 158 -20.89 16.91 -26.72
CA LEU B 158 -20.66 16.19 -25.44
C LEU B 158 -21.93 15.88 -24.70
N ASP B 159 -21.94 14.77 -23.97
CA ASP B 159 -23.01 14.50 -23.05
C ASP B 159 -22.91 15.45 -21.86
N ASN B 160 -21.71 15.68 -21.35
CA ASN B 160 -21.47 16.50 -20.19
C ASN B 160 -20.29 17.45 -20.40
N LEU B 161 -20.46 18.72 -19.96
CA LEU B 161 -19.42 19.71 -19.93
C LEU B 161 -19.39 20.33 -18.54
N SER B 162 -18.23 20.40 -17.92
CA SER B 162 -18.08 21.15 -16.68
C SER B 162 -16.90 22.15 -16.79
N CYS B 163 -17.16 23.42 -16.53
CA CYS B 163 -16.13 24.48 -16.54
C CYS B 163 -16.13 25.21 -15.24
N SER B 164 -14.95 25.27 -14.62
CA SER B 164 -14.73 25.98 -13.38
C SER B 164 -13.56 26.92 -13.50
N LEU B 165 -13.83 28.20 -13.21
CA LEU B 165 -12.86 29.28 -13.35
C LEU B 165 -12.68 29.94 -12.03
N ALA B 166 -11.45 29.97 -11.55
CA ALA B 166 -11.07 30.79 -10.40
C ALA B 166 -10.16 31.89 -10.93
N SER B 167 -10.30 33.07 -10.36
CA SER B 167 -9.56 34.26 -10.70
C SER B 167 -10.10 34.96 -11.95
N SER B 168 -9.24 35.65 -12.69
CA SER B 168 -9.66 36.68 -13.62
C SER B 168 -9.67 36.28 -15.09
N GLY B 169 -9.33 35.05 -15.38
CA GLY B 169 -9.21 34.56 -16.76
C GLY B 169 -10.53 34.30 -17.48
N GLU B 170 -10.47 33.42 -18.46
CA GLU B 170 -11.58 33.22 -19.40
C GLU B 170 -11.66 31.80 -19.94
N ILE B 171 -12.88 31.24 -19.97
CA ILE B 171 -13.17 29.98 -20.65
C ILE B 171 -14.24 30.26 -21.68
N GLU B 172 -13.99 29.80 -22.90
CA GLU B 172 -14.88 29.95 -24.01
C GLU B 172 -15.16 28.60 -24.68
N VAL B 173 -16.44 28.27 -24.87
CA VAL B 173 -16.83 26.93 -25.37
C VAL B 173 -17.90 27.09 -26.42
N ILE B 174 -17.71 26.34 -27.50
CA ILE B 174 -18.53 26.42 -28.67
C ILE B 174 -18.90 25.00 -29.08
N GLY B 175 -20.19 24.79 -29.27
CA GLY B 175 -20.71 23.50 -29.76
C GLY B 175 -22.09 23.18 -29.19
N THR B 176 -22.28 21.90 -28.89
CA THR B 176 -23.53 21.37 -28.36
CA THR B 176 -23.52 21.42 -28.31
C THR B 176 -23.21 20.44 -27.19
N VAL B 177 -23.97 20.53 -26.12
CA VAL B 177 -23.82 19.65 -24.97
C VAL B 177 -25.21 19.35 -24.39
N ASP B 178 -25.35 18.19 -23.79
CA ASP B 178 -26.60 17.89 -23.13
C ASP B 178 -26.69 18.60 -21.73
N ARG B 179 -25.73 18.33 -20.85
CA ARG B 179 -25.69 18.93 -19.50
CA ARG B 179 -25.68 18.93 -19.50
C ARG B 179 -24.40 19.75 -19.36
N ALA B 180 -24.54 21.00 -18.93
CA ALA B 180 -23.43 21.91 -18.70
C ALA B 180 -23.43 22.39 -17.24
N SER B 181 -22.24 22.56 -16.69
CA SER B 181 -22.07 23.22 -15.43
C SER B 181 -20.98 24.29 -15.57
N PHE B 182 -21.31 25.55 -15.28
CA PHE B 182 -20.39 26.68 -15.43
C PHE B 182 -20.21 27.39 -14.11
N ASN B 183 -18.97 27.51 -13.63
CA ASN B 183 -18.68 28.11 -12.33
C ASN B 183 -17.55 29.12 -12.39
N VAL B 184 -17.78 30.29 -11.84
CA VAL B 184 -16.78 31.34 -11.75
C VAL B 184 -16.64 31.77 -10.30
N ALA B 185 -15.41 31.79 -9.79
CA ALA B 185 -15.12 32.30 -8.44
C ALA B 185 -14.06 33.35 -8.63
N GLY B 186 -14.49 34.58 -8.81
CA GLY B 186 -13.54 35.63 -9.18
C GLY B 186 -14.17 36.57 -10.17
N SER B 187 -13.32 37.30 -10.84
CA SER B 187 -13.72 38.38 -11.72
C SER B 187 -13.74 37.91 -13.16
N GLY B 188 -13.36 36.68 -13.42
CA GLY B 188 -13.31 36.18 -14.78
C GLY B 188 -14.65 35.90 -15.46
N GLU B 189 -14.55 35.31 -16.64
CA GLU B 189 -15.68 35.16 -17.53
C GLU B 189 -15.76 33.78 -18.21
N ILE B 190 -16.97 33.23 -18.26
CA ILE B 190 -17.24 32.07 -19.14
C ILE B 190 -18.11 32.53 -20.28
N LYS B 191 -17.65 32.25 -21.48
CA LYS B 191 -18.35 32.58 -22.71
C LYS B 191 -18.89 31.31 -23.33
N ALA B 192 -20.21 31.13 -23.25
CA ALA B 192 -20.86 29.92 -23.78
C ALA B 192 -22.14 30.20 -24.53
N PHE B 193 -22.31 31.41 -25.04
CA PHE B 193 -23.52 31.74 -25.84
C PHE B 193 -23.64 30.86 -27.05
N ASP B 194 -22.50 30.34 -27.50
CA ASP B 194 -22.48 29.45 -28.64
C ASP B 194 -22.29 27.98 -28.35
N CYS B 195 -22.50 27.64 -27.10
CA CYS B 195 -22.50 26.27 -26.69
C CYS B 195 -23.95 25.96 -26.34
N GLN B 196 -24.68 25.30 -27.23
CA GLN B 196 -26.06 25.01 -26.95
C GLN B 196 -26.22 23.86 -25.96
N ALA B 197 -26.66 24.15 -24.75
CA ALA B 197 -26.90 23.15 -23.71
C ALA B 197 -28.39 22.87 -23.59
N ARG B 198 -28.75 21.63 -23.28
CA ARG B 198 -30.14 21.35 -22.92
C ARG B 198 -30.46 21.82 -21.47
N LYS B 199 -29.63 21.40 -20.52
CA LYS B 199 -29.72 21.79 -19.11
C LYS B 199 -28.38 22.44 -18.74
N ALA B 200 -28.44 23.58 -18.09
CA ALA B 200 -27.24 24.24 -17.58
C ALA B 200 -27.43 24.73 -16.14
N GLU B 201 -26.37 24.55 -15.37
CA GLU B 201 -26.23 25.14 -14.06
C GLU B 201 -25.08 26.15 -14.09
N CYS B 202 -25.34 27.36 -13.59
CA CYS B 202 -24.41 28.49 -13.58
C CYS B 202 -24.28 29.05 -12.18
N ASN B 203 -23.05 29.10 -11.66
CA ASN B 203 -22.75 29.63 -10.36
C ASN B 203 -21.65 30.67 -10.44
N ILE B 204 -21.92 31.86 -9.91
CA ILE B 204 -20.92 32.91 -9.74
C ILE B 204 -20.75 33.27 -8.27
N ALA B 205 -19.49 33.28 -7.85
CA ALA B 205 -19.06 33.86 -6.60
C ALA B 205 -18.22 35.13 -6.92
N SER B 206 -18.61 36.24 -6.31
CA SER B 206 -18.07 37.60 -6.54
C SER B 206 -18.46 38.19 -7.89
N SER B 207 -17.53 38.76 -8.66
CA SER B 207 -17.91 39.72 -9.74
C SER B 207 -17.84 39.20 -11.18
N GLY B 208 -17.57 37.92 -11.35
CA GLY B 208 -17.50 37.36 -12.70
C GLY B 208 -18.80 37.30 -13.49
N GLU B 209 -18.68 36.76 -14.70
CA GLU B 209 -19.77 36.69 -15.64
C GLU B 209 -19.81 35.37 -16.36
N ILE B 210 -21.05 34.96 -16.68
CA ILE B 210 -21.30 33.81 -17.50
C ILE B 210 -22.33 34.18 -18.56
N SER B 211 -22.04 33.83 -19.80
CA SER B 211 -22.95 33.90 -20.88
C SER B 211 -23.32 32.50 -21.25
N VAL B 212 -24.62 32.18 -21.13
CA VAL B 212 -25.07 30.79 -21.28
C VAL B 212 -26.23 30.69 -22.25
N TYR B 213 -26.27 29.57 -22.96
CA TYR B 213 -27.36 29.20 -23.85
C TYR B 213 -27.91 27.84 -23.39
N ALA B 214 -29.13 27.85 -22.86
CA ALA B 214 -29.77 26.63 -22.33
C ALA B 214 -31.14 26.56 -22.95
N THR B 215 -31.50 25.40 -23.45
CA THR B 215 -32.75 25.29 -24.16
C THR B 215 -33.89 24.80 -23.27
N GLN B 216 -33.62 23.95 -22.31
CA GLN B 216 -34.71 23.39 -21.54
C GLN B 216 -34.74 23.87 -20.09
N ILE B 217 -33.61 23.81 -19.43
CA ILE B 217 -33.52 24.08 -18.00
C ILE B 217 -32.25 24.90 -17.70
N LEU B 218 -32.43 25.99 -16.96
CA LEU B 218 -31.31 26.78 -16.50
C LEU B 218 -31.43 27.07 -15.01
N ASP B 219 -30.38 26.74 -14.29
CA ASP B 219 -30.29 26.97 -12.83
C ASP B 219 -29.21 28.02 -12.66
N ALA B 220 -29.60 29.22 -12.25
CA ALA B 220 -28.76 30.42 -12.29
C ALA B 220 -28.55 30.96 -10.86
N ASN B 221 -27.31 30.95 -10.39
CA ASN B 221 -26.99 31.30 -9.01
C ASN B 221 -25.85 32.28 -8.94
N ILE B 222 -26.07 33.40 -8.25
CA ILE B 222 -25.04 34.43 -8.08
C ILE B 222 -24.97 34.72 -6.59
N VAL B 223 -23.75 34.69 -6.06
CA VAL B 223 -23.42 35.29 -4.77
C VAL B 223 -22.35 36.39 -5.01
N GLY B 224 -22.75 37.65 -5.01
CA GLY B 224 -21.86 38.77 -5.32
C GLY B 224 -22.49 39.73 -6.31
N SER B 225 -21.65 40.44 -7.04
CA SER B 225 -22.05 41.45 -7.98
C SER B 225 -22.02 40.96 -9.44
N GLY B 226 -21.67 39.69 -9.64
CA GLY B 226 -21.57 39.12 -10.97
C GLY B 226 -22.90 39.03 -11.72
N GLU B 227 -22.80 38.58 -12.96
CA GLU B 227 -23.90 38.63 -13.91
C GLU B 227 -23.98 37.38 -14.74
N ILE B 228 -25.21 36.90 -14.94
CA ILE B 228 -25.51 35.80 -15.83
C ILE B 228 -26.41 36.35 -16.95
N HIS B 229 -25.94 36.19 -18.19
CA HIS B 229 -26.68 36.57 -19.39
C HIS B 229 -27.06 35.26 -20.07
N TYR B 230 -28.35 35.05 -20.34
CA TYR B 230 -28.76 33.83 -20.95
C TYR B 230 -29.62 34.02 -22.20
N LYS B 231 -29.49 33.06 -23.10
CA LYS B 231 -30.32 33.01 -24.29
C LYS B 231 -30.94 31.64 -24.37
N GLY B 232 -31.90 31.49 -25.27
CA GLY B 232 -32.73 30.30 -25.31
C GLY B 232 -34.01 30.60 -24.52
N ASP B 233 -34.92 29.65 -24.49
CA ASP B 233 -36.13 29.77 -23.69
C ASP B 233 -36.25 28.64 -22.67
N PRO B 234 -35.28 28.51 -21.78
CA PRO B 234 -35.45 27.46 -20.78
C PRO B 234 -36.38 27.94 -19.67
N GLU B 235 -36.72 27.01 -18.79
CA GLU B 235 -37.29 27.31 -17.49
C GLU B 235 -36.12 27.65 -16.59
N ILE B 236 -36.09 28.88 -16.08
CA ILE B 236 -35.02 29.33 -15.24
C ILE B 236 -35.39 29.28 -13.74
N SER B 237 -34.44 28.82 -12.94
CA SER B 237 -34.48 28.96 -11.46
C SER B 237 -33.43 29.96 -11.08
N LYS B 238 -33.86 30.98 -10.37
CA LYS B 238 -33.06 32.15 -10.10
C LYS B 238 -32.66 32.23 -8.62
N SER B 239 -31.40 32.58 -8.36
CA SER B 239 -30.99 32.83 -7.01
C SER B 239 -29.88 33.85 -7.02
N ILE B 240 -30.15 35.05 -6.51
CA ILE B 240 -29.15 36.12 -6.40
C ILE B 240 -29.03 36.55 -4.93
N MSE B 241 -27.82 36.50 -4.39
CA MSE B 241 -27.52 37.10 -3.11
C MSE B 241 -26.42 38.13 -3.36
O MSE B 241 -25.27 37.78 -3.55
CB MSE B 241 -27.05 36.06 -2.10
CG MSE B 241 -26.88 36.65 -0.73
SE MSE B 241 -25.95 35.46 0.51
CE MSE B 241 -27.34 34.05 0.58
N GLY B 242 -26.79 39.42 -3.38
CA GLY B 242 -25.88 40.50 -3.74
C GLY B 242 -26.50 41.44 -4.76
N SER B 243 -25.67 42.31 -5.31
CA SER B 243 -26.04 43.31 -6.30
C SER B 243 -26.00 42.78 -7.74
N GLY B 244 -25.66 41.50 -7.90
CA GLY B 244 -25.58 40.89 -9.22
C GLY B 244 -26.92 40.84 -9.96
N SER B 245 -26.87 40.37 -11.19
CA SER B 245 -28.11 40.26 -11.97
C SER B 245 -28.10 39.22 -13.02
N ILE B 246 -29.31 38.92 -13.42
CA ILE B 246 -29.58 37.96 -14.43
C ILE B 246 -30.34 38.69 -15.52
N ASN B 247 -30.00 38.41 -16.78
CA ASN B 247 -30.70 38.99 -17.92
C ASN B 247 -30.76 38.05 -19.13
N LYS B 248 -31.90 38.09 -19.78
CA LYS B 248 -32.17 37.26 -20.91
C LYS B 248 -31.90 38.12 -22.12
N VAL B 249 -31.22 37.55 -23.10
CA VAL B 249 -30.92 38.23 -24.34
C VAL B 249 -31.45 37.42 -25.51
N LYS B 250 -31.66 38.11 -26.62
CA LYS B 250 -32.11 37.45 -27.85
C LYS B 250 -30.93 36.69 -28.45
N ASP C 4 33.78 17.43 2.29
CA ASP C 4 33.32 16.41 1.30
C ASP C 4 32.77 15.13 1.94
N LYS C 5 33.12 14.82 3.20
CA LYS C 5 32.69 13.53 3.79
CA LYS C 5 32.75 13.54 3.82
C LYS C 5 31.57 13.67 4.81
N ARG C 6 31.67 14.65 5.72
CA ARG C 6 30.65 14.85 6.74
C ARG C 6 29.64 15.90 6.29
N ILE C 7 28.35 15.56 6.31
CA ILE C 7 27.31 16.52 5.92
C ILE C 7 26.34 16.64 7.07
N ASP C 8 26.15 17.84 7.56
CA ASP C 8 25.27 18.04 8.69
C ASP C 8 23.87 18.45 8.25
N GLY C 9 22.87 17.88 8.91
CA GLY C 9 21.47 18.25 8.68
C GLY C 9 21.24 19.74 8.92
N ASN C 10 20.48 20.40 8.04
CA ASN C 10 20.29 21.83 8.21
C ASN C 10 19.23 22.18 9.22
N GLY C 11 18.60 21.18 9.86
CA GLY C 11 17.59 21.45 10.88
C GLY C 11 16.19 21.69 10.33
N ASN C 12 15.96 21.48 9.02
CA ASN C 12 14.63 21.61 8.42
C ASN C 12 14.12 20.27 7.93
N PRO C 13 13.36 19.58 8.78
CA PRO C 13 12.98 18.23 8.38
C PRO C 13 11.93 18.21 7.28
N GLU C 14 12.12 17.33 6.31
CA GLU C 14 11.19 17.17 5.22
C GLU C 14 10.81 15.71 5.12
N THR C 15 9.52 15.46 4.92
CA THR C 15 9.00 14.11 4.69
C THR C 15 8.69 13.95 3.22
N ARG C 16 9.21 12.87 2.64
CA ARG C 16 8.87 12.46 1.28
C ARG C 16 8.35 11.05 1.26
N GLU C 17 7.21 10.86 0.60
CA GLU C 17 6.68 9.55 0.25
C GLU C 17 7.30 9.18 -1.07
N ILE C 18 7.94 8.03 -1.12
CA ILE C 18 8.70 7.64 -2.28
C ILE C 18 8.00 6.46 -2.94
N LYS C 19 7.74 6.60 -4.23
CA LYS C 19 7.02 5.58 -4.98
C LYS C 19 7.94 4.39 -5.13
N ILE C 20 7.44 3.23 -4.75
CA ILE C 20 8.22 2.02 -4.79
C ILE C 20 7.35 0.88 -5.22
N SER C 21 7.96 -0.14 -5.81
CA SER C 21 7.27 -1.42 -6.02
C SER C 21 7.57 -2.36 -4.85
N ASP C 22 6.94 -3.53 -4.86
CA ASP C 22 7.10 -4.46 -3.74
C ASP C 22 8.55 -4.91 -3.59
N TYR C 23 8.92 -5.25 -2.37
CA TYR C 23 10.24 -5.75 -2.06
C TYR C 23 10.14 -6.88 -1.02
N ASP C 24 11.09 -7.81 -1.09
CA ASP C 24 11.19 -8.89 -0.12
C ASP C 24 12.53 -8.87 0.63
N GLU C 25 13.31 -7.83 0.40
CA GLU C 25 14.63 -7.68 0.99
C GLU C 25 14.91 -6.20 1.22
N ILE C 26 15.60 -5.88 2.32
CA ILE C 26 15.96 -4.52 2.66
C ILE C 26 17.47 -4.42 2.91
N THR C 27 18.12 -3.43 2.28
CA THR C 27 19.48 -3.05 2.60
C THR C 27 19.35 -1.67 3.21
N PHE C 28 19.58 -1.55 4.52
CA PHE C 28 19.48 -0.28 5.23
C PHE C 28 20.79 0.11 5.90
N VAL C 29 21.39 1.21 5.48
CA VAL C 29 22.59 1.70 6.12
C VAL C 29 22.29 3.06 6.69
N GLY C 30 22.55 3.24 7.99
CA GLY C 30 22.46 4.56 8.61
C GLY C 30 21.84 4.58 9.98
N SER C 31 21.56 5.80 10.43
CA SER C 31 21.25 6.06 11.84
C SER C 31 19.77 6.17 12.11
N ALA C 32 18.93 5.99 11.10
CA ALA C 32 17.49 6.23 11.22
C ALA C 32 16.78 5.31 12.23
N ASP C 33 15.64 5.80 12.72
CA ASP C 33 14.61 4.95 13.24
C ASP C 33 13.72 4.50 12.09
N PHE C 34 13.76 3.21 11.80
CA PHE C 34 13.05 2.58 10.69
C PHE C 34 11.96 1.68 11.28
N GLU C 35 10.71 1.99 10.94
CA GLU C 35 9.56 1.15 11.23
C GLU C 35 9.11 0.40 9.99
N TYR C 36 9.02 -0.92 10.10
CA TYR C 36 8.65 -1.78 9.02
C TYR C 36 7.54 -2.70 9.51
N GLU C 37 6.63 -3.00 8.58
CA GLU C 37 5.63 -4.04 8.79
C GLU C 37 5.42 -4.82 7.51
N GLN C 38 5.10 -6.10 7.65
CA GLN C 38 4.57 -6.86 6.53
C GLN C 38 3.11 -6.47 6.38
N SER C 39 2.67 -6.26 5.14
CA SER C 39 1.27 -5.84 4.88
C SER C 39 0.83 -6.25 3.50
N ASP C 40 -0.46 -6.55 3.39
CA ASP C 40 -1.11 -6.82 2.10
C ASP C 40 -1.53 -5.56 1.39
N LYS C 41 -1.40 -4.40 2.03
CA LYS C 41 -1.64 -3.13 1.35
C LYS C 41 -0.55 -2.90 0.30
N ALA C 42 -0.75 -1.87 -0.51
CA ALA C 42 0.23 -1.48 -1.51
C ALA C 42 1.57 -1.13 -0.81
N PRO C 43 2.68 -1.44 -1.45
CA PRO C 43 3.97 -1.08 -0.85
C PRO C 43 4.08 0.42 -0.63
N TYR C 44 4.81 0.82 0.40
CA TYR C 44 4.82 2.19 0.83
C TYR C 44 6.17 2.50 1.45
N LEU C 45 6.70 3.69 1.12
CA LEU C 45 7.91 4.20 1.70
C LEU C 45 7.78 5.69 2.04
N SER C 46 8.07 6.05 3.28
CA SER C 46 8.17 7.45 3.68
C SER C 46 9.46 7.65 4.42
N VAL C 47 10.18 8.73 4.09
CA VAL C 47 11.45 9.07 4.72
C VAL C 47 11.35 10.53 5.18
N THR C 48 11.67 10.76 6.46
CA THR C 48 11.78 12.09 7.02
C THR C 48 13.23 12.31 7.44
N ILE C 49 13.88 13.32 6.88
CA ILE C 49 15.24 13.70 7.22
C ILE C 49 15.40 15.16 6.89
N ASP C 50 16.41 15.80 7.48
CA ASP C 50 16.73 17.18 7.14
C ASP C 50 16.77 17.30 5.62
N GLU C 51 16.15 18.36 5.11
CA GLU C 51 15.89 18.53 3.70
C GLU C 51 17.17 18.48 2.84
N ASN C 52 18.26 19.00 3.35
CA ASN C 52 19.52 19.01 2.60
C ASN C 52 20.16 17.63 2.46
N LEU C 53 19.75 16.67 3.27
CA LEU C 53 20.38 15.38 3.27
C LEU C 53 19.81 14.39 2.23
N PHE C 54 18.60 14.65 1.72
CA PHE C 54 18.08 13.80 0.64
C PHE C 54 19.04 13.69 -0.54
N ASP C 55 19.69 14.78 -0.89
CA ASP C 55 20.68 14.78 -1.98
C ASP C 55 21.82 13.78 -1.80
N TYR C 56 22.11 13.35 -0.56
CA TYR C 56 23.21 12.47 -0.25
C TYR C 56 22.76 11.04 0.06
N LEU C 57 21.50 10.71 -0.18
CA LEU C 57 20.90 9.43 0.21
C LEU C 57 20.38 8.69 -1.00
N VAL C 58 20.52 7.37 -1.05
CA VAL C 58 19.84 6.55 -2.05
C VAL C 58 18.61 6.03 -1.34
N THR C 59 17.46 6.14 -1.99
CA THR C 59 16.21 5.61 -1.42
C THR C 59 15.39 5.07 -2.56
N GLU C 60 15.47 3.78 -2.82
CA GLU C 60 14.73 3.18 -3.91
C GLU C 60 14.57 1.69 -3.77
N VAL C 61 13.64 1.12 -4.56
CA VAL C 61 13.48 -0.30 -4.69
C VAL C 61 14.01 -0.69 -6.05
N GLU C 62 14.86 -1.70 -6.09
CA GLU C 62 15.43 -2.19 -7.34
C GLU C 62 15.70 -3.67 -7.17
N GLY C 63 15.20 -4.45 -8.12
CA GLY C 63 15.35 -5.90 -8.07
C GLY C 63 14.66 -6.48 -6.84
N GLY C 64 13.52 -5.92 -6.45
CA GLY C 64 12.82 -6.40 -5.24
C GLY C 64 13.53 -6.18 -3.91
N THR C 65 14.50 -5.27 -3.88
CA THR C 65 15.21 -4.91 -2.66
C THR C 65 15.06 -3.42 -2.41
N LEU C 66 14.55 -3.08 -1.23
CA LEU C 66 14.51 -1.71 -0.77
C LEU C 66 15.97 -1.37 -0.34
N LYS C 67 16.47 -0.27 -0.85
CA LYS C 67 17.83 0.16 -0.64
C LYS C 67 17.80 1.58 -0.14
N ILE C 68 18.25 1.75 1.11
CA ILE C 68 18.33 3.07 1.74
C ILE C 68 19.72 3.20 2.34
N TYR C 69 20.56 4.08 1.80
CA TYR C 69 21.91 4.24 2.32
C TYR C 69 22.55 5.50 1.78
N PRO C 70 23.57 6.04 2.48
CA PRO C 70 24.22 7.24 1.96
C PRO C 70 24.96 6.96 0.69
N LYS C 71 24.92 7.94 -0.24
CA LYS C 71 25.66 7.83 -1.49
C LYS C 71 27.17 7.71 -1.29
N SER C 72 27.83 7.12 -2.27
CA SER C 72 29.27 7.19 -2.34
C SER C 72 29.72 8.62 -2.53
N ILE C 73 30.89 8.95 -2.00
CA ILE C 73 31.35 10.30 -2.13
C ILE C 73 31.62 10.57 -3.61
N LYS C 74 31.06 11.68 -4.08
CA LYS C 74 31.23 12.13 -5.46
C LYS C 74 32.71 12.18 -5.81
N LYS C 75 33.08 11.47 -6.85
CA LYS C 75 34.45 11.37 -7.31
C LYS C 75 35.35 10.68 -6.34
N GLY C 76 34.78 9.90 -5.41
CA GLY C 76 35.58 9.08 -4.51
C GLY C 76 35.74 7.60 -4.94
N PHE C 77 35.24 7.27 -6.13
CA PHE C 77 35.43 5.97 -6.78
C PHE C 77 34.78 4.82 -6.05
N ASN C 78 33.71 5.13 -5.34
CA ASN C 78 33.05 4.20 -4.44
C ASN C 78 33.98 3.64 -3.34
N ASN C 79 35.03 4.37 -2.97
CA ASN C 79 35.90 3.95 -1.88
C ASN C 79 35.37 4.29 -0.48
N ASN C 80 34.34 5.14 -0.44
CA ASN C 80 33.72 5.61 0.79
C ASN C 80 32.42 6.31 0.50
N SER C 81 31.67 6.57 1.55
CA SER C 81 30.41 7.23 1.43
C SER C 81 30.31 8.37 2.42
N TYR C 82 29.27 9.19 2.23
CA TYR C 82 29.06 10.35 3.08
C TYR C 82 28.72 9.92 4.50
N ASP C 83 29.27 10.69 5.43
CA ASP C 83 28.93 10.64 6.83
C ASP C 83 27.84 11.69 7.11
N LEU C 84 26.60 11.23 7.18
CA LEU C 84 25.45 12.11 7.36
C LEU C 84 25.14 12.30 8.85
N ARG C 85 24.89 13.55 9.26
CA ARG C 85 24.52 13.86 10.64
C ARG C 85 23.17 14.55 10.68
N PRO C 86 22.10 13.76 10.58
CA PRO C 86 20.77 14.36 10.58
C PRO C 86 20.36 14.85 11.96
N THR C 87 19.46 15.83 12.00
CA THR C 87 18.85 16.23 13.26
C THR C 87 17.63 15.39 13.48
N VAL C 88 17.00 14.90 12.42
CA VAL C 88 15.90 13.95 12.53
C VAL C 88 16.05 12.95 11.40
N TYR C 89 15.80 11.66 11.67
CA TYR C 89 15.85 10.65 10.62
C TYR C 89 14.93 9.47 10.97
N LYS C 90 13.82 9.39 10.24
CA LYS C 90 12.77 8.40 10.44
C LYS C 90 12.36 7.84 9.08
N ILE C 91 12.10 6.53 9.05
CA ILE C 91 11.68 5.83 7.86
C ILE C 91 10.49 4.96 8.25
N LYS C 92 9.44 4.95 7.43
CA LYS C 92 8.31 4.03 7.59
C LYS C 92 8.13 3.31 6.28
N SER C 93 8.05 1.99 6.28
CA SER C 93 7.83 1.26 5.02
C SER C 93 7.09 -0.01 5.30
N ASN C 94 6.38 -0.51 4.27
CA ASN C 94 5.83 -1.85 4.29
C ASN C 94 5.98 -2.53 2.93
N SER C 95 5.99 -3.87 2.98
CA SER C 95 5.94 -4.71 1.80
C SER C 95 5.18 -5.97 2.17
N LYS C 96 5.03 -6.88 1.22
CA LYS C 96 4.24 -8.09 1.48
C LYS C 96 4.97 -9.04 2.45
N GLU C 97 6.29 -9.17 2.30
CA GLU C 97 7.07 -10.13 3.04
C GLU C 97 8.49 -9.61 3.16
N LEU C 98 9.12 -9.82 4.31
CA LEU C 98 10.53 -9.52 4.48
C LEU C 98 11.27 -10.83 4.70
N LYS C 99 11.95 -11.28 3.65
CA LYS C 99 12.72 -12.52 3.69
C LYS C 99 14.07 -12.24 4.30
N GLU C 100 14.63 -11.09 3.95
CA GLU C 100 15.96 -10.77 4.43
C GLU C 100 16.19 -9.28 4.68
N LEU C 101 16.71 -8.98 5.86
CA LEU C 101 17.11 -7.63 6.25
C LEU C 101 18.62 -7.60 6.47
N ASN C 102 19.27 -6.67 5.79
CA ASN C 102 20.67 -6.38 5.99
C ASN C 102 20.74 -4.93 6.45
N THR C 103 21.09 -4.74 7.72
CA THR C 103 21.09 -3.41 8.30
C THR C 103 22.50 -3.16 8.88
N VAL C 104 23.05 -1.97 8.65
CA VAL C 104 24.38 -1.63 9.08
C VAL C 104 24.36 -0.23 9.64
N GLY C 105 24.87 -0.04 10.84
CA GLY C 105 24.93 1.27 11.43
C GLY C 105 24.45 1.36 12.86
N SER C 106 24.09 2.57 13.27
CA SER C 106 23.74 2.87 14.64
C SER C 106 22.28 3.03 14.81
N GLY C 107 21.53 2.75 13.77
CA GLY C 107 20.12 3.01 13.77
C GLY C 107 19.29 1.90 14.39
N SER C 108 18.01 2.06 14.27
CA SER C 108 17.12 1.18 14.90
C SER C 108 16.02 0.73 13.93
N PHE C 109 15.83 -0.57 13.84
CA PHE C 109 14.87 -1.20 12.95
C PHE C 109 13.85 -1.94 13.81
N ILE C 110 12.58 -1.54 13.72
CA ILE C 110 11.49 -2.06 14.56
C ILE C 110 10.28 -2.61 13.74
N ILE C 111 9.85 -3.82 14.08
CA ILE C 111 8.61 -4.41 13.58
C ILE C 111 7.72 -4.56 14.82
N SER C 112 6.53 -4.00 14.74
CA SER C 112 5.64 -3.93 15.89
C SER C 112 4.37 -4.75 15.76
N LYS C 113 3.98 -5.13 14.56
CA LYS C 113 2.74 -5.87 14.43
C LYS C 113 2.95 -7.37 14.36
N PRO C 114 1.91 -8.15 14.68
CA PRO C 114 1.98 -9.58 14.47
C PRO C 114 2.48 -9.88 13.08
N THR C 115 3.41 -10.83 12.96
CA THR C 115 4.14 -11.06 11.74
C THR C 115 4.25 -12.57 11.48
N LYS C 116 3.78 -12.99 10.31
CA LYS C 116 3.78 -14.38 9.92
C LYS C 116 4.98 -14.54 9.01
N VAL C 117 5.86 -15.48 9.33
CA VAL C 117 7.07 -15.66 8.56
C VAL C 117 7.15 -17.07 8.03
N ASN C 118 7.63 -17.20 6.82
CA ASN C 118 8.10 -18.46 6.32
C ASN C 118 9.56 -18.56 6.77
N ARG C 119 10.48 -17.94 6.02
CA ARG C 119 11.85 -17.71 6.47
C ARG C 119 12.17 -16.24 6.51
N MSE C 120 12.53 -15.74 7.69
CA MSE C 120 13.02 -14.37 7.84
C MSE C 120 14.45 -14.42 8.36
O MSE C 120 14.72 -15.01 9.41
CB MSE C 120 12.17 -13.59 8.81
CG MSE C 120 12.70 -12.18 9.10
SE MSE C 120 11.54 -11.23 10.32
CE MSE C 120 10.15 -10.74 9.02
N GLU C 121 15.36 -13.77 7.63
CA GLU C 121 16.75 -13.66 8.01
C GLU C 121 17.09 -12.20 8.29
N ILE C 122 17.57 -11.94 9.49
CA ILE C 122 18.02 -10.63 9.91
C ILE C 122 19.55 -10.65 10.08
N ASN C 123 20.22 -9.74 9.39
CA ASN C 123 21.67 -9.54 9.47
C ASN C 123 21.96 -8.10 9.83
N MSE C 124 22.58 -7.90 10.98
CA MSE C 124 23.05 -6.61 11.39
C MSE C 124 24.57 -6.53 11.62
O MSE C 124 25.14 -7.41 12.21
CB MSE C 124 22.38 -6.20 12.66
CG MSE C 124 23.28 -5.24 13.54
SE MSE C 124 21.98 -4.24 14.43
CE MSE C 124 21.92 -2.72 13.14
N ALA C 125 25.18 -5.43 11.20
CA ALA C 125 26.53 -5.08 11.57
C ALA C 125 26.50 -3.69 12.19
N GLY C 126 27.19 -3.52 13.32
CA GLY C 126 27.28 -2.22 13.97
C GLY C 126 26.72 -2.18 15.37
N SER C 127 26.42 -0.97 15.81
CA SER C 127 26.11 -0.66 17.19
C SER C 127 24.63 -0.40 17.39
N GLY C 128 23.86 -0.49 16.33
CA GLY C 128 22.43 -0.23 16.40
C GLY C 128 21.60 -1.40 16.95
N ASN C 129 20.32 -1.41 16.62
CA ASN C 129 19.44 -2.44 17.10
C ASN C 129 18.35 -2.83 16.14
N VAL C 130 17.90 -4.08 16.26
CA VAL C 130 16.73 -4.56 15.59
C VAL C 130 15.83 -5.04 16.69
N GLU C 131 14.56 -4.67 16.65
CA GLU C 131 13.55 -5.18 17.57
C GLU C 131 12.32 -5.69 16.87
N LEU C 132 12.05 -6.98 17.05
CA LEU C 132 10.82 -7.61 16.62
C LEU C 132 9.92 -7.57 17.84
N ARG C 133 9.15 -6.51 17.95
CA ARG C 133 8.30 -6.30 19.12
C ARG C 133 7.00 -7.05 19.04
N GLY C 134 6.46 -7.23 17.85
CA GLY C 134 5.18 -7.95 17.73
C GLY C 134 5.39 -9.46 17.74
N PRO C 135 4.31 -10.23 17.89
CA PRO C 135 4.43 -11.68 17.79
C PRO C 135 4.92 -12.11 16.40
N VAL C 136 5.95 -12.91 16.37
CA VAL C 136 6.48 -13.45 15.12
C VAL C 136 6.16 -14.92 15.20
N LYS C 137 5.57 -15.46 14.15
CA LYS C 137 5.07 -16.82 14.16
C LYS C 137 5.38 -17.48 12.84
N GLY C 138 5.89 -18.71 12.84
CA GLY C 138 6.18 -19.37 11.59
C GLY C 138 7.30 -20.40 11.57
N TYR C 139 7.87 -20.59 10.38
CA TYR C 139 8.80 -21.66 10.16
C TYR C 139 10.25 -21.39 10.68
N LYS C 140 10.87 -20.33 10.20
CA LYS C 140 12.25 -20.06 10.55
C LYS C 140 12.58 -18.57 10.72
N LEU C 141 13.21 -18.22 11.84
CA LEU C 141 13.80 -16.91 12.03
C LEU C 141 15.31 -17.10 12.22
N GLU C 142 16.09 -16.25 11.56
CA GLU C 142 17.51 -16.28 11.68
C GLU C 142 18.01 -14.89 12.04
N CYS C 143 18.63 -14.75 13.22
CA CYS C 143 19.19 -13.49 13.70
C CYS C 143 20.72 -13.54 13.75
N ASN C 144 21.35 -12.78 12.87
CA ASN C 144 22.78 -12.72 12.79
C ASN C 144 23.27 -11.33 13.05
N MSE C 145 24.33 -11.23 13.84
CA MSE C 145 24.99 -9.95 13.97
CA MSE C 145 24.99 -9.94 14.02
C MSE C 145 26.49 -10.01 14.23
O MSE C 145 27.02 -11.01 14.72
CB MSE C 145 24.31 -9.07 15.01
CB MSE C 145 24.34 -9.16 15.16
CG MSE C 145 24.45 -9.47 16.43
CG MSE C 145 24.24 -9.85 16.48
SE MSE C 145 24.34 -7.75 17.36
SE MSE C 145 24.03 -8.38 17.78
CE MSE C 145 26.15 -7.14 17.05
CE MSE C 145 23.38 -7.01 16.50
N ALA C 146 27.15 -8.94 13.80
CA ALA C 146 28.57 -8.73 13.97
C ALA C 146 28.66 -7.30 14.47
N GLY C 147 29.03 -7.14 15.72
CA GLY C 147 29.25 -5.80 16.28
C GLY C 147 28.84 -5.73 17.73
N SER C 148 28.67 -4.51 18.21
CA SER C 148 28.42 -4.25 19.61
C SER C 148 26.97 -3.97 19.92
N GLY C 149 26.13 -3.89 18.90
CA GLY C 149 24.72 -3.61 19.10
C GLY C 149 23.89 -4.82 19.50
N ASN C 150 22.60 -4.77 19.20
CA ASN C 150 21.71 -5.82 19.67
C ASN C 150 20.45 -6.09 18.83
N ILE C 151 19.95 -7.30 19.00
CA ILE C 151 18.71 -7.76 18.38
C ILE C 151 17.88 -8.32 19.52
N ILE C 152 16.61 -7.95 19.57
CA ILE C 152 15.69 -8.55 20.49
C ILE C 152 14.43 -8.99 19.76
N ALA C 153 13.97 -10.21 20.04
CA ALA C 153 12.72 -10.73 19.48
C ALA C 153 11.89 -11.04 20.70
N LYS C 154 10.88 -10.21 20.92
CA LYS C 154 10.17 -10.24 22.18
C LYS C 154 9.09 -11.31 22.29
N ASP C 155 8.70 -11.90 21.16
CA ASP C 155 7.55 -12.80 21.16
C ASP C 155 7.53 -13.66 19.90
N ILE C 156 8.22 -14.79 19.98
CA ILE C 156 8.38 -15.66 18.85
C ILE C 156 7.72 -17.03 19.13
N GLN C 157 7.20 -17.61 18.06
CA GLN C 157 6.65 -18.96 18.08
C GLN C 157 7.06 -19.60 16.75
N LEU C 158 8.08 -20.43 16.80
CA LEU C 158 8.78 -20.85 15.59
C LEU C 158 9.08 -22.32 15.60
N ASP C 159 9.20 -22.90 14.40
CA ASP C 159 9.74 -24.25 14.26
C ASP C 159 11.24 -24.24 14.41
N ASN C 160 11.87 -23.19 13.88
CA ASN C 160 13.33 -23.07 13.87
C ASN C 160 13.79 -21.65 14.18
N LEU C 161 14.81 -21.56 15.02
CA LEU C 161 15.44 -20.30 15.36
C LEU C 161 16.94 -20.46 15.27
N SER C 162 17.61 -19.54 14.61
CA SER C 162 19.04 -19.60 14.58
C SER C 162 19.63 -18.22 14.85
N CYS C 163 20.48 -18.11 15.87
CA CYS C 163 21.15 -16.87 16.22
C CYS C 163 22.67 -17.02 16.23
N SER C 164 23.34 -16.13 15.52
CA SER C 164 24.78 -16.07 15.46
C SER C 164 25.26 -14.66 15.73
N LEU C 165 26.19 -14.57 16.68
CA LEU C 165 26.71 -13.34 17.17
C LEU C 165 28.24 -13.37 17.07
N ALA C 166 28.80 -12.43 16.33
CA ALA C 166 30.24 -12.20 16.33
C ALA C 166 30.44 -10.90 17.06
N SER C 167 31.52 -10.84 17.81
CA SER C 167 31.93 -9.67 18.57
C SER C 167 31.16 -9.54 19.89
N SER C 168 30.94 -8.32 20.36
CA SER C 168 30.59 -8.10 21.74
C SER C 168 29.15 -7.74 22.05
N GLY C 169 28.26 -7.78 21.07
CA GLY C 169 26.89 -7.38 21.27
C GLY C 169 26.04 -8.40 21.99
N GLU C 170 24.75 -8.39 21.66
CA GLU C 170 23.74 -9.15 22.40
C GLU C 170 22.53 -9.51 21.53
N ILE C 171 22.09 -10.75 21.64
CA ILE C 171 20.85 -11.20 21.04
C ILE C 171 20.01 -11.72 22.20
N GLU C 172 18.77 -11.23 22.29
CA GLU C 172 17.80 -11.71 23.26
C GLU C 172 16.55 -12.18 22.52
N VAL C 173 16.07 -13.37 22.85
CA VAL C 173 14.91 -13.99 22.21
C VAL C 173 13.99 -14.55 23.31
N ILE C 174 12.70 -14.33 23.12
CA ILE C 174 11.72 -14.66 24.11
C ILE C 174 10.57 -15.31 23.37
N GLY C 175 10.14 -16.48 23.85
CA GLY C 175 8.99 -17.20 23.28
C GLY C 175 9.12 -18.71 23.33
N THR C 176 8.74 -19.37 22.23
CA THR C 176 8.80 -20.83 22.12
CA THR C 176 8.78 -20.83 22.11
C THR C 176 9.29 -21.22 20.73
N VAL C 177 10.19 -22.18 20.67
N VAL C 177 10.21 -22.18 20.66
CA VAL C 177 10.75 -22.66 19.42
CA VAL C 177 10.71 -22.66 19.39
C VAL C 177 10.90 -24.16 19.51
C VAL C 177 10.91 -24.15 19.51
N ASP C 178 10.74 -24.87 18.40
CA ASP C 178 11.00 -26.32 18.38
C ASP C 178 12.51 -26.59 18.44
N ARG C 179 13.25 -26.05 17.48
CA ARG C 179 14.69 -26.26 17.39
C ARG C 179 15.42 -24.93 17.33
N ALA C 180 16.45 -24.78 18.17
CA ALA C 180 17.19 -23.54 18.28
C ALA C 180 18.67 -23.81 18.12
N SER C 181 19.33 -22.87 17.47
CA SER C 181 20.78 -22.87 17.35
C SER C 181 21.35 -21.50 17.79
N PHE C 182 22.17 -21.51 18.85
CA PHE C 182 22.75 -20.33 19.42
C PHE C 182 24.29 -20.38 19.31
N ASN C 183 24.86 -19.37 18.66
CA ASN C 183 26.28 -19.34 18.36
C ASN C 183 26.87 -17.98 18.69
N VAL C 184 28.00 -18.00 19.40
CA VAL C 184 28.69 -16.78 19.81
C VAL C 184 30.17 -16.97 19.49
N ALA C 185 30.75 -16.02 18.76
CA ALA C 185 32.18 -16.01 18.47
C ALA C 185 32.67 -14.63 18.86
N GLY C 186 33.14 -14.52 20.09
CA GLY C 186 33.56 -13.25 20.66
C GLY C 186 33.07 -13.21 22.09
N SER C 187 32.95 -12.01 22.61
CA SER C 187 32.70 -11.78 24.01
C SER C 187 31.26 -11.50 24.32
N GLY C 188 30.42 -11.38 23.28
CA GLY C 188 29.03 -11.06 23.48
C GLY C 188 28.19 -12.16 24.12
N GLU C 189 26.88 -11.97 24.08
CA GLU C 189 25.97 -12.76 24.87
C GLU C 189 24.66 -13.05 24.15
N ILE C 190 24.18 -14.30 24.24
CA ILE C 190 22.81 -14.65 23.81
C ILE C 190 21.99 -14.91 25.07
N LYS C 191 20.86 -14.22 25.17
CA LYS C 191 19.93 -14.30 26.25
C LYS C 191 18.66 -14.99 25.77
N ALA C 192 18.50 -16.27 26.13
CA ALA C 192 17.39 -17.06 25.69
C ALA C 192 16.76 -17.93 26.80
N PHE C 193 16.93 -17.56 28.07
CA PHE C 193 16.28 -18.30 29.17
C PHE C 193 14.76 -18.35 29.01
N ASP C 194 14.20 -17.34 28.37
CA ASP C 194 12.76 -17.20 28.21
C ASP C 194 12.29 -17.59 26.84
N CYS C 195 13.15 -18.33 26.14
CA CYS C 195 12.80 -18.91 24.89
C CYS C 195 12.85 -20.42 25.05
N GLN C 196 11.68 -21.03 25.22
CA GLN C 196 11.58 -22.46 25.44
C GLN C 196 11.78 -23.23 24.16
N ALA C 197 12.95 -23.85 24.04
CA ALA C 197 13.31 -24.68 22.92
C ALA C 197 13.12 -26.13 23.30
N ARG C 198 12.68 -26.97 22.38
CA ARG C 198 12.67 -28.42 22.63
C ARG C 198 14.08 -28.98 22.52
N LYS C 199 14.75 -28.65 21.42
CA LYS C 199 16.13 -29.00 21.21
C LYS C 199 16.91 -27.73 20.91
N ALA C 200 18.04 -27.57 21.57
CA ALA C 200 18.94 -26.46 21.29
C ALA C 200 20.38 -26.97 21.15
N GLU C 201 21.11 -26.30 20.27
CA GLU C 201 22.52 -26.45 20.13
C GLU C 201 23.16 -25.09 20.46
N CYS C 202 24.16 -25.09 21.33
CA CYS C 202 24.85 -23.91 21.80
C CYS C 202 26.36 -24.05 21.53
N ASN C 203 26.93 -23.06 20.85
CA ASN C 203 28.33 -23.02 20.53
C ASN C 203 28.94 -21.68 20.89
N ILE C 204 30.00 -21.71 21.70
CA ILE C 204 30.77 -20.53 22.04
C ILE C 204 32.23 -20.71 21.60
N ALA C 205 32.75 -19.73 20.87
CA ALA C 205 34.16 -19.57 20.59
C ALA C 205 34.61 -18.33 21.36
N SER C 206 35.65 -18.44 22.17
CA SER C 206 36.16 -17.31 22.93
C SER C 206 35.41 -17.19 24.27
N SER C 207 35.19 -15.96 24.73
CA SER C 207 34.77 -15.68 26.11
C SER C 207 33.30 -15.33 26.29
N GLY C 208 32.49 -15.44 25.24
CA GLY C 208 31.09 -15.10 25.31
C GLY C 208 30.21 -16.08 26.09
N GLU C 209 28.92 -15.77 26.16
CA GLU C 209 27.99 -16.41 27.06
C GLU C 209 26.64 -16.71 26.43
N ILE C 210 26.07 -17.88 26.74
CA ILE C 210 24.73 -18.21 26.26
C ILE C 210 23.88 -18.65 27.45
N SER C 211 22.65 -18.16 27.52
CA SER C 211 21.70 -18.61 28.53
C SER C 211 20.59 -19.26 27.77
N VAL C 212 20.37 -20.56 28.01
CA VAL C 212 19.47 -21.33 27.19
C VAL C 212 18.49 -22.11 28.02
N TYR C 213 17.30 -22.32 27.45
CA TYR C 213 16.26 -23.11 28.05
C TYR C 213 15.83 -24.16 27.02
N ALA C 214 16.24 -25.42 27.23
CA ALA C 214 15.92 -26.52 26.35
C ALA C 214 15.17 -27.57 27.18
N THR C 215 14.07 -28.10 26.66
CA THR C 215 13.30 -29.03 27.45
C THR C 215 13.74 -30.48 27.23
N GLN C 216 14.22 -30.80 26.05
CA GLN C 216 14.48 -32.19 25.72
C GLN C 216 15.95 -32.54 25.42
N ILE C 217 16.56 -31.81 24.49
CA ILE C 217 17.92 -32.07 24.05
C ILE C 217 18.73 -30.78 24.07
N LEU C 218 19.92 -30.82 24.68
CA LEU C 218 20.83 -29.68 24.72
C LEU C 218 22.21 -30.13 24.32
N ASP C 219 22.72 -29.54 23.25
CA ASP C 219 24.07 -29.82 22.81
C ASP C 219 24.88 -28.57 23.13
N ALA C 220 25.77 -28.68 24.12
CA ALA C 220 26.51 -27.54 24.69
C ALA C 220 28.01 -27.65 24.37
N ASN C 221 28.52 -26.68 23.63
CA ASN C 221 29.91 -26.69 23.16
C ASN C 221 30.60 -25.36 23.39
N ILE C 222 31.78 -25.42 24.02
CA ILE C 222 32.57 -24.24 24.32
C ILE C 222 34.01 -24.50 23.88
N VAL C 223 34.57 -23.53 23.16
CA VAL C 223 36.00 -23.48 22.90
C VAL C 223 36.47 -22.12 23.39
N GLY C 224 37.08 -22.11 24.56
CA GLY C 224 37.57 -20.89 25.19
C GLY C 224 37.14 -20.84 26.64
N SER C 225 36.98 -19.61 27.12
CA SER C 225 36.65 -19.33 28.51
C SER C 225 35.20 -19.01 28.75
N GLY C 226 34.39 -19.05 27.70
CA GLY C 226 32.98 -18.68 27.83
C GLY C 226 32.12 -19.66 28.62
N GLU C 227 30.86 -19.31 28.77
CA GLU C 227 29.97 -20.03 29.67
C GLU C 227 28.59 -20.27 29.08
N ILE C 228 28.04 -21.46 29.33
CA ILE C 228 26.68 -21.81 28.98
C ILE C 228 25.93 -22.06 30.29
N HIS C 229 24.83 -21.34 30.47
CA HIS C 229 23.96 -21.47 31.61
C HIS C 229 22.66 -22.04 31.07
N TYR C 230 22.20 -23.19 31.61
CA TYR C 230 20.94 -23.77 31.12
C TYR C 230 19.90 -24.07 32.15
N LYS C 231 18.64 -24.01 31.71
CA LYS C 231 17.52 -24.42 32.53
C LYS C 231 16.69 -25.39 31.74
N GLY C 232 15.74 -26.02 32.41
CA GLY C 232 14.99 -27.15 31.90
C GLY C 232 15.68 -28.43 32.34
N ASP C 233 15.13 -29.58 31.96
CA ASP C 233 15.78 -30.86 32.23
C ASP C 233 16.02 -31.65 30.95
N PRO C 234 16.71 -31.04 29.99
CA PRO C 234 17.03 -31.82 28.81
C PRO C 234 18.13 -32.86 29.07
N GLU C 235 18.34 -33.75 28.12
CA GLU C 235 19.55 -34.54 28.04
C GLU C 235 20.65 -33.67 27.40
N ILE C 236 21.73 -33.47 28.15
CA ILE C 236 22.81 -32.57 27.72
C ILE C 236 24.02 -33.36 27.24
N SER C 237 24.57 -32.93 26.12
CA SER C 237 25.87 -33.38 25.60
C SER C 237 26.82 -32.23 25.80
N LYS C 238 27.91 -32.50 26.50
CA LYS C 238 28.84 -31.49 26.96
C LYS C 238 30.14 -31.58 26.18
N SER C 239 30.71 -30.45 25.87
CA SER C 239 32.00 -30.44 25.21
C SER C 239 32.64 -29.09 25.49
N ILE C 240 33.66 -29.09 26.32
CA ILE C 240 34.42 -27.92 26.67
C ILE C 240 35.90 -28.15 26.35
N MSE C 241 36.49 -27.26 25.55
CA MSE C 241 37.93 -27.20 25.36
C MSE C 241 38.34 -25.81 25.78
O MSE C 241 38.11 -24.82 25.07
CB MSE C 241 38.32 -27.48 23.90
CG MSE C 241 39.80 -27.48 23.67
SE MSE C 241 40.32 -27.44 21.78
CE MSE C 241 39.58 -29.18 21.27
N GLY C 242 38.95 -25.73 26.95
CA GLY C 242 39.34 -24.47 27.53
C GLY C 242 38.85 -24.35 28.95
N SER C 243 38.96 -23.14 29.50
CA SER C 243 38.61 -22.85 30.89
C SER C 243 37.13 -22.51 31.09
N GLY C 244 36.32 -22.58 30.05
CA GLY C 244 34.92 -22.27 30.18
C GLY C 244 34.13 -23.28 31.01
N SER C 245 32.82 -23.08 31.11
CA SER C 245 32.04 -23.89 31.98
C SER C 245 30.59 -23.92 31.60
N ILE C 246 29.94 -24.99 32.06
CA ILE C 246 28.53 -25.23 31.86
C ILE C 246 27.89 -25.31 33.23
N ASN C 247 26.76 -24.63 33.41
CA ASN C 247 26.02 -24.76 34.67
C ASN C 247 24.51 -24.73 34.49
N LYS C 248 23.86 -25.59 35.25
CA LYS C 248 22.43 -25.74 35.21
C LYS C 248 21.85 -24.80 36.27
N VAL C 249 20.81 -24.07 35.94
CA VAL C 249 20.15 -23.22 36.92
C VAL C 249 18.69 -23.61 37.00
N LYS C 250 18.04 -23.23 38.10
CA LYS C 250 16.58 -23.38 38.26
C LYS C 250 15.78 -22.39 37.42
N LYS D 5 39.22 -25.75 42.78
CA LYS D 5 39.13 -25.07 41.47
CA LYS D 5 39.23 -25.22 41.38
C LYS D 5 40.52 -24.53 41.02
N ARG D 6 41.02 -23.59 41.83
CA ARG D 6 42.31 -22.93 41.59
C ARG D 6 43.44 -23.68 42.30
N ILE D 7 44.47 -24.06 41.57
CA ILE D 7 45.58 -24.78 42.17
C ILE D 7 46.86 -24.00 41.86
N ASP D 8 47.53 -23.58 42.90
CA ASP D 8 48.78 -22.84 42.73
C ASP D 8 49.99 -23.76 42.68
N GLY D 9 50.90 -23.49 41.77
CA GLY D 9 52.16 -24.23 41.68
C GLY D 9 52.95 -24.09 42.96
N ASN D 10 53.62 -25.15 43.42
CA ASN D 10 54.33 -25.09 44.70
C ASN D 10 55.71 -24.54 44.60
N GLY D 11 56.12 -24.12 43.42
CA GLY D 11 57.42 -23.50 43.25
C GLY D 11 58.56 -24.47 43.02
N ASN D 12 58.27 -25.76 42.90
CA ASN D 12 59.30 -26.79 42.67
C ASN D 12 59.12 -27.40 41.29
N PRO D 13 59.77 -26.84 40.29
CA PRO D 13 59.54 -27.35 38.95
C PRO D 13 60.18 -28.72 38.69
N GLU D 14 59.43 -29.55 37.97
CA GLU D 14 59.84 -30.88 37.62
C GLU D 14 59.63 -31.05 36.12
N THR D 15 60.59 -31.70 35.48
CA THR D 15 60.52 -32.06 34.08
C THR D 15 60.26 -33.56 33.98
N ARG D 16 59.27 -33.92 33.17
CA ARG D 16 58.96 -35.29 32.81
C ARG D 16 58.96 -35.41 31.32
N GLU D 17 59.74 -36.38 30.83
CA GLU D 17 59.67 -36.82 29.46
C GLU D 17 58.57 -37.84 29.45
N ILE D 18 57.61 -37.69 28.55
CA ILE D 18 56.43 -38.55 28.51
C ILE D 18 56.47 -39.36 27.23
N LYS D 19 56.28 -40.67 27.39
CA LYS D 19 56.38 -41.60 26.27
C LYS D 19 55.14 -41.42 25.44
N ILE D 20 55.31 -41.16 24.15
CA ILE D 20 54.15 -40.93 23.28
C ILE D 20 54.36 -41.58 21.95
N SER D 21 53.25 -41.91 21.29
CA SER D 21 53.24 -42.25 19.88
C SER D 21 53.21 -40.97 19.06
N ASP D 22 53.37 -41.15 17.75
CA ASP D 22 53.30 -40.06 16.84
C ASP D 22 51.89 -39.48 16.82
N TYR D 23 51.82 -38.20 16.48
CA TYR D 23 50.54 -37.50 16.39
C TYR D 23 50.58 -36.53 15.21
N ASP D 24 49.41 -36.23 14.66
CA ASP D 24 49.30 -35.25 13.58
C ASP D 24 48.39 -34.10 13.97
N GLU D 25 48.00 -34.10 15.23
CA GLU D 25 47.10 -33.10 15.72
C GLU D 25 47.38 -32.83 17.22
N ILE D 26 47.23 -31.55 17.62
CA ILE D 26 47.47 -31.12 18.97
C ILE D 26 46.24 -30.39 19.51
N THR D 27 45.83 -30.76 20.73
CA THR D 27 44.88 -30.04 21.52
C THR D 27 45.65 -29.54 22.71
N PHE D 28 45.81 -28.22 22.80
CA PHE D 28 46.56 -27.60 23.88
C PHE D 28 45.73 -26.51 24.56
N VAL D 29 45.48 -26.70 25.85
CA VAL D 29 44.78 -25.76 26.67
C VAL D 29 45.72 -25.41 27.80
N GLY D 30 46.00 -24.12 27.95
CA GLY D 30 46.82 -23.67 29.04
C GLY D 30 47.74 -22.54 28.72
N SER D 31 48.52 -22.18 29.72
CA SER D 31 49.36 -21.01 29.70
C SER D 31 50.80 -21.28 29.34
N ALA D 32 51.15 -22.52 28.99
CA ALA D 32 52.54 -22.88 28.78
C ALA D 32 53.18 -22.14 27.61
N ASP D 33 54.49 -21.96 27.67
CA ASP D 33 55.29 -21.79 26.46
C ASP D 33 55.57 -23.17 25.85
N PHE D 34 55.00 -23.41 24.67
CA PHE D 34 55.03 -24.70 24.02
C PHE D 34 55.89 -24.54 22.78
N GLU D 35 56.96 -25.30 22.71
CA GLU D 35 57.79 -25.38 21.52
C GLU D 35 57.56 -26.65 20.77
N TYR D 36 57.16 -26.53 19.52
CA TYR D 36 56.87 -27.65 18.67
C TYR D 36 57.73 -27.55 17.41
N GLU D 37 58.14 -28.72 16.91
CA GLU D 37 58.72 -28.84 15.56
C GLU D 37 58.24 -30.12 14.87
N GLN D 38 58.18 -30.08 13.55
CA GLN D 38 58.03 -31.29 12.75
C GLN D 38 59.39 -31.94 12.65
N SER D 39 59.44 -33.26 12.72
CA SER D 39 60.70 -33.98 12.71
C SER D 39 60.53 -35.42 12.33
N ASP D 40 61.53 -35.96 11.67
CA ASP D 40 61.58 -37.39 11.35
C ASP D 40 62.10 -38.23 12.50
N LYS D 41 62.60 -37.61 13.54
CA LYS D 41 63.00 -38.36 14.72
C LYS D 41 61.80 -38.99 15.40
N ALA D 42 62.08 -39.77 16.43
CA ALA D 42 61.04 -40.39 17.22
C ALA D 42 60.19 -39.28 17.81
N PRO D 43 58.90 -39.52 17.93
CA PRO D 43 58.05 -38.51 18.60
C PRO D 43 58.51 -38.34 20.02
N TYR D 44 58.43 -37.12 20.53
CA TYR D 44 58.99 -36.77 21.81
C TYR D 44 58.11 -35.75 22.52
N LEU D 45 58.01 -35.87 23.83
CA LEU D 45 57.24 -34.94 24.67
C LEU D 45 57.95 -34.72 26.01
N SER D 46 58.19 -33.47 26.33
CA SER D 46 58.72 -33.07 27.63
C SER D 46 57.89 -31.94 28.21
N VAL D 47 57.48 -32.08 29.47
CA VAL D 47 56.68 -31.06 30.16
C VAL D 47 57.41 -30.69 31.45
N THR D 48 57.57 -29.39 31.69
CA THR D 48 58.14 -28.85 32.91
C THR D 48 57.09 -27.97 33.56
N ILE D 49 56.73 -28.27 34.81
CA ILE D 49 55.73 -27.52 35.53
C ILE D 49 55.95 -27.81 37.00
N ASP D 50 55.40 -26.96 37.86
CA ASP D 50 55.51 -27.19 39.28
C ASP D 50 55.08 -28.64 39.54
N GLU D 51 55.88 -29.36 40.32
CA GLU D 51 55.66 -30.79 40.57
C GLU D 51 54.24 -31.12 41.00
N ASN D 52 53.63 -30.24 41.77
CA ASN D 52 52.29 -30.53 42.25
C ASN D 52 51.18 -30.43 41.19
N LEU D 53 51.46 -29.85 40.03
CA LEU D 53 50.43 -29.56 39.07
C LEU D 53 50.26 -30.71 38.05
N PHE D 54 51.24 -31.60 37.92
CA PHE D 54 51.07 -32.79 37.06
C PHE D 54 49.80 -33.58 37.38
N ASP D 55 49.47 -33.73 38.65
CA ASP D 55 48.26 -34.42 39.11
C ASP D 55 46.95 -33.82 38.56
N TYR D 56 46.98 -32.55 38.15
CA TYR D 56 45.83 -31.86 37.61
C TYR D 56 45.89 -31.72 36.11
N LEU D 57 46.84 -32.38 35.44
CA LEU D 57 47.07 -32.20 34.00
C LEU D 57 46.88 -33.48 33.21
N VAL D 58 46.27 -33.41 32.04
CA VAL D 58 46.25 -34.51 31.11
C VAL D 58 47.34 -34.23 30.13
N THR D 59 48.19 -35.23 29.87
CA THR D 59 49.29 -35.09 28.90
C THR D 59 49.50 -36.43 28.25
N GLU D 60 48.91 -36.64 27.10
CA GLU D 60 49.04 -37.91 26.42
C GLU D 60 48.68 -37.83 24.94
N VAL D 61 49.06 -38.88 24.21
CA VAL D 61 48.68 -39.04 22.83
C VAL D 61 47.64 -40.14 22.78
N GLU D 62 46.58 -39.88 22.04
CA GLU D 62 45.47 -40.79 21.88
C GLU D 62 44.80 -40.50 20.55
N GLY D 63 44.59 -41.55 19.77
CA GLY D 63 44.01 -41.40 18.44
C GLY D 63 44.83 -40.47 17.55
N GLY D 64 46.15 -40.52 17.70
CA GLY D 64 47.04 -39.65 16.95
C GLY D 64 46.95 -38.17 17.25
N THR D 65 46.42 -37.84 18.43
CA THR D 65 46.30 -36.48 18.87
C THR D 65 47.01 -36.28 20.20
N LEU D 66 47.94 -35.34 20.23
CA LEU D 66 48.57 -34.96 21.47
C LEU D 66 47.57 -34.06 22.20
N LYS D 67 47.28 -34.41 23.44
CA LYS D 67 46.34 -33.70 24.28
C LYS D 67 47.00 -33.30 25.58
N ILE D 68 47.10 -31.99 25.81
CA ILE D 68 47.63 -31.41 27.01
C ILE D 68 46.64 -30.36 27.50
N TYR D 69 46.03 -30.57 28.67
CA TYR D 69 45.04 -29.64 29.18
C TYR D 69 44.75 -29.93 30.66
N PRO D 70 44.19 -28.96 31.39
CA PRO D 70 43.86 -29.28 32.77
C PRO D 70 42.70 -30.25 32.86
N LYS D 71 42.74 -31.09 33.89
CA LYS D 71 41.69 -32.03 34.10
C LYS D 71 40.36 -31.37 34.48
N SER D 72 39.28 -32.08 34.22
CA SER D 72 38.00 -31.70 34.78
C SER D 72 38.04 -31.77 36.29
N ILE D 73 37.29 -30.89 36.94
CA ILE D 73 37.27 -30.87 38.38
C ILE D 73 36.68 -32.17 38.91
N LYS D 74 37.39 -32.80 39.86
CA LYS D 74 36.96 -34.06 40.45
C LYS D 74 35.53 -33.92 40.95
N LYS D 75 34.63 -34.75 40.45
CA LYS D 75 33.20 -34.72 40.82
C LYS D 75 32.49 -33.46 40.38
N GLY D 76 33.00 -32.77 39.37
CA GLY D 76 32.31 -31.63 38.80
C GLY D 76 31.54 -31.96 37.53
N PHE D 77 31.52 -33.24 37.15
CA PHE D 77 30.72 -33.75 36.05
C PHE D 77 31.14 -33.24 34.70
N ASN D 78 32.41 -32.93 34.56
CA ASN D 78 32.95 -32.28 33.35
C ASN D 78 32.33 -30.94 33.00
N ASN D 79 31.72 -30.28 33.96
CA ASN D 79 31.16 -28.92 33.79
C ASN D 79 32.21 -27.81 33.85
N ASN D 80 33.40 -28.16 34.38
CA ASN D 80 34.51 -27.22 34.47
C ASN D 80 35.81 -27.93 34.73
N SER D 81 36.90 -27.19 34.59
CA SER D 81 38.21 -27.74 34.77
C SER D 81 38.99 -26.91 35.74
N TYR D 82 40.11 -27.46 36.20
CA TYR D 82 40.99 -26.78 37.16
C TYR D 82 41.63 -25.52 36.57
N ASP D 83 41.78 -24.50 37.43
CA ASP D 83 42.48 -23.26 37.10
C ASP D 83 43.90 -23.35 37.74
N LEU D 84 44.87 -23.65 36.90
CA LEU D 84 46.23 -23.89 37.35
C LEU D 84 47.06 -22.62 37.26
N ARG D 85 47.80 -22.35 38.33
CA ARG D 85 48.68 -21.18 38.38
C ARG D 85 50.12 -21.63 38.57
N PRO D 86 50.75 -22.11 37.49
CA PRO D 86 52.13 -22.52 37.59
C PRO D 86 53.08 -21.34 37.78
N THR D 87 54.24 -21.60 38.37
CA THR D 87 55.28 -20.62 38.41
C THR D 87 56.20 -20.85 37.22
N VAL D 88 56.15 -22.01 36.60
CA VAL D 88 56.96 -22.33 35.41
C VAL D 88 56.12 -23.31 34.62
N TYR D 89 56.09 -23.17 33.30
CA TYR D 89 55.34 -24.11 32.49
C TYR D 89 55.82 -24.10 31.05
N LYS D 90 56.53 -25.16 30.68
CA LYS D 90 57.19 -25.25 29.39
C LYS D 90 56.92 -26.63 28.84
N ILE D 91 56.70 -26.70 27.53
CA ILE D 91 56.42 -27.92 26.87
C ILE D 91 57.30 -27.92 25.65
N LYS D 92 57.88 -29.07 25.34
CA LYS D 92 58.65 -29.26 24.10
CA LYS D 92 58.67 -29.27 24.12
C LYS D 92 58.22 -30.59 23.52
N SER D 93 57.90 -30.59 22.23
CA SER D 93 57.41 -31.82 21.60
C SER D 93 57.67 -31.78 20.12
N ASN D 94 57.79 -32.96 19.52
CA ASN D 94 57.84 -33.08 18.06
C ASN D 94 57.06 -34.28 17.60
N SER D 95 56.62 -34.22 16.34
CA SER D 95 55.97 -35.32 15.64
C SER D 95 56.34 -35.21 14.16
N LYS D 96 55.95 -36.19 13.36
CA LYS D 96 56.32 -36.17 11.94
C LYS D 96 55.66 -34.99 11.19
N GLU D 97 54.42 -34.69 11.53
CA GLU D 97 53.63 -33.70 10.81
C GLU D 97 52.56 -33.11 11.72
N LEU D 98 52.32 -31.81 11.60
CA LEU D 98 51.22 -31.17 12.33
C LEU D 98 50.19 -30.69 11.31
N LYS D 99 49.10 -31.44 11.19
CA LYS D 99 48.02 -31.07 10.29
C LYS D 99 47.07 -30.07 10.90
N GLU D 100 46.87 -30.19 12.22
CA GLU D 100 45.94 -29.32 12.92
C GLU D 100 46.30 -29.06 14.39
N LEU D 101 46.40 -27.78 14.74
CA LEU D 101 46.60 -27.30 16.10
C LEU D 101 45.30 -26.65 16.60
N ASN D 102 44.90 -27.04 17.80
CA ASN D 102 43.79 -26.40 18.52
C ASN D 102 44.35 -25.97 19.87
N THR D 103 44.54 -24.67 20.01
CA THR D 103 45.12 -24.11 21.17
C THR D 103 44.14 -23.10 21.80
N VAL D 104 44.00 -23.17 23.13
CA VAL D 104 43.07 -22.35 23.86
C VAL D 104 43.75 -21.86 25.14
N GLY D 105 43.71 -20.56 25.37
CA GLY D 105 44.32 -20.02 26.57
C GLY D 105 45.22 -18.87 26.28
N SER D 106 46.03 -18.57 27.28
CA SER D 106 46.97 -17.46 27.24
C SER D 106 48.39 -17.88 26.98
N GLY D 107 48.61 -19.13 26.61
CA GLY D 107 49.94 -19.63 26.39
C GLY D 107 50.48 -19.19 25.06
N SER D 108 51.64 -19.70 24.74
CA SER D 108 52.33 -19.34 23.53
C SER D 108 52.82 -20.60 22.81
N PHE D 109 52.54 -20.73 21.53
CA PHE D 109 52.90 -21.91 20.79
C PHE D 109 53.83 -21.49 19.69
N ILE D 110 55.08 -21.98 19.70
CA ILE D 110 56.15 -21.55 18.77
C ILE D 110 56.74 -22.69 17.97
N ILE D 111 56.82 -22.49 16.64
CA ILE D 111 57.54 -23.35 15.73
C ILE D 111 58.70 -22.53 15.18
N SER D 112 59.91 -23.02 15.31
CA SER D 112 61.08 -22.24 14.91
C SER D 112 61.90 -22.76 13.77
N LYS D 113 61.84 -24.04 13.49
CA LYS D 113 62.65 -24.57 12.40
C LYS D 113 61.92 -24.47 11.07
N PRO D 114 62.65 -24.63 9.96
CA PRO D 114 62.00 -24.67 8.65
C PRO D 114 61.02 -25.82 8.61
N THR D 115 59.81 -25.54 8.13
CA THR D 115 58.70 -26.46 8.23
C THR D 115 58.03 -26.54 6.89
N LYS D 116 57.90 -27.76 6.38
CA LYS D 116 57.28 -28.01 5.11
C LYS D 116 55.89 -28.56 5.41
N VAL D 117 54.87 -27.99 4.78
CA VAL D 117 53.49 -28.34 5.08
C VAL D 117 52.78 -28.76 3.82
N ASN D 118 51.86 -29.69 3.97
CA ASN D 118 50.87 -29.98 2.96
C ASN D 118 49.68 -29.09 3.30
N ARG D 119 48.87 -29.46 4.29
CA ARG D 119 47.88 -28.58 4.90
C ARG D 119 48.10 -28.47 6.39
N MSE D 120 48.35 -27.26 6.86
CA MSE D 120 48.42 -26.98 8.29
C MSE D 120 47.31 -26.02 8.63
O MSE D 120 47.15 -24.98 8.00
CB MSE D 120 49.74 -26.35 8.64
CG MSE D 120 49.90 -26.09 10.12
SE MSE D 120 51.59 -25.29 10.48
CE MSE D 120 52.61 -26.96 10.65
N GLU D 121 46.56 -26.37 9.68
CA GLU D 121 45.48 -25.56 10.18
C GLU D 121 45.71 -25.21 11.64
N ILE D 122 45.82 -23.93 11.92
CA ILE D 122 45.97 -23.43 13.27
C ILE D 122 44.67 -22.80 13.75
N ASN D 123 44.11 -23.35 14.84
CA ASN D 123 42.92 -22.82 15.49
C ASN D 123 43.25 -22.37 16.90
N MSE D 124 43.03 -21.10 17.17
CA MSE D 124 43.32 -20.53 18.46
C MSE D 124 42.11 -19.80 19.03
O MSE D 124 41.48 -19.04 18.34
CB MSE D 124 44.46 -19.57 18.39
CG MSE D 124 44.33 -18.46 19.50
SE MSE D 124 46.05 -18.14 20.18
CE MSE D 124 45.98 -19.28 21.83
N ALA D 125 41.85 -20.00 20.32
CA ALA D 125 40.86 -19.26 21.07
C ALA D 125 41.54 -18.69 22.31
N GLY D 126 41.33 -17.40 22.55
CA GLY D 126 41.89 -16.75 23.72
C GLY D 126 42.83 -15.59 23.43
N SER D 127 43.63 -15.31 24.46
CA SER D 127 44.46 -14.13 24.55
C SER D 127 45.91 -14.43 24.33
N GLY D 128 46.24 -15.70 24.13
CA GLY D 128 47.62 -16.09 23.94
C GLY D 128 48.11 -15.86 22.52
N ASN D 129 49.12 -16.63 22.11
CA ASN D 129 49.69 -16.48 20.77
C ASN D 129 50.27 -17.75 20.16
N VAL D 130 50.44 -17.69 18.84
CA VAL D 130 51.02 -18.74 18.07
C VAL D 130 52.00 -18.04 17.16
N GLU D 131 53.26 -18.49 17.14
CA GLU D 131 54.27 -17.97 16.25
C GLU D 131 54.94 -19.02 15.40
N LEU D 132 54.80 -18.85 14.09
CA LEU D 132 55.51 -19.62 13.10
C LEU D 132 56.73 -18.80 12.71
N ARG D 133 57.82 -19.02 13.43
CA ARG D 133 59.04 -18.22 13.26
C ARG D 133 59.91 -18.70 12.17
N GLY D 134 59.97 -20.00 11.98
CA GLY D 134 60.79 -20.54 10.89
C GLY D 134 60.05 -20.44 9.58
N PRO D 135 60.77 -20.60 8.47
CA PRO D 135 60.13 -20.56 7.18
C PRO D 135 59.16 -21.73 7.00
N VAL D 136 57.93 -21.43 6.62
CA VAL D 136 56.92 -22.43 6.34
C VAL D 136 56.72 -22.42 4.86
N LYS D 137 56.76 -23.61 4.26
CA LYS D 137 56.68 -23.72 2.81
C LYS D 137 55.80 -24.91 2.47
N GLY D 138 54.92 -24.72 1.48
CA GLY D 138 54.08 -25.78 0.99
C GLY D 138 52.76 -25.33 0.44
N TYR D 139 51.75 -26.17 0.60
CA TYR D 139 50.50 -26.01 -0.11
C TYR D 139 49.47 -25.09 0.58
N LYS D 140 49.11 -25.38 1.82
CA LYS D 140 48.08 -24.62 2.49
C LYS D 140 48.33 -24.39 3.98
N LEU D 141 48.24 -23.12 4.38
CA LEU D 141 48.22 -22.74 5.79
C LEU D 141 46.90 -22.04 6.05
N GLU D 142 46.28 -22.40 7.16
CA GLU D 142 45.04 -21.80 7.57
C GLU D 142 45.24 -21.33 9.01
N CYS D 143 45.05 -20.04 9.26
CA CYS D 143 45.16 -19.42 10.59
C CYS D 143 43.84 -18.83 11.06
N ASN D 144 43.24 -19.48 12.05
CA ASN D 144 41.95 -19.09 12.57
C ASN D 144 42.05 -18.76 14.02
N MSE D 145 41.48 -17.61 14.37
CA MSE D 145 41.38 -17.30 15.77
C MSE D 145 40.12 -16.58 16.17
O MSE D 145 39.46 -15.98 15.35
CB MSE D 145 42.58 -16.52 16.20
CG MSE D 145 42.74 -15.20 15.58
SE MSE D 145 43.87 -14.21 16.82
CE MSE D 145 43.19 -14.83 18.56
N ALA D 146 39.81 -16.74 17.44
CA ALA D 146 38.66 -16.13 18.10
C ALA D 146 39.18 -15.68 19.44
N GLY D 147 39.26 -14.37 19.63
CA GLY D 147 39.80 -13.84 20.87
C GLY D 147 40.63 -12.63 20.64
N SER D 148 41.34 -12.23 21.68
CA SER D 148 42.08 -11.00 21.73
C SER D 148 43.54 -11.21 21.51
N GLY D 149 43.95 -12.46 21.33
CA GLY D 149 45.35 -12.79 21.16
C GLY D 149 45.86 -12.60 19.74
N ASN D 150 46.92 -13.31 19.38
CA ASN D 150 47.50 -13.11 18.07
C ASN D 150 48.20 -14.31 17.46
N ILE D 151 48.20 -14.38 16.13
CA ILE D 151 48.95 -15.34 15.36
C ILE D 151 49.86 -14.55 14.46
N ILE D 152 51.14 -14.92 14.42
CA ILE D 152 52.08 -14.36 13.49
C ILE D 152 52.84 -15.48 12.78
N ALA D 153 52.96 -15.36 11.46
CA ALA D 153 53.74 -16.26 10.63
C ALA D 153 54.77 -15.37 9.95
N LYS D 154 56.03 -15.51 10.34
CA LYS D 154 57.08 -14.59 9.95
C LYS D 154 57.67 -14.81 8.58
N ASP D 155 57.44 -15.97 7.98
CA ASP D 155 58.14 -16.31 6.75
C ASP D 155 57.45 -17.48 6.06
N ILE D 156 56.43 -17.16 5.28
CA ILE D 156 55.64 -18.17 4.58
C ILE D 156 55.91 -18.14 3.07
N GLN D 157 55.76 -19.28 2.44
CA GLN D 157 55.85 -19.42 1.00
C GLN D 157 54.86 -20.50 0.63
N LEU D 158 53.65 -20.09 0.24
CA LEU D 158 52.53 -21.02 0.13
C LEU D 158 51.81 -20.92 -1.18
N ASP D 159 51.13 -21.98 -1.57
CA ASP D 159 50.14 -21.88 -2.63
C ASP D 159 48.88 -21.22 -2.13
N ASN D 160 48.43 -21.60 -0.93
CA ASN D 160 47.18 -21.09 -0.37
C ASN D 160 47.31 -20.67 1.09
N LEU D 161 46.73 -19.50 1.41
CA LEU D 161 46.69 -18.98 2.78
C LEU D 161 45.27 -18.57 3.10
N SER D 162 44.80 -18.94 4.27
CA SER D 162 43.50 -18.51 4.69
C SER D 162 43.52 -18.09 6.15
N CYS D 163 43.17 -16.83 6.44
CA CYS D 163 43.12 -16.31 7.79
C CYS D 163 41.73 -15.78 8.13
N SER D 164 41.20 -16.20 9.28
CA SER D 164 39.90 -15.81 9.78
C SER D 164 40.03 -15.46 11.22
N LEU D 165 39.57 -14.25 11.53
CA LEU D 165 39.71 -13.65 12.83
CA LEU D 165 39.71 -13.67 12.83
C LEU D 165 38.34 -13.23 13.32
N ALA D 166 37.93 -13.74 14.47
CA ALA D 166 36.71 -13.31 15.14
C ALA D 166 37.19 -12.59 16.39
N SER D 167 36.47 -11.53 16.75
CA SER D 167 36.76 -10.72 17.91
C SER D 167 37.88 -9.71 17.64
N SER D 168 38.67 -9.38 18.66
CA SER D 168 39.47 -8.17 18.67
C SER D 168 40.96 -8.34 18.50
N GLY D 169 41.42 -9.56 18.21
CA GLY D 169 42.83 -9.86 18.14
C GLY D 169 43.50 -9.51 16.81
N GLU D 170 44.57 -10.23 16.50
CA GLU D 170 45.39 -9.88 15.37
C GLU D 170 46.08 -11.09 14.73
N ILE D 171 46.09 -11.11 13.40
CA ILE D 171 46.85 -12.07 12.64
C ILE D 171 47.79 -11.25 11.76
N GLU D 172 49.06 -11.66 11.73
CA GLU D 172 50.07 -11.00 10.93
C GLU D 172 50.81 -12.08 10.15
N VAL D 173 50.97 -11.85 8.84
CA VAL D 173 51.59 -12.83 7.94
C VAL D 173 52.59 -12.11 7.03
N ILE D 174 53.75 -12.72 6.88
CA ILE D 174 54.86 -12.17 6.12
C ILE D 174 55.42 -13.26 5.21
N GLY D 175 55.51 -12.96 3.91
CA GLY D 175 56.08 -13.88 2.92
C GLY D 175 55.50 -13.69 1.53
N THR D 176 55.26 -14.82 0.86
CA THR D 176 54.63 -14.82 -0.45
CA THR D 176 54.65 -14.83 -0.47
C THR D 176 53.60 -15.94 -0.51
N VAL D 177 52.50 -15.69 -1.21
N VAL D 177 52.47 -15.68 -1.17
CA VAL D 177 51.44 -16.68 -1.34
CA VAL D 177 51.45 -16.69 -1.33
C VAL D 177 50.79 -16.50 -2.70
C VAL D 177 50.81 -16.50 -2.70
N ASP D 178 50.31 -17.58 -3.30
CA ASP D 178 49.62 -17.46 -4.57
C ASP D 178 48.20 -16.90 -4.33
N ARG D 179 47.41 -17.62 -3.53
CA ARG D 179 46.04 -17.23 -3.25
C ARG D 179 45.84 -17.06 -1.75
N ALA D 180 45.23 -15.92 -1.37
CA ALA D 180 45.02 -15.56 0.03
C ALA D 180 43.57 -15.21 0.26
N SER D 181 43.10 -15.59 1.44
CA SER D 181 41.79 -15.22 1.85
C SER D 181 41.87 -14.67 3.29
N PHE D 182 41.46 -13.42 3.49
CA PHE D 182 41.57 -12.73 4.77
C PHE D 182 40.19 -12.33 5.27
N ASN D 183 39.82 -12.73 6.48
CA ASN D 183 38.48 -12.48 7.02
C ASN D 183 38.52 -12.01 8.45
N VAL D 184 37.78 -10.93 8.71
CA VAL D 184 37.64 -10.39 10.04
C VAL D 184 36.16 -10.23 10.35
N ALA D 185 35.73 -10.76 11.50
CA ALA D 185 34.40 -10.54 12.04
C ALA D 185 34.56 -10.00 13.45
N GLY D 186 34.57 -8.69 13.58
CA GLY D 186 34.83 -8.02 14.85
C GLY D 186 35.75 -6.84 14.63
N SER D 187 36.35 -6.36 15.71
CA SER D 187 37.16 -5.14 15.68
C SER D 187 38.62 -5.40 15.43
N GLY D 188 38.99 -6.65 15.27
CA GLY D 188 40.41 -6.98 15.12
C GLY D 188 41.03 -6.64 13.78
N GLU D 189 42.25 -7.12 13.58
CA GLU D 189 43.06 -6.70 12.46
C GLU D 189 43.91 -7.82 11.85
N ILE D 190 43.97 -7.85 10.52
CA ILE D 190 44.92 -8.70 9.79
C ILE D 190 45.97 -7.75 9.18
N LYS D 191 47.22 -8.05 9.46
CA LYS D 191 48.36 -7.33 8.93
C LYS D 191 49.07 -8.18 7.89
N ALA D 192 48.93 -7.83 6.61
CA ALA D 192 49.46 -8.64 5.50
C ALA D 192 50.11 -7.80 4.39
N PHE D 193 50.48 -6.55 4.68
CA PHE D 193 51.18 -5.72 3.69
C PHE D 193 52.46 -6.38 3.18
N ASP D 194 53.10 -7.16 4.04
CA ASP D 194 54.34 -7.84 3.68
C ASP D 194 54.14 -9.27 3.27
N CYS D 195 52.89 -9.63 2.96
CA CYS D 195 52.59 -10.93 2.41
C CYS D 195 52.12 -10.72 0.99
N GLN D 196 53.01 -10.97 0.04
CA GLN D 196 52.70 -10.75 -1.37
C GLN D 196 51.83 -11.84 -1.95
N ALA D 197 50.56 -11.53 -2.18
CA ALA D 197 49.60 -12.45 -2.79
C ALA D 197 49.43 -12.13 -4.27
N ARG D 198 49.28 -13.14 -5.12
CA ARG D 198 48.87 -12.87 -6.49
C ARG D 198 47.40 -12.44 -6.52
N LYS D 199 46.55 -13.25 -5.89
CA LYS D 199 45.13 -13.00 -5.76
C LYS D 199 44.74 -13.05 -4.31
N ALA D 200 43.97 -12.07 -3.87
CA ALA D 200 43.51 -12.02 -2.48
C ALA D 200 42.03 -11.68 -2.42
N GLU D 201 41.36 -12.28 -1.44
CA GLU D 201 40.00 -11.93 -1.12
C GLU D 201 39.96 -11.46 0.33
N CYS D 202 39.37 -10.28 0.57
CA CYS D 202 39.26 -9.69 1.87
C CYS D 202 37.81 -9.47 2.25
N ASN D 203 37.44 -9.91 3.46
CA ASN D 203 36.10 -9.71 4.00
C ASN D 203 36.11 -9.17 5.39
N ILE D 204 35.40 -8.07 5.62
CA ILE D 204 35.25 -7.54 6.95
C ILE D 204 33.79 -7.40 7.29
N ALA D 205 33.43 -7.93 8.45
CA ALA D 205 32.15 -7.69 9.09
C ALA D 205 32.43 -6.89 10.36
N SER D 206 31.72 -5.76 10.53
CA SER D 206 31.89 -4.90 11.68
C SER D 206 33.06 -3.94 11.44
N SER D 207 33.84 -3.65 12.47
CA SER D 207 34.74 -2.50 12.49
C SER D 207 36.22 -2.82 12.30
N GLY D 208 36.55 -4.07 11.99
CA GLY D 208 37.91 -4.48 11.80
C GLY D 208 38.64 -3.91 10.60
N GLU D 209 39.90 -4.32 10.44
CA GLU D 209 40.80 -3.83 9.42
C GLU D 209 41.65 -4.93 8.81
N ILE D 210 41.90 -4.83 7.49
CA ILE D 210 42.81 -5.68 6.78
C ILE D 210 43.74 -4.81 5.95
N SER D 211 45.04 -5.06 6.06
CA SER D 211 46.06 -4.45 5.21
C SER D 211 46.58 -5.57 4.32
N VAL D 212 46.47 -5.39 3.01
CA VAL D 212 46.73 -6.46 2.06
C VAL D 212 47.59 -5.99 0.91
N TYR D 213 48.38 -6.92 0.37
CA TYR D 213 49.23 -6.68 -0.76
C TYR D 213 48.90 -7.75 -1.77
N ALA D 214 48.22 -7.38 -2.85
CA ALA D 214 47.84 -8.28 -3.92
C ALA D 214 48.37 -7.72 -5.21
N THR D 215 48.91 -8.57 -6.07
CA THR D 215 49.52 -8.09 -7.28
C THR D 215 48.64 -8.14 -8.52
N GLN D 216 47.75 -9.12 -8.61
CA GLN D 216 46.92 -9.30 -9.80
C GLN D 216 45.42 -9.06 -9.56
N ILE D 217 44.85 -9.74 -8.56
CA ILE D 217 43.41 -9.65 -8.28
C ILE D 217 43.13 -9.40 -6.80
N LEU D 218 42.27 -8.45 -6.50
CA LEU D 218 41.89 -8.15 -5.13
C LEU D 218 40.39 -8.03 -5.09
N ASP D 219 39.79 -8.79 -4.20
CA ASP D 219 38.39 -8.76 -3.99
C ASP D 219 38.15 -8.26 -2.57
N ALA D 220 37.66 -7.01 -2.48
CA ALA D 220 37.55 -6.26 -1.24
C ALA D 220 36.07 -6.08 -0.86
N ASN D 221 35.67 -6.67 0.27
CA ASN D 221 34.28 -6.64 0.76
C ASN D 221 34.18 -6.19 2.23
N ILE D 222 33.33 -5.20 2.51
CA ILE D 222 33.16 -4.69 3.87
C ILE D 222 31.67 -4.58 4.14
N VAL D 223 31.25 -5.11 5.30
CA VAL D 223 29.91 -4.92 5.79
C VAL D 223 30.06 -4.34 7.19
N GLY D 224 29.93 -3.03 7.31
CA GLY D 224 30.15 -2.31 8.55
C GLY D 224 31.05 -1.09 8.32
N SER D 225 31.73 -0.68 9.39
CA SER D 225 32.57 0.52 9.42
C SER D 225 34.05 0.24 9.27
N GLY D 226 34.43 -1.01 9.00
CA GLY D 226 35.81 -1.39 8.87
C GLY D 226 36.54 -0.88 7.63
N GLU D 227 37.82 -1.23 7.52
CA GLU D 227 38.67 -0.69 6.49
C GLU D 227 39.65 -1.71 5.89
N ILE D 228 39.76 -1.65 4.56
CA ILE D 228 40.74 -2.38 3.77
C ILE D 228 41.74 -1.37 3.19
N HIS D 229 43.02 -1.59 3.51
CA HIS D 229 44.13 -0.81 2.98
C HIS D 229 44.87 -1.76 2.07
N TYR D 230 45.12 -1.37 0.81
CA TYR D 230 45.86 -2.22 -0.07
C TYR D 230 47.02 -1.61 -0.80
N LYS D 231 48.00 -2.46 -1.12
CA LYS D 231 49.11 -2.04 -1.97
C LYS D 231 49.25 -3.03 -3.09
N GLY D 232 50.11 -2.71 -4.05
CA GLY D 232 50.19 -3.44 -5.31
C GLY D 232 49.29 -2.73 -6.32
N ASP D 233 49.28 -3.22 -7.54
CA ASP D 233 48.39 -2.70 -8.58
C ASP D 233 47.50 -3.78 -9.14
N PRO D 234 46.74 -4.44 -8.28
CA PRO D 234 45.83 -5.44 -8.81
C PRO D 234 44.59 -4.80 -9.41
N GLU D 235 43.78 -5.62 -10.06
CA GLU D 235 42.42 -5.26 -10.40
C GLU D 235 41.58 -5.51 -9.16
N ILE D 236 40.97 -4.43 -8.64
CA ILE D 236 40.17 -4.50 -7.43
C ILE D 236 38.66 -4.55 -7.74
N SER D 237 37.95 -5.46 -7.08
CA SER D 237 36.49 -5.46 -7.03
C SER D 237 36.11 -4.99 -5.65
N LYS D 238 35.31 -3.95 -5.60
CA LYS D 238 34.97 -3.27 -4.38
C LYS D 238 33.53 -3.57 -4.00
N SER D 239 33.29 -3.73 -2.71
CA SER D 239 31.92 -3.81 -2.23
C SER D 239 31.87 -3.35 -0.77
N ILE D 240 31.18 -2.25 -0.52
CA ILE D 240 31.07 -1.69 0.83
C ILE D 240 29.59 -1.51 1.15
N MSE D 241 29.13 -2.13 2.22
CA MSE D 241 27.82 -1.82 2.75
C MSE D 241 28.06 -1.31 4.17
O MSE D 241 28.35 -2.09 5.07
CB MSE D 241 26.90 -3.04 2.74
CG MSE D 241 25.53 -2.74 3.19
SE MSE D 241 24.48 -4.35 3.54
CE MSE D 241 24.18 -4.84 1.66
N GLY D 242 27.95 0.00 4.33
CA GLY D 242 28.22 0.65 5.60
C GLY D 242 29.12 1.86 5.45
N SER D 243 29.62 2.36 6.56
CA SER D 243 30.45 3.55 6.55
C SER D 243 31.91 3.24 6.35
N GLY D 244 32.26 1.97 6.08
CA GLY D 244 33.65 1.60 5.89
C GLY D 244 34.31 2.14 4.63
N SER D 245 35.58 1.80 4.44
CA SER D 245 36.34 2.33 3.31
C SER D 245 37.49 1.47 2.85
N ILE D 246 37.82 1.67 1.59
CA ILE D 246 38.93 1.05 0.91
C ILE D 246 39.88 2.16 0.52
N ASN D 247 41.16 1.99 0.78
CA ASN D 247 42.18 2.95 0.33
C ASN D 247 43.45 2.26 -0.13
N LYS D 248 44.01 2.79 -1.22
CA LYS D 248 45.21 2.24 -1.81
C LYS D 248 46.39 3.01 -1.25
N VAL D 249 47.48 2.33 -0.97
CA VAL D 249 48.67 2.98 -0.44
C VAL D 249 49.84 2.57 -1.31
N LYS D 250 50.90 3.38 -1.28
CA LYS D 250 52.14 3.02 -1.97
C LYS D 250 52.91 1.91 -1.24
N ASP E 4 -0.93 -24.52 -33.43
CA ASP E 4 -2.40 -24.68 -33.57
C ASP E 4 -3.19 -23.66 -32.75
N LYS E 5 -2.92 -23.52 -31.44
CA LYS E 5 -3.83 -22.75 -30.57
CA LYS E 5 -3.81 -22.77 -30.54
C LYS E 5 -3.66 -21.23 -30.57
N ARG E 6 -2.43 -20.72 -30.51
CA ARG E 6 -2.19 -19.28 -30.48
C ARG E 6 -1.87 -18.69 -31.86
N ILE E 7 -2.56 -17.64 -32.27
CA ILE E 7 -2.31 -17.03 -33.58
C ILE E 7 -2.04 -15.52 -33.40
N ASP E 8 -0.86 -15.10 -33.82
CA ASP E 8 -0.50 -13.69 -33.71
C ASP E 8 -0.90 -12.93 -34.96
N GLY E 9 -1.42 -11.73 -34.77
CA GLY E 9 -1.70 -10.81 -35.87
C GLY E 9 -0.44 -10.47 -36.62
N ASN E 10 -0.52 -10.41 -37.96
CA ASN E 10 0.68 -10.15 -38.75
C ASN E 10 1.03 -8.67 -38.82
N GLY E 11 0.22 -7.82 -38.19
CA GLY E 11 0.44 -6.37 -38.17
C GLY E 11 -0.05 -5.59 -39.38
N ASN E 12 -0.92 -6.18 -40.19
CA ASN E 12 -1.48 -5.56 -41.39
C ASN E 12 -2.99 -5.49 -41.22
N PRO E 13 -3.48 -4.41 -40.63
CA PRO E 13 -4.91 -4.37 -40.33
C PRO E 13 -5.76 -4.24 -41.57
N GLU E 14 -6.83 -5.02 -41.60
CA GLU E 14 -7.82 -4.96 -42.66
C GLU E 14 -9.23 -4.70 -42.08
N THR E 15 -9.98 -3.87 -42.77
CA THR E 15 -11.36 -3.59 -42.44
C THR E 15 -12.27 -4.28 -43.45
N ARG E 16 -13.21 -5.07 -42.92
CA ARG E 16 -14.27 -5.68 -43.72
C ARG E 16 -15.65 -5.26 -43.26
N GLU E 17 -16.45 -4.77 -44.19
CA GLU E 17 -17.85 -4.53 -43.95
C GLU E 17 -18.53 -5.84 -44.30
N ILE E 18 -19.28 -6.39 -43.37
CA ILE E 18 -19.85 -7.72 -43.47
C ILE E 18 -21.36 -7.59 -43.54
N LYS E 19 -21.91 -8.24 -44.56
CA LYS E 19 -23.34 -8.18 -44.85
C LYS E 19 -24.09 -8.94 -43.78
N ILE E 20 -25.02 -8.29 -43.11
CA ILE E 20 -25.78 -8.95 -42.05
C ILE E 20 -27.25 -8.53 -42.08
N SER E 21 -28.12 -9.40 -41.60
CA SER E 21 -29.50 -9.06 -41.30
C SER E 21 -29.58 -8.46 -39.90
N ASP E 22 -30.79 -8.02 -39.57
CA ASP E 22 -31.01 -7.48 -38.28
C ASP E 22 -30.85 -8.54 -37.19
N TYR E 23 -30.51 -8.08 -36.01
CA TYR E 23 -30.34 -8.96 -34.89
C TYR E 23 -30.81 -8.24 -33.63
N ASP E 24 -31.24 -9.03 -32.65
CA ASP E 24 -31.62 -8.53 -31.34
C ASP E 24 -30.79 -9.08 -30.21
N GLU E 25 -29.75 -9.81 -30.57
CA GLU E 25 -28.87 -10.37 -29.57
C GLU E 25 -27.47 -10.50 -30.11
N ILE E 26 -26.49 -10.39 -29.21
CA ILE E 26 -25.08 -10.45 -29.53
C ILE E 26 -24.38 -11.47 -28.65
N THR E 27 -23.63 -12.36 -29.31
CA THR E 27 -22.66 -13.20 -28.66
C THR E 27 -21.32 -12.67 -29.13
N PHE E 28 -20.57 -12.05 -28.23
CA PHE E 28 -19.25 -11.52 -28.52
C PHE E 28 -18.20 -12.15 -27.61
N VAL E 29 -17.21 -12.82 -28.19
CA VAL E 29 -16.11 -13.34 -27.42
C VAL E 29 -14.85 -12.73 -27.99
N GLY E 30 -14.02 -12.16 -27.13
CA GLY E 30 -12.72 -11.65 -27.58
C GLY E 30 -12.31 -10.32 -26.97
N SER E 31 -11.21 -9.80 -27.48
CA SER E 31 -10.54 -8.65 -26.90
C SER E 31 -10.82 -7.34 -27.63
N ALA E 32 -11.75 -7.34 -28.57
CA ALA E 32 -11.99 -6.13 -29.38
C ALA E 32 -12.50 -4.94 -28.58
N ASP E 33 -12.31 -3.75 -29.14
CA ASP E 33 -13.16 -2.63 -28.79
C ASP E 33 -14.34 -2.68 -29.74
N PHE E 34 -15.53 -2.88 -29.18
CA PHE E 34 -16.75 -3.09 -29.92
C PHE E 34 -17.63 -1.90 -29.59
N GLU E 35 -17.97 -1.14 -30.60
CA GLU E 35 -18.92 -0.07 -30.49
C GLU E 35 -20.25 -0.49 -31.08
N TYR E 36 -21.32 -0.33 -30.31
CA TYR E 36 -22.63 -0.74 -30.75
C TYR E 36 -23.60 0.39 -30.51
N GLU E 37 -24.58 0.52 -31.39
CA GLU E 37 -25.71 1.42 -31.20
C GLU E 37 -26.98 0.77 -31.72
N GLN E 38 -28.10 1.17 -31.11
CA GLN E 38 -29.40 0.88 -31.66
C GLN E 38 -29.66 1.97 -32.71
N SER E 39 -30.16 1.58 -33.85
CA SER E 39 -30.44 2.52 -34.93
C SER E 39 -31.56 1.99 -35.76
N ASP E 40 -32.29 2.89 -36.36
CA ASP E 40 -33.35 2.52 -37.29
C ASP E 40 -32.85 2.42 -38.71
N LYS E 41 -31.55 2.64 -38.94
CA LYS E 41 -30.97 2.42 -40.25
C LYS E 41 -30.74 0.94 -40.51
N ALA E 42 -30.34 0.61 -41.73
CA ALA E 42 -30.03 -0.76 -42.08
C ALA E 42 -29.03 -1.32 -41.07
N PRO E 43 -29.19 -2.58 -40.71
CA PRO E 43 -28.15 -3.17 -39.87
C PRO E 43 -26.79 -3.17 -40.57
N TYR E 44 -25.75 -3.09 -39.76
CA TYR E 44 -24.40 -2.82 -40.23
C TYR E 44 -23.39 -3.51 -39.35
N LEU E 45 -22.37 -4.07 -39.98
CA LEU E 45 -21.21 -4.60 -39.29
C LEU E 45 -19.91 -4.30 -40.02
N SER E 46 -18.95 -3.79 -39.26
CA SER E 46 -17.58 -3.61 -39.71
C SER E 46 -16.61 -4.18 -38.69
N VAL E 47 -15.63 -4.92 -39.16
CA VAL E 47 -14.58 -5.50 -38.33
C VAL E 47 -13.22 -5.15 -38.87
N THR E 48 -12.36 -4.62 -38.00
CA THR E 48 -10.97 -4.33 -38.36
C THR E 48 -10.08 -5.18 -37.48
N ILE E 49 -9.25 -5.99 -38.11
CA ILE E 49 -8.32 -6.85 -37.38
C ILE E 49 -7.17 -7.19 -38.33
N ASP E 50 -6.06 -7.64 -37.77
CA ASP E 50 -4.96 -8.12 -38.61
C ASP E 50 -5.54 -9.04 -39.67
N GLU E 51 -5.13 -8.82 -40.92
CA GLU E 51 -5.70 -9.53 -42.06
C GLU E 51 -5.67 -11.06 -41.90
N ASN E 52 -4.63 -11.57 -41.29
CA ASN E 52 -4.52 -13.02 -41.13
C ASN E 52 -5.50 -13.61 -40.12
N LEU E 53 -6.02 -12.79 -39.19
CA LEU E 53 -6.86 -13.32 -38.15
C LEU E 53 -8.34 -13.55 -38.60
N PHE E 54 -8.76 -13.00 -39.75
CA PHE E 54 -10.15 -13.19 -40.23
C PHE E 54 -10.47 -14.66 -40.42
N ASP E 55 -9.47 -15.43 -40.85
CA ASP E 55 -9.63 -16.84 -41.07
C ASP E 55 -9.91 -17.64 -39.78
N TYR E 56 -9.63 -17.08 -38.61
CA TYR E 56 -9.80 -17.76 -37.35
C TYR E 56 -11.00 -17.24 -36.60
N LEU E 57 -11.83 -16.45 -37.26
CA LEU E 57 -12.88 -15.68 -36.56
C LEU E 57 -14.22 -16.01 -37.19
N VAL E 58 -15.24 -16.26 -36.40
CA VAL E 58 -16.62 -16.30 -36.89
C VAL E 58 -17.19 -14.89 -36.74
N THR E 59 -17.80 -14.38 -37.80
CA THR E 59 -18.47 -13.08 -37.79
C THR E 59 -19.70 -13.18 -38.66
N GLU E 60 -20.86 -13.36 -38.05
CA GLU E 60 -22.10 -13.48 -38.80
C GLU E 60 -23.33 -13.28 -37.93
N VAL E 61 -24.46 -13.11 -38.61
CA VAL E 61 -25.76 -13.02 -37.97
C VAL E 61 -26.54 -14.26 -38.36
N GLU E 62 -27.00 -14.97 -37.37
CA GLU E 62 -27.73 -16.21 -37.57
C GLU E 62 -28.81 -16.31 -36.52
N GLY E 63 -30.04 -16.57 -36.98
CA GLY E 63 -31.18 -16.61 -36.07
C GLY E 63 -31.36 -15.30 -35.29
N GLY E 64 -31.18 -14.16 -35.96
CA GLY E 64 -31.27 -12.86 -35.27
C GLY E 64 -30.27 -12.65 -34.15
N THR E 65 -29.16 -13.38 -34.19
CA THR E 65 -28.08 -13.22 -33.24
C THR E 65 -26.76 -12.94 -33.97
N LEU E 66 -26.16 -11.79 -33.70
CA LEU E 66 -24.80 -11.48 -34.15
C LEU E 66 -23.81 -12.29 -33.31
N LYS E 67 -22.98 -13.06 -33.99
CA LYS E 67 -22.00 -13.89 -33.37
C LYS E 67 -20.65 -13.50 -33.87
N ILE E 68 -19.78 -13.13 -32.93
CA ILE E 68 -18.40 -12.79 -33.23
C ILE E 68 -17.55 -13.46 -32.17
N TYR E 69 -16.75 -14.46 -32.60
CA TYR E 69 -15.93 -15.20 -31.67
C TYR E 69 -14.86 -16.05 -32.41
N PRO E 70 -13.77 -16.39 -31.73
CA PRO E 70 -12.79 -17.22 -32.42
C PRO E 70 -13.31 -18.63 -32.71
N LYS E 71 -12.97 -19.14 -33.88
CA LYS E 71 -13.32 -20.52 -34.25
C LYS E 71 -12.77 -21.56 -33.27
N SER E 72 -13.50 -22.66 -33.19
CA SER E 72 -12.95 -23.86 -32.57
C SER E 72 -11.70 -24.32 -33.28
N ILE E 73 -10.77 -24.90 -32.52
CA ILE E 73 -9.53 -25.35 -33.14
C ILE E 73 -9.85 -26.47 -34.10
N LYS E 74 -9.30 -26.33 -35.31
CA LYS E 74 -9.49 -27.30 -36.38
C LYS E 74 -9.08 -28.68 -35.87
N LYS E 75 -10.02 -29.62 -35.91
CA LYS E 75 -9.82 -30.99 -35.45
C LYS E 75 -9.59 -31.13 -33.96
N GLY E 76 -10.03 -30.14 -33.17
CA GLY E 76 -10.00 -30.30 -31.73
C GLY E 76 -11.37 -30.59 -31.13
N PHE E 77 -12.34 -30.91 -31.98
CA PHE E 77 -13.64 -31.43 -31.59
C PHE E 77 -14.50 -30.47 -30.79
N ASN E 78 -14.31 -29.19 -31.02
CA ASN E 78 -14.93 -28.14 -30.20
C ASN E 78 -14.57 -28.16 -28.71
N ASN E 79 -13.47 -28.82 -28.34
CA ASN E 79 -13.00 -28.77 -26.94
C ASN E 79 -12.32 -27.45 -26.53
N ASN E 80 -11.95 -26.65 -27.53
CA ASN E 80 -11.20 -25.40 -27.36
C ASN E 80 -11.23 -24.57 -28.63
N SER E 81 -10.78 -23.33 -28.49
CA SER E 81 -10.83 -22.39 -29.55
C SER E 81 -9.50 -21.66 -29.63
N TYR E 82 -9.27 -21.00 -30.77
CA TYR E 82 -8.01 -20.30 -31.00
C TYR E 82 -7.83 -19.15 -30.02
N ASP E 83 -6.58 -18.95 -29.63
CA ASP E 83 -6.11 -17.81 -28.84
C ASP E 83 -5.51 -16.76 -29.79
N LEU E 84 -6.33 -15.76 -30.12
CA LEU E 84 -5.92 -14.73 -31.09
C LEU E 84 -5.23 -13.58 -30.40
N ARG E 85 -4.10 -13.14 -30.96
CA ARG E 85 -3.37 -12.00 -30.42
C ARG E 85 -3.29 -10.91 -31.48
N PRO E 86 -4.36 -10.12 -31.62
CA PRO E 86 -4.31 -9.08 -32.66
C PRO E 86 -3.45 -7.92 -32.26
N THR E 87 -2.94 -7.18 -33.25
CA THR E 87 -2.31 -5.89 -32.97
C THR E 87 -3.38 -4.80 -33.00
N VAL E 88 -4.51 -5.04 -33.67
CA VAL E 88 -5.60 -4.09 -33.72
C VAL E 88 -6.86 -4.91 -33.81
N TYR E 89 -7.93 -4.53 -33.09
CA TYR E 89 -9.22 -5.25 -33.20
C TYR E 89 -10.36 -4.33 -32.76
N LYS E 90 -11.12 -3.90 -33.76
CA LYS E 90 -12.22 -2.97 -33.56
C LYS E 90 -13.43 -3.52 -34.30
N ILE E 91 -14.58 -3.35 -33.68
CA ILE E 91 -15.83 -3.76 -34.26
C ILE E 91 -16.78 -2.58 -34.11
N LYS E 92 -17.52 -2.31 -35.18
CA LYS E 92 -18.59 -1.31 -35.17
CA LYS E 92 -18.58 -1.30 -35.18
C LYS E 92 -19.85 -1.98 -35.73
N SER E 93 -20.97 -1.87 -35.02
CA SER E 93 -22.20 -2.50 -35.51
C SER E 93 -23.39 -1.77 -34.98
N ASN E 94 -24.51 -1.94 -35.69
CA ASN E 94 -25.79 -1.49 -35.17
C ASN E 94 -26.92 -2.41 -35.62
N SER E 95 -27.98 -2.45 -34.82
CA SER E 95 -29.23 -3.12 -35.20
C SER E 95 -30.40 -2.31 -34.66
N LYS E 96 -31.64 -2.74 -34.88
CA LYS E 96 -32.78 -1.97 -34.41
C LYS E 96 -32.86 -1.94 -32.88
N GLU E 97 -32.54 -3.06 -32.25
CA GLU E 97 -32.74 -3.23 -30.82
C GLU E 97 -31.79 -4.26 -30.26
N LEU E 98 -31.26 -4.02 -29.06
CA LEU E 98 -30.42 -5.00 -28.37
C LEU E 98 -31.14 -5.46 -27.10
N LYS E 99 -31.70 -6.67 -27.18
CA LYS E 99 -32.46 -7.25 -26.06
C LYS E 99 -31.52 -7.96 -25.17
N GLU E 100 -30.50 -8.60 -25.75
CA GLU E 100 -29.53 -9.32 -24.95
C GLU E 100 -28.12 -9.38 -25.49
N LEU E 101 -27.18 -9.06 -24.62
CA LEU E 101 -25.76 -9.11 -24.93
C LEU E 101 -25.12 -10.15 -24.05
N ASN E 102 -24.39 -11.06 -24.66
CA ASN E 102 -23.55 -12.01 -23.99
C ASN E 102 -22.12 -11.77 -24.46
N THR E 103 -21.29 -11.32 -23.56
CA THR E 103 -19.95 -10.94 -23.88
C THR E 103 -18.98 -11.66 -22.95
N VAL E 104 -17.89 -12.18 -23.51
CA VAL E 104 -16.93 -12.96 -22.76
C VAL E 104 -15.53 -12.57 -23.18
N GLY E 105 -14.70 -12.22 -22.23
CA GLY E 105 -13.29 -11.98 -22.54
C GLY E 105 -12.80 -10.69 -21.94
N SER E 106 -11.78 -10.15 -22.55
CA SER E 106 -11.09 -8.99 -22.04
C SER E 106 -11.40 -7.76 -22.86
N GLY E 107 -12.35 -7.85 -23.75
CA GLY E 107 -12.65 -6.75 -24.63
C GLY E 107 -13.51 -5.68 -23.97
N SER E 108 -13.86 -4.66 -24.76
CA SER E 108 -14.59 -3.53 -24.31
C SER E 108 -15.81 -3.30 -25.19
N PHE E 109 -17.01 -3.28 -24.62
CA PHE E 109 -18.25 -3.09 -25.39
C PHE E 109 -18.86 -1.77 -24.95
N ILE E 110 -19.04 -0.84 -25.88
CA ILE E 110 -19.46 0.54 -25.58
C ILE E 110 -20.69 0.95 -26.36
N ILE E 111 -21.70 1.45 -25.67
CA ILE E 111 -22.84 2.13 -26.32
C ILE E 111 -22.72 3.61 -25.93
N SER E 112 -22.69 4.49 -26.92
CA SER E 112 -22.50 5.94 -26.68
C SER E 112 -23.70 6.83 -26.89
N LYS E 113 -24.62 6.42 -27.73
CA LYS E 113 -25.77 7.25 -28.05
C LYS E 113 -26.95 7.01 -27.14
N PRO E 114 -27.95 7.92 -27.15
CA PRO E 114 -29.14 7.70 -26.35
C PRO E 114 -29.86 6.43 -26.80
N THR E 115 -30.30 5.62 -25.84
CA THR E 115 -30.74 4.26 -26.11
C THR E 115 -32.04 4.01 -25.34
N LYS E 116 -33.11 3.78 -26.09
CA LYS E 116 -34.40 3.45 -25.55
C LYS E 116 -34.50 1.93 -25.43
N VAL E 117 -34.81 1.44 -24.23
CA VAL E 117 -34.93 0.00 -23.99
C VAL E 117 -36.34 -0.37 -23.52
N ASN E 118 -36.77 -1.54 -23.94
CA ASN E 118 -37.90 -2.21 -23.33
C ASN E 118 -37.23 -3.06 -22.24
N ARG E 119 -36.68 -4.21 -22.61
CA ARG E 119 -35.87 -5.01 -21.71
CA ARG E 119 -35.88 -5.01 -21.71
C ARG E 119 -34.53 -5.27 -22.34
N MSE E 120 -33.47 -4.84 -21.68
CA MSE E 120 -32.13 -5.09 -22.13
C MSE E 120 -31.41 -5.89 -21.05
O MSE E 120 -31.36 -5.46 -19.87
CB MSE E 120 -31.40 -3.78 -22.40
CG MSE E 120 -29.90 -4.00 -22.62
SE MSE E 120 -28.91 -2.37 -23.06
CE MSE E 120 -29.50 -2.04 -24.90
N GLU E 121 -30.84 -7.01 -21.45
CA GLU E 121 -30.03 -7.82 -20.54
C GLU E 121 -28.60 -7.92 -21.02
N ILE E 122 -27.67 -7.63 -20.12
CA ILE E 122 -26.24 -7.66 -20.39
C ILE E 122 -25.62 -8.74 -19.52
N ASN E 123 -24.98 -9.73 -20.13
CA ASN E 123 -24.25 -10.78 -19.42
C ASN E 123 -22.79 -10.76 -19.82
N MSE E 124 -21.92 -10.57 -18.84
CA MSE E 124 -20.48 -10.54 -19.10
C MSE E 124 -19.75 -11.56 -18.25
O MSE E 124 -20.01 -11.65 -17.06
CB MSE E 124 -19.92 -9.16 -18.81
CG MSE E 124 -18.41 -9.20 -18.33
SE MSE E 124 -17.57 -7.87 -19.37
CE MSE E 124 -16.39 -9.09 -20.46
N ALA E 125 -18.80 -12.28 -18.86
CA ALA E 125 -17.88 -13.10 -18.10
C ALA E 125 -16.45 -12.67 -18.43
N GLY E 126 -15.60 -12.54 -17.42
CA GLY E 126 -14.21 -12.18 -17.68
C GLY E 126 -13.77 -10.83 -17.17
N SER E 127 -12.66 -10.37 -17.73
CA SER E 127 -11.90 -9.27 -17.21
C SER E 127 -12.14 -7.99 -17.95
N GLY E 128 -12.87 -8.04 -19.04
CA GLY E 128 -13.17 -6.86 -19.83
C GLY E 128 -14.25 -5.94 -19.22
N ASN E 129 -14.86 -5.13 -20.09
CA ASN E 129 -15.87 -4.15 -19.70
C ASN E 129 -17.01 -3.90 -20.70
N VAL E 130 -18.15 -3.51 -20.14
CA VAL E 130 -19.27 -3.04 -20.85
C VAL E 130 -19.57 -1.67 -20.29
N GLU E 131 -19.68 -0.66 -21.17
CA GLU E 131 -20.06 0.69 -20.76
C GLU E 131 -21.22 1.20 -21.55
N LEU E 132 -22.28 1.52 -20.85
CA LEU E 132 -23.43 2.19 -21.39
C LEU E 132 -23.23 3.65 -21.05
N ARG E 133 -22.56 4.36 -21.93
CA ARG E 133 -22.21 5.79 -21.69
C ARG E 133 -23.34 6.72 -22.04
N GLY E 134 -24.08 6.39 -23.08
CA GLY E 134 -25.22 7.19 -23.49
C GLY E 134 -26.38 7.03 -22.52
N PRO E 135 -27.31 7.99 -22.55
CA PRO E 135 -28.49 7.89 -21.71
C PRO E 135 -29.35 6.69 -22.09
N VAL E 136 -29.60 5.78 -21.13
CA VAL E 136 -30.48 4.63 -21.32
C VAL E 136 -31.79 4.92 -20.60
N LYS E 137 -32.89 4.76 -21.31
CA LYS E 137 -34.20 5.07 -20.79
C LYS E 137 -35.21 4.00 -21.20
N GLY E 138 -36.02 3.56 -20.25
CA GLY E 138 -37.04 2.56 -20.51
C GLY E 138 -37.41 1.70 -19.32
N TYR E 139 -37.85 0.48 -19.59
CA TYR E 139 -38.53 -0.34 -18.62
C TYR E 139 -37.59 -1.12 -17.71
N LYS E 140 -36.70 -1.92 -18.29
CA LYS E 140 -35.83 -2.75 -17.50
C LYS E 140 -34.44 -2.95 -18.10
N LEU E 141 -33.44 -2.81 -17.25
CA LEU E 141 -32.07 -3.16 -17.56
C LEU E 141 -31.61 -4.20 -16.55
N GLU E 142 -30.94 -5.24 -17.03
CA GLU E 142 -30.35 -6.22 -16.16
C GLU E 142 -28.88 -6.33 -16.50
N CYS E 143 -28.00 -6.18 -15.50
CA CYS E 143 -26.54 -6.27 -15.68
C CYS E 143 -25.98 -7.40 -14.84
N ASN E 144 -25.57 -8.49 -15.49
CA ASN E 144 -25.04 -9.64 -14.82
C ASN E 144 -23.60 -9.83 -15.20
N MSE E 145 -22.76 -9.96 -14.21
CA MSE E 145 -21.42 -10.35 -14.48
C MSE E 145 -20.81 -11.37 -13.57
O MSE E 145 -21.16 -11.46 -12.36
CB MSE E 145 -20.55 -9.16 -14.56
CG MSE E 145 -20.47 -8.34 -13.38
SE MSE E 145 -18.69 -7.50 -13.59
CE MSE E 145 -18.45 -7.67 -15.51
N ALA E 146 -19.91 -12.15 -14.18
CA ALA E 146 -19.12 -13.11 -13.47
C ALA E 146 -17.68 -12.88 -13.88
N GLY E 147 -16.86 -12.42 -12.93
CA GLY E 147 -15.44 -12.23 -13.24
C GLY E 147 -14.89 -10.98 -12.59
N SER E 148 -13.73 -10.57 -13.06
CA SER E 148 -12.97 -9.53 -12.42
C SER E 148 -13.15 -8.19 -13.12
N GLY E 149 -13.91 -8.19 -14.19
CA GLY E 149 -14.11 -7.02 -15.02
C GLY E 149 -15.19 -6.12 -14.46
N ASN E 150 -15.73 -5.31 -15.35
CA ASN E 150 -16.71 -4.34 -14.94
C ASN E 150 -17.78 -3.93 -15.93
N ILE E 151 -18.93 -3.55 -15.39
CA ILE E 151 -20.03 -3.00 -16.14
C ILE E 151 -20.34 -1.63 -15.55
N ILE E 152 -20.42 -0.62 -16.40
CA ILE E 152 -20.80 0.71 -16.00
C ILE E 152 -21.91 1.28 -16.86
N ALA E 153 -22.91 1.84 -16.18
CA ALA E 153 -24.03 2.52 -16.83
C ALA E 153 -24.03 3.94 -16.30
N LYS E 154 -23.62 4.85 -17.16
CA LYS E 154 -23.41 6.25 -16.79
C LYS E 154 -24.64 7.12 -16.70
N ASP E 155 -25.75 6.71 -17.31
CA ASP E 155 -26.93 7.54 -17.32
C ASP E 155 -28.20 6.76 -17.62
N ILE E 156 -28.83 6.25 -16.57
CA ILE E 156 -29.99 5.41 -16.71
C ILE E 156 -31.22 6.11 -16.15
N GLN E 157 -32.38 5.81 -16.74
CA GLN E 157 -33.65 6.29 -16.24
C GLN E 157 -34.62 5.15 -16.51
N LEU E 158 -34.94 4.38 -15.47
CA LEU E 158 -35.54 3.08 -15.67
C LEU E 158 -36.64 2.79 -14.67
N ASP E 159 -37.64 2.00 -15.07
CA ASP E 159 -38.56 1.42 -14.08
C ASP E 159 -37.89 0.35 -13.20
N ASN E 160 -37.04 -0.51 -13.79
CA ASN E 160 -36.45 -1.62 -13.09
C ASN E 160 -35.01 -1.83 -13.46
N LEU E 161 -34.19 -2.08 -12.45
CA LEU E 161 -32.79 -2.33 -12.62
C LEU E 161 -32.46 -3.55 -11.77
N SER E 162 -31.75 -4.47 -12.36
CA SER E 162 -31.29 -5.63 -11.64
C SER E 162 -29.83 -5.89 -11.97
N CYS E 163 -28.96 -5.89 -10.96
CA CYS E 163 -27.53 -6.17 -11.11
C CYS E 163 -27.11 -7.35 -10.24
N SER E 164 -26.41 -8.31 -10.85
CA SER E 164 -25.89 -9.46 -10.14
C SER E 164 -24.44 -9.64 -10.53
N LEU E 165 -23.59 -9.73 -9.53
CA LEU E 165 -22.13 -9.82 -9.68
C LEU E 165 -21.66 -11.08 -8.98
N ALA E 166 -20.96 -11.93 -9.70
CA ALA E 166 -20.30 -13.08 -9.09
C ALA E 166 -18.81 -12.82 -9.24
N SER E 167 -18.07 -13.11 -8.19
CA SER E 167 -16.61 -12.99 -8.18
C SER E 167 -16.23 -11.55 -7.84
N SER E 168 -15.08 -11.11 -8.36
CA SER E 168 -14.38 -9.99 -7.76
C SER E 168 -14.49 -8.65 -8.43
N GLY E 169 -15.28 -8.57 -9.49
CA GLY E 169 -15.35 -7.36 -10.28
C GLY E 169 -16.23 -6.25 -9.70
N GLU E 170 -16.81 -5.48 -10.61
CA GLU E 170 -17.50 -4.28 -10.23
C GLU E 170 -18.62 -3.91 -11.22
N ILE E 171 -19.75 -3.45 -10.66
CA ILE E 171 -20.81 -2.89 -11.43
C ILE E 171 -21.05 -1.50 -10.83
N GLU E 172 -21.13 -0.50 -11.70
CA GLU E 172 -21.43 0.87 -11.29
C GLU E 172 -22.55 1.43 -12.16
N VAL E 173 -23.55 2.01 -11.52
CA VAL E 173 -24.73 2.54 -12.18
C VAL E 173 -25.04 3.93 -11.66
N ILE E 174 -25.40 4.84 -12.55
CA ILE E 174 -25.65 6.22 -12.23
C ILE E 174 -26.93 6.64 -12.93
N GLY E 175 -27.85 7.26 -12.17
CA GLY E 175 -29.12 7.75 -12.71
C GLY E 175 -30.27 7.65 -11.72
N THR E 176 -31.45 7.31 -12.25
CA THR E 176 -32.67 7.17 -11.45
CA THR E 176 -32.66 7.16 -11.44
C THR E 176 -33.40 5.91 -11.86
N VAL E 177 -33.94 5.20 -10.88
N VAL E 177 -33.91 5.18 -10.88
CA VAL E 177 -34.66 3.95 -11.11
CA VAL E 177 -34.67 3.94 -11.13
C VAL E 177 -35.79 3.82 -10.09
C VAL E 177 -35.80 3.82 -10.10
N ASP E 178 -36.92 3.27 -10.50
CA ASP E 178 -38.01 3.06 -9.58
C ASP E 178 -37.65 1.93 -8.59
N ARG E 179 -37.38 0.72 -9.11
CA ARG E 179 -37.06 -0.46 -8.30
C ARG E 179 -35.71 -1.04 -8.72
N ALA E 180 -34.86 -1.30 -7.73
CA ALA E 180 -33.51 -1.80 -7.98
C ALA E 180 -33.33 -3.07 -7.18
N SER E 181 -32.66 -4.03 -7.79
CA SER E 181 -32.15 -5.18 -7.12
C SER E 181 -30.65 -5.31 -7.34
N PHE E 182 -29.89 -5.36 -6.23
CA PHE E 182 -28.45 -5.42 -6.28
C PHE E 182 -27.92 -6.68 -5.54
N ASN E 183 -27.22 -7.55 -6.26
CA ASN E 183 -26.73 -8.79 -5.70
C ASN E 183 -25.26 -9.03 -5.95
N VAL E 184 -24.55 -9.38 -4.87
CA VAL E 184 -23.14 -9.74 -4.95
C VAL E 184 -22.87 -11.10 -4.32
N ALA E 185 -22.21 -11.97 -5.07
CA ALA E 185 -21.78 -13.26 -4.56
C ALA E 185 -20.30 -13.35 -4.83
N GLY E 186 -19.53 -12.99 -3.83
CA GLY E 186 -18.06 -12.95 -3.97
C GLY E 186 -17.53 -11.67 -3.38
N SER E 187 -16.30 -11.33 -3.69
CA SER E 187 -15.64 -10.18 -3.08
C SER E 187 -15.86 -8.87 -3.81
N GLY E 188 -16.63 -8.89 -4.88
CA GLY E 188 -16.75 -7.71 -5.71
C GLY E 188 -17.63 -6.62 -5.11
N GLU E 189 -17.83 -5.60 -5.92
CA GLU E 189 -18.52 -4.41 -5.47
C GLU E 189 -19.56 -3.85 -6.47
N ILE E 190 -20.72 -3.44 -5.93
CA ILE E 190 -21.66 -2.65 -6.67
C ILE E 190 -21.63 -1.20 -6.14
N LYS E 191 -21.46 -0.27 -7.08
CA LYS E 191 -21.40 1.16 -6.80
C LYS E 191 -22.64 1.80 -7.37
N ALA E 192 -23.56 2.18 -6.50
CA ALA E 192 -24.84 2.69 -6.91
C ALA E 192 -25.31 3.88 -6.07
N PHE E 193 -24.38 4.59 -5.42
CA PHE E 193 -24.75 5.78 -4.65
C PHE E 193 -25.35 6.88 -5.52
N ASP E 194 -24.97 6.95 -6.81
CA ASP E 194 -25.56 7.98 -7.66
C ASP E 194 -26.63 7.44 -8.52
N CYS E 195 -27.19 6.30 -8.11
CA CYS E 195 -28.36 5.74 -8.73
C CYS E 195 -29.51 5.82 -7.74
N GLN E 196 -30.37 6.82 -7.90
CA GLN E 196 -31.47 7.04 -6.95
C GLN E 196 -32.61 6.07 -7.23
N ALA E 197 -32.79 5.13 -6.32
CA ALA E 197 -33.84 4.13 -6.38
C ALA E 197 -34.94 4.53 -5.41
N ARG E 198 -36.19 4.26 -5.77
CA ARG E 198 -37.27 4.42 -4.80
C ARG E 198 -37.25 3.25 -3.81
N LYS E 199 -37.25 2.04 -4.35
CA LYS E 199 -37.12 0.82 -3.55
C LYS E 199 -35.92 0.05 -4.04
N ALA E 200 -35.14 -0.44 -3.09
CA ALA E 200 -34.00 -1.26 -3.40
C ALA E 200 -33.94 -2.48 -2.48
N GLU E 201 -33.54 -3.58 -3.10
CA GLU E 201 -33.16 -4.76 -2.41
C GLU E 201 -31.69 -5.05 -2.67
N CYS E 202 -30.93 -5.28 -1.60
CA CYS E 202 -29.48 -5.56 -1.65
C CYS E 202 -29.17 -6.88 -0.96
N ASN E 203 -28.49 -7.76 -1.67
CA ASN E 203 -28.08 -9.04 -1.16
C ASN E 203 -26.62 -9.27 -1.38
N ILE E 204 -25.92 -9.63 -0.32
CA ILE E 204 -24.51 -9.99 -0.37
C ILE E 204 -24.28 -11.37 0.25
N ALA E 205 -23.60 -12.22 -0.52
CA ALA E 205 -23.07 -13.49 -0.04
C ALA E 205 -21.54 -13.37 -0.09
N SER E 206 -20.87 -13.62 1.06
CA SER E 206 -19.40 -13.52 1.18
C SER E 206 -18.98 -12.07 1.59
N SER E 207 -17.87 -11.58 1.03
CA SER E 207 -17.16 -10.41 1.52
C SER E 207 -17.36 -9.15 0.70
N GLY E 208 -18.26 -9.17 -0.27
CA GLY E 208 -18.44 -8.05 -1.15
C GLY E 208 -19.16 -6.86 -0.53
N GLU E 209 -19.36 -5.84 -1.38
CA GLU E 209 -19.85 -4.54 -0.96
C GLU E 209 -20.85 -3.97 -1.93
N ILE E 210 -21.87 -3.34 -1.36
CA ILE E 210 -22.85 -2.61 -2.14
C ILE E 210 -23.00 -1.23 -1.54
N SER E 211 -23.02 -0.21 -2.38
CA SER E 211 -23.31 1.16 -1.98
C SER E 211 -24.58 1.57 -2.68
N VAL E 212 -25.61 1.91 -1.91
CA VAL E 212 -26.94 2.07 -2.45
C VAL E 212 -27.59 3.36 -1.99
N TYR E 213 -28.49 3.88 -2.85
CA TYR E 213 -29.23 5.09 -2.54
C TYR E 213 -30.71 4.80 -2.80
N ALA E 214 -31.49 4.73 -1.73
CA ALA E 214 -32.91 4.41 -1.78
C ALA E 214 -33.66 5.45 -1.03
N THR E 215 -34.76 5.92 -1.58
CA THR E 215 -35.50 7.01 -0.96
C THR E 215 -36.72 6.56 -0.13
N GLN E 216 -37.27 5.39 -0.42
CA GLN E 216 -38.45 4.91 0.30
C GLN E 216 -38.24 3.59 1.04
N ILE E 217 -37.84 2.54 0.32
CA ILE E 217 -37.69 1.19 0.89
C ILE E 217 -36.31 0.62 0.55
N LEU E 218 -35.61 0.17 1.58
CA LEU E 218 -34.37 -0.54 1.44
C LEU E 218 -34.45 -1.86 2.21
N ASP E 219 -34.24 -2.94 1.47
CA ASP E 219 -34.15 -4.29 2.05
C ASP E 219 -32.70 -4.73 1.95
N ALA E 220 -32.02 -4.79 3.10
CA ALA E 220 -30.56 -4.97 3.19
C ALA E 220 -30.26 -6.32 3.84
N ASN E 221 -29.66 -7.23 3.06
CA ASN E 221 -29.37 -8.59 3.46
C ASN E 221 -27.91 -9.00 3.24
N ILE E 222 -27.27 -9.48 4.29
CA ILE E 222 -25.88 -9.90 4.21
C ILE E 222 -25.73 -11.29 4.84
N VAL E 223 -25.05 -12.18 4.11
CA VAL E 223 -24.61 -13.47 4.62
C VAL E 223 -23.11 -13.55 4.36
N GLY E 224 -22.33 -13.28 5.40
CA GLY E 224 -20.87 -13.19 5.32
C GLY E 224 -20.36 -11.93 5.99
N SER E 225 -19.16 -11.54 5.59
CA SER E 225 -18.43 -10.43 6.18
C SER E 225 -18.63 -9.12 5.40
N GLY E 226 -19.47 -9.14 4.38
CA GLY E 226 -19.65 -7.99 3.51
C GLY E 226 -20.38 -6.81 4.15
N GLU E 227 -20.50 -5.75 3.36
CA GLU E 227 -20.99 -4.47 3.83
C GLU E 227 -21.91 -3.79 2.87
N ILE E 228 -23.01 -3.28 3.41
CA ILE E 228 -23.92 -2.42 2.68
C ILE E 228 -23.83 -1.02 3.25
N HIS E 229 -23.55 -0.05 2.38
CA HIS E 229 -23.47 1.36 2.73
C HIS E 229 -24.65 2.03 2.06
N TYR E 230 -25.44 2.79 2.81
CA TYR E 230 -26.64 3.39 2.21
C TYR E 230 -26.82 4.86 2.46
N LYS E 231 -27.37 5.55 1.47
CA LYS E 231 -27.77 6.95 1.68
C LYS E 231 -29.20 7.08 1.35
N GLY E 232 -29.76 8.25 1.63
CA GLY E 232 -31.19 8.47 1.54
C GLY E 232 -31.78 8.21 2.91
N ASP E 233 -33.09 8.42 3.03
CA ASP E 233 -33.80 8.14 4.27
C ASP E 233 -34.92 7.13 4.04
N PRO E 234 -34.57 5.95 3.52
CA PRO E 234 -35.62 4.97 3.36
C PRO E 234 -35.98 4.28 4.69
N GLU E 235 -37.06 3.51 4.69
CA GLU E 235 -37.32 2.53 5.75
C GLU E 235 -36.49 1.34 5.41
N ILE E 236 -35.55 1.01 6.29
CA ILE E 236 -34.63 -0.10 6.09
C ILE E 236 -35.09 -1.36 6.85
N SER E 237 -35.12 -2.51 6.16
CA SER E 237 -35.19 -3.86 6.77
C SER E 237 -33.85 -4.49 6.69
N LYS E 238 -33.35 -4.91 7.84
CA LYS E 238 -31.97 -5.32 7.99
C LYS E 238 -31.93 -6.80 8.26
N SER E 239 -30.98 -7.49 7.66
CA SER E 239 -30.74 -8.87 8.00
C SER E 239 -29.26 -9.21 7.75
N ILE E 240 -28.52 -9.46 8.83
CA ILE E 240 -27.12 -9.85 8.77
C ILE E 240 -26.91 -11.20 9.47
N MSE E 241 -26.32 -12.14 8.74
CA MSE E 241 -25.86 -13.39 9.27
C MSE E 241 -24.38 -13.43 8.94
O MSE E 241 -24.00 -13.62 7.78
CB MSE E 241 -26.61 -14.58 8.65
CG MSE E 241 -26.28 -15.86 9.32
SE MSE E 241 -26.77 -17.47 8.31
CE MSE E 241 -28.70 -17.39 8.63
N GLY E 242 -23.55 -13.23 9.94
CA GLY E 242 -22.10 -13.14 9.78
C GLY E 242 -21.56 -11.89 10.45
N SER E 243 -20.29 -11.64 10.22
CA SER E 243 -19.58 -10.49 10.77
C SER E 243 -19.76 -9.21 9.94
N GLY E 244 -20.57 -9.25 8.90
CA GLY E 244 -20.78 -8.08 8.05
C GLY E 244 -21.53 -6.94 8.73
N SER E 245 -21.76 -5.87 8.00
CA SER E 245 -22.35 -4.68 8.57
C SER E 245 -23.03 -3.78 7.58
N ILE E 246 -23.88 -2.95 8.13
CA ILE E 246 -24.68 -2.00 7.41
C ILE E 246 -24.40 -0.65 8.01
N ASN E 247 -24.27 0.37 7.17
CA ASN E 247 -24.02 1.72 7.69
C ASN E 247 -24.62 2.78 6.81
N LYS E 248 -25.18 3.78 7.47
CA LYS E 248 -25.81 4.88 6.77
C LYS E 248 -24.80 6.00 6.61
N VAL E 249 -24.76 6.62 5.43
CA VAL E 249 -23.88 7.78 5.19
C VAL E 249 -24.70 8.96 4.70
N LYS E 250 -24.13 10.16 4.78
CA LYS E 250 -24.76 11.32 4.10
C LYS E 250 -24.39 11.32 2.60
N ASP F 4 -14.98 -1.80 21.57
CA ASP F 4 -16.44 -2.12 21.70
C ASP F 4 -16.87 -3.19 20.69
N LYS F 5 -16.23 -3.24 19.52
CA LYS F 5 -16.46 -4.27 18.51
CA LYS F 5 -16.53 -4.31 18.56
C LYS F 5 -15.76 -5.58 18.91
N ARG F 6 -14.48 -5.44 19.26
CA ARG F 6 -13.63 -6.60 19.51
C ARG F 6 -13.51 -7.00 20.99
N ILE F 7 -13.78 -8.27 21.28
CA ILE F 7 -13.70 -8.80 22.63
C ILE F 7 -12.77 -9.99 22.60
N ASP F 8 -11.68 -9.90 23.36
CA ASP F 8 -10.75 -11.00 23.43
C ASP F 8 -11.07 -11.99 24.53
N GLY F 9 -10.89 -13.28 24.22
CA GLY F 9 -11.02 -14.32 25.23
C GLY F 9 -10.08 -14.08 26.41
N ASN F 10 -10.56 -14.28 27.64
CA ASN F 10 -9.70 -14.07 28.81
C ASN F 10 -8.77 -15.23 29.12
N GLY F 11 -8.79 -16.29 28.33
CA GLY F 11 -7.91 -17.40 28.59
C GLY F 11 -8.41 -18.39 29.66
N ASN F 12 -9.64 -18.24 30.14
CA ASN F 12 -10.19 -19.17 31.09
C ASN F 12 -11.35 -19.90 30.45
N PRO F 13 -11.09 -21.05 29.87
CA PRO F 13 -12.16 -21.73 29.15
C PRO F 13 -13.19 -22.38 30.06
N GLU F 14 -14.46 -22.21 29.70
CA GLU F 14 -15.59 -22.74 30.45
C GLU F 14 -16.47 -23.54 29.49
N THR F 15 -16.98 -24.67 29.98
CA THR F 15 -17.87 -25.53 29.23
C THR F 15 -19.25 -25.43 29.82
N ARG F 16 -20.24 -25.17 28.98
CA ARG F 16 -21.63 -25.15 29.38
C ARG F 16 -22.46 -26.07 28.53
N GLU F 17 -23.21 -26.94 29.20
CA GLU F 17 -24.22 -27.72 28.53
C GLU F 17 -25.48 -26.89 28.56
N ILE F 18 -26.06 -26.63 27.40
CA ILE F 18 -27.20 -25.76 27.28
C ILE F 18 -28.41 -26.61 26.95
N LYS F 19 -29.48 -26.40 27.70
CA LYS F 19 -30.70 -27.16 27.50
C LYS F 19 -31.40 -26.71 26.23
N ILE F 20 -31.67 -27.64 25.34
CA ILE F 20 -32.25 -27.28 24.05
C ILE F 20 -33.28 -28.32 23.74
N SER F 21 -34.32 -27.96 22.98
CA SER F 21 -35.15 -29.00 22.40
C SER F 21 -34.60 -29.32 20.99
N ASP F 22 -35.23 -30.28 20.31
CA ASP F 22 -34.76 -30.79 19.03
C ASP F 22 -34.79 -29.71 17.96
N TYR F 23 -33.89 -29.85 16.99
CA TYR F 23 -33.82 -28.90 15.89
C TYR F 23 -33.52 -29.66 14.62
N ASP F 24 -33.96 -29.08 13.51
CA ASP F 24 -33.65 -29.65 12.22
C ASP F 24 -32.87 -28.71 11.33
N GLU F 25 -32.47 -27.57 11.88
CA GLU F 25 -31.68 -26.60 11.15
C GLU F 25 -30.69 -25.92 12.09
N ILE F 26 -29.54 -25.51 11.53
CA ILE F 26 -28.50 -24.83 12.28
C ILE F 26 -28.10 -23.51 11.61
N THR F 27 -28.07 -22.43 12.39
CA THR F 27 -27.43 -21.18 11.99
C THR F 27 -26.23 -21.02 12.89
N PHE F 28 -25.04 -21.16 12.34
CA PHE F 28 -23.80 -21.06 13.10
C PHE F 28 -22.90 -20.00 12.52
N VAL F 29 -22.62 -18.95 13.27
CA VAL F 29 -21.69 -17.92 12.85
C VAL F 29 -20.53 -17.94 13.81
N GLY F 30 -19.33 -18.03 13.30
CA GLY F 30 -18.13 -17.94 14.12
C GLY F 30 -17.03 -18.90 13.78
N SER F 31 -16.04 -18.92 14.66
CA SER F 31 -14.77 -19.55 14.36
C SER F 31 -14.60 -20.87 15.08
N ALA F 32 -15.66 -21.36 15.72
CA ALA F 32 -15.52 -22.59 16.54
C ALA F 32 -15.24 -23.82 15.68
N ASP F 33 -14.70 -24.86 16.33
CA ASP F 33 -14.79 -26.21 15.80
C ASP F 33 -16.07 -26.79 16.35
N PHE F 34 -17.00 -27.10 15.42
CA PHE F 34 -18.34 -27.55 15.73
C PHE F 34 -18.46 -29.00 15.28
N GLU F 35 -18.73 -29.90 16.22
CA GLU F 35 -18.99 -31.30 15.91
C GLU F 35 -20.45 -31.59 16.06
N TYR F 36 -21.03 -32.10 14.98
CA TYR F 36 -22.45 -32.38 14.94
C TYR F 36 -22.66 -33.80 14.54
N GLU F 37 -23.70 -34.42 15.08
CA GLU F 37 -24.17 -35.73 14.59
C GLU F 37 -25.70 -35.81 14.64
N GLN F 38 -26.29 -36.56 13.72
CA GLN F 38 -27.67 -36.94 13.87
C GLN F 38 -27.69 -38.07 14.91
N SER F 39 -28.72 -38.10 15.75
CA SER F 39 -28.86 -39.15 16.78
C SER F 39 -30.31 -39.26 17.22
N ASP F 40 -30.70 -40.47 17.63
CA ASP F 40 -32.03 -40.68 18.21
C ASP F 40 -32.01 -40.44 19.70
N LYS F 41 -30.83 -40.18 20.26
CA LYS F 41 -30.77 -39.74 21.63
C LYS F 41 -31.38 -38.35 21.77
N ALA F 42 -31.51 -37.93 23.02
CA ALA F 42 -32.04 -36.61 23.33
C ALA F 42 -31.15 -35.52 22.70
N PRO F 43 -31.77 -34.42 22.30
CA PRO F 43 -30.99 -33.30 21.78
C PRO F 43 -29.98 -32.82 22.82
N TYR F 44 -28.80 -32.41 22.37
CA TYR F 44 -27.74 -32.03 23.28
C TYR F 44 -26.94 -30.89 22.69
N LEU F 45 -26.51 -29.97 23.55
CA LEU F 45 -25.61 -28.90 23.16
C LEU F 45 -24.63 -28.65 24.27
N SER F 46 -23.37 -28.63 23.90
CA SER F 46 -22.29 -28.21 24.75
C SER F 46 -21.41 -27.16 24.02
N VAL F 47 -21.09 -26.08 24.72
CA VAL F 47 -20.23 -25.02 24.19
C VAL F 47 -19.08 -24.77 25.18
N THR F 48 -17.86 -24.73 24.66
CA THR F 48 -16.67 -24.43 25.44
C THR F 48 -16.04 -23.22 24.80
N ILE F 49 -15.93 -22.12 25.55
CA ILE F 49 -15.28 -20.88 25.06
C ILE F 49 -14.72 -20.14 26.27
N ASP F 50 -13.83 -19.16 26.07
CA ASP F 50 -13.39 -18.31 27.17
C ASP F 50 -14.60 -17.78 27.96
N GLU F 51 -14.52 -17.84 29.29
CA GLU F 51 -15.68 -17.61 30.18
C GLU F 51 -16.29 -16.26 29.93
N ASN F 52 -15.47 -15.27 29.63
CA ASN F 52 -15.98 -13.90 29.35
C ASN F 52 -16.78 -13.75 28.05
N LEU F 53 -16.61 -14.67 27.11
CA LEU F 53 -17.24 -14.54 25.80
C LEU F 53 -18.68 -15.08 25.74
N PHE F 54 -19.12 -15.86 26.73
CA PHE F 54 -20.52 -16.32 26.76
C PHE F 54 -21.50 -15.15 26.77
N ASP F 55 -21.15 -14.08 27.47
CA ASP F 55 -21.96 -12.85 27.50
C ASP F 55 -22.18 -12.18 26.15
N TYR F 56 -21.36 -12.51 25.16
CA TYR F 56 -21.45 -11.89 23.83
C TYR F 56 -21.98 -12.84 22.75
N LEU F 57 -22.55 -13.97 23.17
CA LEU F 57 -22.89 -15.06 22.27
C LEU F 57 -24.34 -15.43 22.44
N VAL F 58 -25.07 -15.63 21.36
CA VAL F 58 -26.39 -16.24 21.42
C VAL F 58 -26.17 -17.73 21.23
N THR F 59 -26.71 -18.54 22.13
CA THR F 59 -26.67 -20.01 22.00
C THR F 59 -28.03 -20.57 22.38
N GLU F 60 -28.89 -20.86 21.42
CA GLU F 60 -30.20 -21.41 21.76
C GLU F 60 -30.88 -22.07 20.59
N VAL F 61 -31.97 -22.78 20.93
CA VAL F 61 -32.84 -23.35 19.93
C VAL F 61 -34.18 -22.62 19.97
N GLU F 62 -34.60 -22.15 18.81
CA GLU F 62 -35.88 -21.49 18.70
C GLU F 62 -36.49 -21.85 17.35
N GLY F 63 -37.77 -22.19 17.38
CA GLY F 63 -38.48 -22.56 16.15
C GLY F 63 -37.83 -23.71 15.40
N GLY F 64 -37.26 -24.66 16.12
CA GLY F 64 -36.60 -25.79 15.49
C GLY F 64 -35.23 -25.49 14.90
N THR F 65 -34.64 -24.35 15.25
CA THR F 65 -33.37 -23.94 14.71
C THR F 65 -32.38 -23.65 15.82
N LEU F 66 -31.26 -24.37 15.79
CA LEU F 66 -30.16 -24.10 16.68
C LEU F 66 -29.48 -22.86 16.12
N LYS F 67 -29.36 -21.85 16.96
CA LYS F 67 -28.73 -20.59 16.62
C LYS F 67 -27.55 -20.36 17.55
N ILE F 68 -26.36 -20.26 16.95
CA ILE F 68 -25.13 -19.91 17.66
C ILE F 68 -24.43 -18.80 16.87
N TYR F 69 -24.33 -17.62 17.47
CA TYR F 69 -23.72 -16.50 16.78
C TYR F 69 -23.42 -15.37 17.74
N PRO F 70 -22.47 -14.50 17.37
CA PRO F 70 -22.18 -13.41 18.24
C PRO F 70 -23.31 -12.40 18.23
N LYS F 71 -23.55 -11.82 19.40
CA LYS F 71 -24.65 -10.87 19.55
C LYS F 71 -24.41 -9.61 18.74
N SER F 72 -25.50 -8.93 18.41
CA SER F 72 -25.39 -7.56 17.94
C SER F 72 -24.74 -6.67 18.95
N ILE F 73 -23.96 -5.72 18.48
CA ILE F 73 -23.38 -4.75 19.38
C ILE F 73 -24.48 -3.96 20.10
N LYS F 74 -24.33 -3.87 21.43
CA LYS F 74 -25.26 -3.17 22.31
C LYS F 74 -25.39 -1.73 21.83
N LYS F 75 -26.61 -1.31 21.55
CA LYS F 75 -26.88 0.02 21.05
C LYS F 75 -26.24 0.30 19.71
N GLY F 76 -25.94 -0.74 18.94
CA GLY F 76 -25.50 -0.57 17.56
C GLY F 76 -26.61 -0.77 16.53
N PHE F 77 -27.83 -0.99 17.02
CA PHE F 77 -29.06 -1.08 16.21
C PHE F 77 -29.12 -2.27 15.26
N ASN F 78 -28.47 -3.35 15.65
CA ASN F 78 -28.27 -4.51 14.78
C ASN F 78 -27.55 -4.22 13.47
N ASN F 79 -26.76 -3.13 13.39
CA ASN F 79 -25.98 -2.85 12.18
C ASN F 79 -24.69 -3.67 12.10
N ASN F 80 -24.33 -4.28 13.22
CA ASN F 80 -23.19 -5.14 13.35
C ASN F 80 -23.17 -5.91 14.65
N SER F 81 -22.20 -6.81 14.74
CA SER F 81 -22.07 -7.70 15.86
C SER F 81 -20.63 -7.74 16.37
N TYR F 82 -20.44 -8.35 17.53
CA TYR F 82 -19.12 -8.40 18.17
C TYR F 82 -18.16 -9.25 17.36
N ASP F 83 -16.92 -8.84 17.40
CA ASP F 83 -15.78 -9.56 16.83
C ASP F 83 -15.08 -10.26 18.00
N LEU F 84 -15.41 -11.53 18.17
CA LEU F 84 -14.94 -12.31 19.30
C LEU F 84 -13.65 -13.00 18.91
N ARG F 85 -12.64 -12.90 19.78
CA ARG F 85 -11.35 -13.59 19.62
C ARG F 85 -11.13 -14.59 20.77
N PRO F 86 -11.78 -15.77 20.69
CA PRO F 86 -11.56 -16.80 21.73
C PRO F 86 -10.17 -17.36 21.68
N THR F 87 -9.73 -17.95 22.78
CA THR F 87 -8.52 -18.74 22.80
C THR F 87 -8.85 -20.22 22.60
N VAL F 88 -10.09 -20.63 22.88
CA VAL F 88 -10.59 -21.98 22.65
C VAL F 88 -12.03 -21.78 22.28
N TYR F 89 -12.53 -22.53 21.29
CA TYR F 89 -13.94 -22.42 20.94
C TYR F 89 -14.38 -23.71 20.28
N LYS F 90 -15.08 -24.55 21.06
CA LYS F 90 -15.56 -25.85 20.61
C LYS F 90 -17.04 -25.97 20.89
N ILE F 91 -17.75 -26.61 19.97
CA ILE F 91 -19.18 -26.84 20.12
C ILE F 91 -19.41 -28.30 19.81
N LYS F 92 -20.29 -28.93 20.59
CA LYS F 92 -20.72 -30.29 20.31
CA LYS F 92 -20.70 -30.31 20.34
C LYS F 92 -22.23 -30.34 20.42
N SER F 93 -22.88 -30.84 19.37
CA SER F 93 -24.32 -30.91 19.43
C SER F 93 -24.83 -32.06 18.64
N ASN F 94 -26.03 -32.52 19.00
CA ASN F 94 -26.76 -33.45 18.16
C ASN F 94 -28.24 -33.18 18.17
N SER F 95 -28.90 -33.61 17.08
CA SER F 95 -30.37 -33.56 16.94
C SER F 95 -30.84 -34.77 16.15
N LYS F 96 -32.15 -34.94 15.99
CA LYS F 96 -32.64 -36.11 15.27
C LYS F 96 -32.19 -36.06 13.80
N GLU F 97 -32.29 -34.89 13.18
CA GLU F 97 -32.03 -34.76 11.74
C GLU F 97 -31.53 -33.35 11.44
N LEU F 98 -30.61 -33.23 10.46
CA LEU F 98 -30.15 -31.94 9.97
C LEU F 98 -30.54 -31.75 8.49
N LYS F 99 -31.60 -30.99 8.29
CA LYS F 99 -32.11 -30.66 6.98
C LYS F 99 -31.35 -29.54 6.33
N GLU F 100 -30.97 -28.54 7.10
CA GLU F 100 -30.29 -27.39 6.56
C GLU F 100 -29.30 -26.79 7.55
N LEU F 101 -28.04 -26.65 7.09
CA LEU F 101 -26.97 -25.96 7.81
C LEU F 101 -26.65 -24.61 7.11
N ASN F 102 -26.63 -23.54 7.88
CA ASN F 102 -26.15 -22.26 7.41
C ASN F 102 -25.01 -21.88 8.33
N THR F 103 -23.79 -21.96 7.81
CA THR F 103 -22.60 -21.67 8.55
C THR F 103 -21.84 -20.51 7.90
N VAL F 104 -21.36 -19.57 8.70
CA VAL F 104 -20.71 -18.37 8.21
C VAL F 104 -19.49 -18.08 9.08
N GLY F 105 -18.35 -17.90 8.44
CA GLY F 105 -17.16 -17.51 9.16
C GLY F 105 -16.00 -18.38 8.82
N SER F 106 -15.05 -18.46 9.73
CA SER F 106 -13.82 -19.19 9.54
C SER F 106 -13.77 -20.47 10.31
N GLY F 107 -14.87 -20.84 10.94
CA GLY F 107 -14.92 -22.04 11.77
C GLY F 107 -14.92 -23.31 10.93
N SER F 108 -15.10 -24.41 11.62
CA SER F 108 -15.09 -25.70 11.02
C SER F 108 -16.27 -26.55 11.55
N PHE F 109 -17.08 -27.06 10.65
CA PHE F 109 -18.22 -27.87 11.01
C PHE F 109 -17.98 -29.31 10.52
N ILE F 110 -17.96 -30.27 11.43
CA ILE F 110 -17.60 -31.65 11.13
C ILE F 110 -18.69 -32.63 11.57
N ILE F 111 -19.05 -33.53 10.67
CA ILE F 111 -19.93 -34.67 10.97
C ILE F 111 -19.08 -35.92 10.73
N SER F 112 -19.00 -36.80 11.72
CA SER F 112 -18.11 -37.96 11.63
C SER F 112 -18.76 -39.32 11.57
N LYS F 113 -20.02 -39.41 11.98
CA LYS F 113 -20.64 -40.73 12.03
C LYS F 113 -21.43 -41.02 10.78
N PRO F 114 -21.75 -42.29 10.53
CA PRO F 114 -22.63 -42.64 9.43
C PRO F 114 -23.90 -41.84 9.55
N THR F 115 -24.33 -41.24 8.46
CA THR F 115 -25.42 -40.28 8.49
C THR F 115 -26.40 -40.57 7.36
N LYS F 116 -27.67 -40.73 7.70
CA LYS F 116 -28.68 -41.08 6.72
C LYS F 116 -29.44 -39.81 6.40
N VAL F 117 -29.55 -39.47 5.12
CA VAL F 117 -30.25 -38.24 4.74
C VAL F 117 -31.44 -38.48 3.81
N ASN F 118 -32.50 -37.72 4.08
CA ASN F 118 -33.53 -37.51 3.09
C ASN F 118 -33.02 -36.35 2.22
N ARG F 119 -33.22 -35.10 2.66
CA ARG F 119 -32.57 -33.93 2.06
C ARG F 119 -31.71 -33.20 3.07
N MSE F 120 -30.42 -33.10 2.79
CA MSE F 120 -29.53 -32.28 3.58
C MSE F 120 -28.97 -31.15 2.70
O MSE F 120 -28.30 -31.40 1.70
CB MSE F 120 -28.38 -33.13 4.12
CG MSE F 120 -27.45 -32.32 4.99
SE MSE F 120 -25.95 -33.32 5.64
CE MSE F 120 -26.82 -33.97 7.28
N GLU F 121 -29.21 -29.91 3.12
CA GLU F 121 -28.65 -28.74 2.45
C GLU F 121 -27.59 -28.03 3.30
N ILE F 122 -26.41 -27.84 2.75
CA ILE F 122 -25.32 -27.16 3.45
C ILE F 122 -24.99 -25.87 2.71
N ASN F 123 -25.14 -24.74 3.41
CA ASN F 123 -24.83 -23.41 2.91
C ASN F 123 -23.72 -22.80 3.78
N MSE F 124 -22.59 -22.51 3.16
CA MSE F 124 -21.48 -21.85 3.81
C MSE F 124 -21.10 -20.54 3.14
O MSE F 124 -21.01 -20.46 1.90
CB MSE F 124 -20.27 -22.73 3.82
CG MSE F 124 -18.94 -21.89 3.87
SE MSE F 124 -17.80 -22.94 4.90
CE MSE F 124 -17.91 -21.90 6.61
N ALA F 125 -20.84 -19.52 3.95
CA ALA F 125 -20.26 -18.27 3.47
C ALA F 125 -18.99 -18.09 4.27
N GLY F 126 -17.89 -17.81 3.59
CA GLY F 126 -16.65 -17.47 4.28
C GLY F 126 -15.46 -18.32 3.94
N SER F 127 -14.46 -18.24 4.81
CA SER F 127 -13.18 -18.90 4.65
C SER F 127 -13.05 -20.20 5.43
N GLY F 128 -14.06 -20.51 6.24
CA GLY F 128 -14.02 -21.73 7.02
C GLY F 128 -14.26 -22.99 6.21
N ASN F 129 -14.66 -24.04 6.91
CA ASN F 129 -14.84 -25.31 6.26
C ASN F 129 -15.94 -26.18 6.85
N VAL F 130 -16.48 -27.07 6.00
CA VAL F 130 -17.47 -28.04 6.39
C VAL F 130 -16.95 -29.39 5.92
N GLU F 131 -16.91 -30.39 6.82
CA GLU F 131 -16.47 -31.75 6.46
C GLU F 131 -17.45 -32.83 6.88
N LEU F 132 -17.99 -33.54 5.87
CA LEU F 132 -18.82 -34.69 6.10
C LEU F 132 -17.89 -35.87 5.96
N ARG F 133 -17.34 -36.29 7.09
CA ARG F 133 -16.30 -37.33 7.13
C ARG F 133 -16.85 -38.72 7.16
N GLY F 134 -18.00 -38.90 7.78
CA GLY F 134 -18.61 -40.21 7.86
C GLY F 134 -19.38 -40.47 6.59
N PRO F 135 -19.74 -41.75 6.36
CA PRO F 135 -20.50 -42.09 5.18
C PRO F 135 -21.86 -41.43 5.22
N VAL F 136 -22.23 -40.73 4.16
CA VAL F 136 -23.51 -40.07 4.02
C VAL F 136 -24.25 -40.85 2.96
N LYS F 137 -25.48 -41.23 3.27
CA LYS F 137 -26.25 -42.06 2.38
C LYS F 137 -27.70 -41.63 2.37
N GLY F 138 -28.30 -41.58 1.18
CA GLY F 138 -29.69 -41.18 1.07
C GLY F 138 -30.05 -40.45 -0.21
N TYR F 139 -31.10 -39.65 -0.12
CA TYR F 139 -31.74 -39.15 -1.32
C TYR F 139 -31.01 -37.95 -1.97
N LYS F 140 -30.81 -36.89 -1.20
CA LYS F 140 -30.24 -35.66 -1.73
C LYS F 140 -29.30 -34.94 -0.76
N LEU F 141 -28.14 -34.55 -1.26
CA LEU F 141 -27.23 -33.65 -0.58
C LEU F 141 -27.00 -32.43 -1.49
N GLU F 142 -27.11 -31.25 -0.90
CA GLU F 142 -26.81 -30.02 -1.60
C GLU F 142 -25.70 -29.30 -0.85
N CYS F 143 -24.62 -28.95 -1.54
CA CYS F 143 -23.48 -28.22 -0.97
C CYS F 143 -23.23 -26.88 -1.65
N ASN F 144 -23.61 -25.81 -0.98
CA ASN F 144 -23.51 -24.48 -1.50
C ASN F 144 -22.50 -23.68 -0.73
N MSE F 145 -21.65 -22.98 -1.43
CA MSE F 145 -20.79 -22.02 -0.77
CA MSE F 145 -20.77 -22.03 -0.77
C MSE F 145 -20.45 -20.78 -1.59
O MSE F 145 -20.44 -20.81 -2.84
CB MSE F 145 -19.52 -22.66 -0.27
CB MSE F 145 -19.50 -22.71 -0.29
CG MSE F 145 -18.75 -23.43 -1.29
CG MSE F 145 -18.51 -23.04 -1.35
SE MSE F 145 -16.95 -23.56 -0.58
SE MSE F 145 -16.69 -22.79 -0.62
CE MSE F 145 -17.29 -23.01 1.29
CE MSE F 145 -16.91 -21.11 0.35
N ALA F 146 -20.23 -19.68 -0.84
CA ALA F 146 -19.81 -18.42 -1.34
C ALA F 146 -18.60 -18.06 -0.47
N GLY F 147 -17.44 -18.00 -1.09
CA GLY F 147 -16.25 -17.57 -0.37
C GLY F 147 -15.01 -18.34 -0.74
N SER F 148 -13.98 -18.17 0.08
CA SER F 148 -12.67 -18.74 -0.16
C SER F 148 -12.49 -20.07 0.58
N GLY F 149 -13.48 -20.48 1.36
CA GLY F 149 -13.32 -21.66 2.18
C GLY F 149 -13.60 -22.94 1.40
N ASN F 150 -13.93 -24.00 2.14
CA ASN F 150 -14.18 -25.28 1.50
C ASN F 150 -15.14 -26.24 2.18
N ILE F 151 -15.74 -27.10 1.36
CA ILE F 151 -16.61 -28.15 1.79
C ILE F 151 -16.04 -29.42 1.20
N ILE F 152 -15.85 -30.44 2.05
CA ILE F 152 -15.48 -31.76 1.62
C ILE F 152 -16.48 -32.80 2.15
N ALA F 153 -16.94 -33.69 1.27
CA ALA F 153 -17.75 -34.84 1.64
C ALA F 153 -16.97 -36.08 1.24
N LYS F 154 -16.48 -36.81 2.23
CA LYS F 154 -15.49 -37.84 1.99
C LYS F 154 -16.07 -39.19 1.57
N ASP F 155 -17.36 -39.37 1.74
CA ASP F 155 -17.92 -40.71 1.53
C ASP F 155 -19.42 -40.65 1.36
N ILE F 156 -19.87 -40.41 0.14
CA ILE F 156 -21.29 -40.23 -0.16
C ILE F 156 -21.85 -41.33 -1.02
N GLN F 157 -23.15 -41.56 -0.84
CA GLN F 157 -23.92 -42.50 -1.60
C GLN F 157 -25.33 -41.97 -1.71
N LEU F 158 -25.61 -41.36 -2.85
CA LEU F 158 -26.79 -40.52 -3.00
C LEU F 158 -27.51 -40.76 -4.31
N ASP F 159 -28.81 -40.49 -4.33
CA ASP F 159 -29.53 -40.42 -5.59
C ASP F 159 -29.23 -39.08 -6.29
N ASN F 160 -29.15 -38.00 -5.51
CA ASN F 160 -28.90 -36.66 -6.05
C ASN F 160 -27.87 -35.88 -5.29
N LEU F 161 -26.96 -35.23 -6.04
CA LEU F 161 -25.98 -34.31 -5.49
C LEU F 161 -26.02 -33.01 -6.25
N SER F 162 -26.08 -31.89 -5.52
CA SER F 162 -25.98 -30.59 -6.12
C SER F 162 -24.93 -29.75 -5.40
N CYS F 163 -23.93 -29.28 -6.14
CA CYS F 163 -22.91 -28.40 -5.57
C CYS F 163 -22.82 -27.08 -6.32
N SER F 164 -22.90 -25.97 -5.57
CA SER F 164 -22.76 -24.65 -6.15
C SER F 164 -21.73 -23.85 -5.39
N LEU F 165 -20.73 -23.36 -6.13
CA LEU F 165 -19.63 -22.59 -5.61
C LEU F 165 -19.62 -21.21 -6.27
N ALA F 166 -19.70 -20.17 -5.42
CA ALA F 166 -19.44 -18.79 -5.82
C ALA F 166 -18.11 -18.38 -5.18
N SER F 167 -17.32 -17.65 -5.95
CA SER F 167 -16.03 -17.11 -5.51
C SER F 167 -14.90 -18.11 -5.64
N SER F 168 -13.90 -18.01 -4.77
CA SER F 168 -12.63 -18.65 -5.03
C SER F 168 -12.36 -19.96 -4.31
N GLY F 169 -13.31 -20.46 -3.56
CA GLY F 169 -13.10 -21.64 -2.71
C GLY F 169 -13.12 -22.97 -3.45
N GLU F 170 -13.47 -24.02 -2.72
CA GLU F 170 -13.34 -25.38 -3.21
C GLU F 170 -14.37 -26.34 -2.60
N ILE F 171 -15.02 -27.12 -3.45
CA ILE F 171 -15.88 -28.22 -3.02
C ILE F 171 -15.29 -29.51 -3.54
N GLU F 172 -15.14 -30.47 -2.65
CA GLU F 172 -14.64 -31.80 -2.99
C GLU F 172 -15.61 -32.88 -2.52
N VAL F 173 -15.94 -33.80 -3.42
CA VAL F 173 -16.92 -34.86 -3.15
C VAL F 173 -16.38 -36.19 -3.62
N ILE F 174 -16.56 -37.21 -2.77
CA ILE F 174 -16.03 -38.55 -3.00
C ILE F 174 -17.12 -39.55 -2.68
N GLY F 175 -17.38 -40.44 -3.62
CA GLY F 175 -18.38 -41.51 -3.44
C GLY F 175 -19.05 -41.90 -4.71
N THR F 176 -20.35 -42.15 -4.61
CA THR F 176 -21.19 -42.52 -5.76
CA THR F 176 -21.19 -42.52 -5.76
C THR F 176 -22.50 -41.76 -5.68
N VAL F 177 -22.96 -41.27 -6.83
N VAL F 177 -22.97 -41.28 -6.83
CA VAL F 177 -24.23 -40.57 -6.93
CA VAL F 177 -24.23 -40.58 -6.93
C VAL F 177 -24.87 -40.95 -8.27
C VAL F 177 -24.87 -40.95 -8.27
N ASP F 178 -26.19 -40.95 -8.32
CA ASP F 178 -26.88 -41.22 -9.55
C ASP F 178 -26.85 -39.96 -10.46
N ARG F 179 -27.35 -38.83 -9.95
CA ARG F 179 -27.41 -37.57 -10.68
C ARG F 179 -26.70 -36.47 -9.92
N ALA F 180 -25.80 -35.76 -10.62
CA ALA F 180 -24.97 -34.70 -10.04
C ALA F 180 -25.11 -33.40 -10.80
N SER F 181 -25.08 -32.32 -10.06
CA SER F 181 -25.05 -31.01 -10.65
C SER F 181 -23.93 -30.21 -9.99
N PHE F 182 -22.94 -29.82 -10.79
CA PHE F 182 -21.77 -29.07 -10.34
C PHE F 182 -21.74 -27.68 -10.98
N ASN F 183 -21.78 -26.63 -10.16
CA ASN F 183 -21.79 -25.26 -10.63
C ASN F 183 -20.72 -24.39 -9.99
N VAL F 184 -19.95 -23.68 -10.83
CA VAL F 184 -18.98 -22.72 -10.37
C VAL F 184 -19.20 -21.35 -11.01
N ALA F 185 -19.33 -20.32 -10.16
CA ALA F 185 -19.38 -18.91 -10.57
C ALA F 185 -18.26 -18.18 -9.86
N GLY F 186 -17.12 -18.09 -10.51
CA GLY F 186 -15.92 -17.48 -9.96
C GLY F 186 -14.71 -18.31 -10.31
N SER F 187 -13.61 -18.10 -9.59
CA SER F 187 -12.33 -18.73 -9.90
C SER F 187 -12.14 -20.05 -9.17
N GLY F 188 -13.08 -20.45 -8.33
CA GLY F 188 -12.92 -21.64 -7.50
C GLY F 188 -13.00 -22.96 -8.24
N GLU F 189 -13.04 -24.05 -7.47
CA GLU F 189 -12.89 -25.38 -8.04
C GLU F 189 -13.78 -26.44 -7.39
N ILE F 190 -14.37 -27.29 -8.22
CA ILE F 190 -15.02 -28.50 -7.73
C ILE F 190 -14.18 -29.73 -8.13
N LYS F 191 -13.82 -30.50 -7.12
CA LYS F 191 -13.07 -31.72 -7.30
C LYS F 191 -13.99 -32.93 -7.08
N ALA F 192 -14.35 -33.57 -8.17
CA ALA F 192 -15.31 -34.67 -8.13
C ALA F 192 -14.88 -35.86 -8.99
N PHE F 193 -13.57 -36.01 -9.26
CA PHE F 193 -13.08 -37.16 -10.06
C PHE F 193 -13.37 -38.49 -9.38
N ASP F 194 -13.45 -38.46 -8.06
CA ASP F 194 -13.69 -39.62 -7.25
C ASP F 194 -15.11 -39.73 -6.75
N CYS F 195 -16.00 -39.00 -7.42
CA CYS F 195 -17.40 -39.12 -7.21
C CYS F 195 -18.01 -39.65 -8.50
N GLN F 196 -18.29 -40.94 -8.53
CA GLN F 196 -18.82 -41.55 -9.73
C GLN F 196 -20.29 -41.21 -9.89
N ALA F 197 -20.57 -40.42 -10.89
CA ALA F 197 -21.95 -40.07 -11.21
C ALA F 197 -22.38 -40.85 -12.43
N ARG F 198 -23.66 -41.16 -12.51
CA ARG F 198 -24.20 -41.74 -13.72
C ARG F 198 -24.44 -40.63 -14.74
N LYS F 199 -25.17 -39.60 -14.31
CA LYS F 199 -25.41 -38.40 -15.12
C LYS F 199 -24.95 -37.18 -14.35
N ALA F 200 -24.24 -36.28 -15.04
CA ALA F 200 -23.73 -35.03 -14.45
C ALA F 200 -23.92 -33.85 -15.39
N GLU F 201 -24.30 -32.73 -14.80
CA GLU F 201 -24.29 -31.45 -15.45
C GLU F 201 -23.25 -30.56 -14.78
N CYS F 202 -22.44 -29.88 -15.59
CA CYS F 202 -21.39 -29.01 -15.11
C CYS F 202 -21.49 -27.64 -15.77
N ASN F 203 -21.46 -26.59 -14.95
CA ASN F 203 -21.57 -25.21 -15.39
C ASN F 203 -20.52 -24.35 -14.74
N ILE F 204 -19.72 -23.69 -15.57
CA ILE F 204 -18.76 -22.71 -15.11
C ILE F 204 -19.04 -21.36 -15.75
N ALA F 205 -19.20 -20.38 -14.88
CA ALA F 205 -19.21 -18.97 -15.25
C ALA F 205 -17.86 -18.41 -14.76
N SER F 206 -17.11 -17.80 -15.67
CA SER F 206 -15.80 -17.16 -15.39
C SER F 206 -14.65 -18.21 -15.47
N SER F 207 -13.67 -18.19 -14.57
CA SER F 207 -12.41 -18.91 -14.76
C SER F 207 -12.20 -20.19 -13.90
N GLY F 208 -13.24 -20.69 -13.22
CA GLY F 208 -13.12 -21.84 -12.36
C GLY F 208 -12.95 -23.15 -13.09
N GLU F 209 -12.90 -24.22 -12.30
CA GLU F 209 -12.62 -25.56 -12.81
CA GLU F 209 -12.59 -25.56 -12.78
C GLU F 209 -13.52 -26.59 -12.16
N ILE F 210 -13.94 -27.56 -12.95
CA ILE F 210 -14.66 -28.71 -12.43
C ILE F 210 -13.96 -29.96 -12.96
N SER F 211 -13.73 -30.93 -12.08
CA SER F 211 -13.20 -32.25 -12.45
C SER F 211 -14.30 -33.23 -12.10
N VAL F 212 -14.79 -33.93 -13.12
CA VAL F 212 -16.00 -34.72 -13.02
C VAL F 212 -15.78 -36.16 -13.55
N TYR F 213 -16.52 -37.10 -12.96
CA TYR F 213 -16.56 -38.50 -13.38
C TYR F 213 -18.00 -38.86 -13.60
N ALA F 214 -18.39 -39.02 -14.86
CA ALA F 214 -19.76 -39.37 -15.24
C ALA F 214 -19.67 -40.59 -16.14
N THR F 215 -20.56 -41.55 -15.94
CA THR F 215 -20.42 -42.81 -16.63
C THR F 215 -21.33 -42.89 -17.84
N GLN F 216 -22.51 -42.27 -17.77
CA GLN F 216 -23.45 -42.35 -18.87
C GLN F 216 -23.64 -41.02 -19.63
N ILE F 217 -23.95 -39.97 -18.89
CA ILE F 217 -24.30 -38.66 -19.48
C ILE F 217 -23.53 -37.53 -18.80
N LEU F 218 -22.94 -36.67 -19.63
CA LEU F 218 -22.24 -35.49 -19.15
C LEU F 218 -22.65 -34.29 -19.99
N ASP F 219 -23.11 -33.28 -19.30
CA ASP F 219 -23.51 -32.03 -19.87
C ASP F 219 -22.56 -30.95 -19.38
N ALA F 220 -21.74 -30.44 -20.29
CA ALA F 220 -20.58 -29.63 -19.96
C ALA F 220 -20.75 -28.25 -20.59
N ASN F 221 -20.83 -27.22 -19.74
CA ASN F 221 -21.13 -25.84 -20.12
C ASN F 221 -20.14 -24.85 -19.47
N ILE F 222 -19.51 -24.02 -20.29
CA ILE F 222 -18.57 -23.01 -19.85
C ILE F 222 -18.90 -21.71 -20.53
N VAL F 223 -19.05 -20.67 -19.71
CA VAL F 223 -19.09 -19.29 -20.16
C VAL F 223 -17.93 -18.59 -19.50
N GLY F 224 -16.85 -18.40 -20.24
CA GLY F 224 -15.62 -17.83 -19.68
C GLY F 224 -14.39 -18.61 -20.08
N SER F 225 -13.32 -18.45 -19.29
CA SER F 225 -12.03 -19.10 -19.50
C SER F 225 -11.86 -20.38 -18.69
N GLY F 226 -12.89 -20.77 -17.94
CA GLY F 226 -12.81 -21.98 -17.12
C GLY F 226 -12.59 -23.30 -17.84
N GLU F 227 -12.43 -24.37 -17.06
CA GLU F 227 -12.12 -25.68 -17.62
C GLU F 227 -12.89 -26.81 -16.96
N ILE F 228 -13.35 -27.75 -17.80
CA ILE F 228 -13.97 -28.98 -17.31
C ILE F 228 -13.05 -30.13 -17.73
N HIS F 229 -12.65 -30.93 -16.74
CA HIS F 229 -11.86 -32.13 -16.94
C HIS F 229 -12.78 -33.27 -16.58
N TYR F 230 -12.90 -34.25 -17.48
CA TYR F 230 -13.77 -35.38 -17.20
C TYR F 230 -13.15 -36.71 -17.49
N LYS F 231 -13.58 -37.69 -16.72
CA LYS F 231 -13.22 -39.08 -16.94
C LYS F 231 -14.48 -39.90 -17.04
N GLY F 232 -14.33 -41.16 -17.41
CA GLY F 232 -15.46 -42.01 -17.69
C GLY F 232 -15.68 -41.94 -19.20
N ASP F 233 -16.64 -42.72 -19.69
CA ASP F 233 -16.98 -42.68 -21.09
C ASP F 233 -18.44 -42.33 -21.28
N PRO F 234 -18.87 -41.18 -20.76
CA PRO F 234 -20.23 -40.77 -21.01
C PRO F 234 -20.41 -40.22 -22.43
N GLU F 235 -21.66 -40.03 -22.80
CA GLU F 235 -22.03 -39.22 -23.94
C GLU F 235 -22.00 -37.77 -23.45
N ILE F 236 -21.11 -36.96 -24.04
CA ILE F 236 -20.93 -35.56 -23.63
C ILE F 236 -21.63 -34.57 -24.53
N SER F 237 -22.40 -33.65 -23.95
CA SER F 237 -22.90 -32.45 -24.62
C SER F 237 -22.00 -31.28 -24.23
N LYS F 238 -21.41 -30.64 -25.23
CA LYS F 238 -20.43 -29.58 -25.01
C LYS F 238 -21.02 -28.21 -25.35
N SER F 239 -20.77 -27.22 -24.49
CA SER F 239 -21.10 -25.85 -24.82
C SER F 239 -20.03 -24.96 -24.18
N ILE F 240 -19.30 -24.24 -25.02
CA ILE F 240 -18.28 -23.34 -24.56
C ILE F 240 -18.45 -21.99 -25.24
N MSE F 241 -18.60 -20.95 -24.44
CA MSE F 241 -18.59 -19.58 -24.93
C MSE F 241 -17.45 -18.88 -24.20
O MSE F 241 -17.57 -18.54 -23.02
CB MSE F 241 -19.94 -18.89 -24.69
CG MSE F 241 -19.99 -17.49 -25.26
SE MSE F 241 -21.51 -16.41 -24.64
CE MSE F 241 -22.94 -17.47 -25.39
N GLY F 242 -16.32 -18.69 -24.87
CA GLY F 242 -15.15 -18.06 -24.29
C GLY F 242 -13.91 -18.85 -24.63
N SER F 243 -12.81 -18.57 -23.95
CA SER F 243 -11.55 -19.25 -24.20
C SER F 243 -11.39 -20.54 -23.38
N GLY F 244 -12.40 -20.90 -22.59
CA GLY F 244 -12.32 -22.13 -21.81
C GLY F 244 -12.21 -23.41 -22.61
N SER F 245 -12.09 -24.52 -21.90
CA SER F 245 -11.92 -25.80 -22.53
C SER F 245 -12.39 -26.98 -21.75
N ILE F 246 -12.64 -28.03 -22.52
CA ILE F 246 -13.09 -29.30 -22.02
C ILE F 246 -12.03 -30.31 -22.40
N ASN F 247 -11.64 -31.16 -21.46
CA ASN F 247 -10.68 -32.21 -21.77
C ASN F 247 -11.00 -33.49 -21.03
N LYS F 248 -10.77 -34.59 -21.74
CA LYS F 248 -11.04 -35.93 -21.22
C LYS F 248 -9.74 -36.52 -20.73
N VAL F 249 -9.78 -37.13 -19.55
CA VAL F 249 -8.61 -37.76 -18.96
C VAL F 249 -8.92 -39.23 -18.65
N LYS F 250 -7.88 -40.05 -18.61
CA LYS F 250 -8.03 -41.45 -18.17
C LYS F 250 -8.20 -41.48 -16.66
S SO4 G . -15.05 41.92 -5.85
O1 SO4 G . -15.97 40.79 -5.57
O2 SO4 G . -15.83 43.07 -6.25
O3 SO4 G . -14.34 42.22 -4.60
O4 SO4 G . -14.14 41.57 -6.96
S SO4 H . -22.69 47.29 -1.42
O1 SO4 H . -22.32 46.59 -0.18
O2 SO4 H . -23.83 48.20 -1.16
O3 SO4 H . -21.59 48.07 -2.01
O4 SO4 H . -23.09 46.30 -2.42
S SO4 I . -2.31 13.64 15.15
O1 SO4 I . -1.33 14.01 14.14
O2 SO4 I . -3.66 13.76 14.59
O3 SO4 I . -2.03 12.28 15.59
O4 SO4 I . -2.17 14.48 16.32
C1 GOL J . -40.48 51.31 -4.47
O1 GOL J . -41.45 51.44 -5.50
C2 GOL J . -40.89 50.30 -3.40
O2 GOL J . -40.90 50.99 -2.18
C3 GOL J . -39.91 49.15 -3.24
O3 GOL J . -40.52 47.90 -3.41
C1 GOL K . -25.40 37.54 27.82
O1 GOL K . -25.06 36.25 27.39
C2 GOL K . -24.30 38.44 27.34
O2 GOL K . -23.33 38.52 28.35
C3 GOL K . -24.85 39.83 27.01
O3 GOL K . -23.83 40.80 27.06
C1 GOL L . -32.09 28.60 17.01
O1 GOL L . -32.41 29.75 17.75
C2 GOL L . -32.42 28.92 15.57
O2 GOL L . -33.52 29.77 15.57
C3 GOL L . -32.75 27.66 14.76
O3 GOL L . -33.81 27.92 13.87
C1 GOL M . -44.37 52.79 3.20
O1 GOL M . -44.41 53.44 1.96
C2 GOL M . -44.26 53.71 4.43
O2 GOL M . -44.59 52.87 5.54
C3 GOL M . -42.89 54.36 4.70
O3 GOL M . -42.48 55.25 3.69
S SO4 N . -1.79 34.12 -12.76
O1 SO4 N . -2.12 32.72 -12.39
O2 SO4 N . -2.39 34.99 -11.71
O3 SO4 N . -0.32 34.24 -12.75
O4 SO4 N . -2.32 34.42 -14.07
S SO4 O . 6.34 30.11 -17.58
O1 SO4 O . 5.38 29.15 -18.06
O2 SO4 O . 6.26 30.24 -16.12
O3 SO4 O . 7.75 29.75 -17.93
O4 SO4 O . 6.14 31.42 -18.20
S SO4 P . -4.31 7.93 -35.68
O1 SO4 P . -4.78 7.09 -34.58
O2 SO4 P . -5.16 9.09 -35.79
O3 SO4 P . -2.95 8.45 -35.47
O4 SO4 P . -4.33 7.13 -36.92
S SO4 Q . -1.23 4.05 -20.08
O1 SO4 Q . -2.60 3.80 -19.66
O2 SO4 Q . -1.14 5.43 -20.52
O3 SO4 Q . -0.33 3.82 -18.94
O4 SO4 Q . -0.90 3.18 -21.21
S SO4 R . -33.57 14.95 -17.64
O1 SO4 R . -33.66 14.21 -16.40
O2 SO4 R . -34.11 16.27 -17.37
O3 SO4 R . -32.17 15.01 -18.02
O4 SO4 R . -34.32 14.30 -18.72
CL CL S . 3.88 1.88 -24.31
C1 GOL T . -17.57 11.88 -12.24
O1 GOL T . -16.70 12.63 -11.43
C2 GOL T . -17.07 12.19 -13.62
O2 GOL T . -17.23 13.59 -13.72
C3 GOL T . -17.82 11.44 -14.69
O3 GOL T . -19.08 12.04 -14.85
C1 GOL U . 20.73 21.36 -13.04
O1 GOL U . 20.51 19.98 -12.95
C2 GOL U . 22.01 21.67 -13.80
O2 GOL U . 22.05 21.12 -15.11
C3 GOL U . 23.22 21.21 -13.02
O3 GOL U . 23.96 22.37 -12.64
C1 GOL V . -27.55 35.27 -29.03
O1 GOL V . -28.45 35.47 -30.09
C2 GOL V . -26.35 36.18 -29.10
O2 GOL V . -25.23 35.36 -28.94
C3 GOL V . -26.40 37.21 -27.98
O3 GOL V . -25.36 38.16 -28.20
C1 GOL W . 25.27 18.24 -22.12
O1 GOL W . 25.05 19.58 -21.71
C2 GOL W . 24.79 17.19 -21.12
O2 GOL W . 24.70 15.87 -21.68
C3 GOL W . 25.73 17.09 -19.92
O3 GOL W . 25.68 18.21 -19.06
S SO4 X . 30.89 -2.03 15.89
O1 SO4 X . 29.72 -2.27 16.77
O2 SO4 X . 30.97 -0.58 15.62
O3 SO4 X . 32.14 -2.48 16.51
O4 SO4 X . 30.74 -2.74 14.61
S SO4 Y . 25.39 5.32 11.27
O1 SO4 Y . 24.25 4.41 11.31
O2 SO4 Y . 25.95 5.56 12.61
O3 SO4 Y . 26.38 4.65 10.44
O4 SO4 Y . 25.03 6.65 10.73
S SO4 Z . 13.66 -35.24 16.82
O1 SO4 Z . 12.96 -36.43 17.28
O2 SO4 Z . 13.72 -34.29 17.90
O3 SO4 Z . 15.02 -35.55 16.42
O4 SO4 Z . 12.96 -34.63 15.69
C1 GOL AA . 24.95 14.95 -3.69
O1 GOL AA . 24.67 16.18 -4.29
C2 GOL AA . 26.36 14.47 -4.01
O2 GOL AA . 26.31 13.27 -4.76
C3 GOL AA . 27.14 15.56 -4.74
O3 GOL AA . 27.12 16.79 -4.05
C1 GOL BA . 3.80 -22.18 12.33
O1 GOL BA . 4.76 -22.73 11.45
C2 GOL BA . 4.34 -22.04 13.75
O2 GOL BA . 3.46 -21.30 14.57
C3 GOL BA . 4.51 -23.42 14.39
O3 GOL BA . 5.33 -23.28 15.53
C1 GOL CA . 8.22 -8.45 -5.08
O1 GOL CA . 8.49 -8.17 -3.73
C2 GOL CA . 9.13 -9.60 -5.45
O2 GOL CA . 8.96 -10.61 -4.48
C3 GOL CA . 10.56 -9.11 -5.41
O3 GOL CA . 11.11 -9.08 -6.72
C1 GOL DA . -3.04 -7.65 7.24
O1 GOL DA . -2.23 -8.80 7.04
C2 GOL DA . -2.30 -6.40 6.76
O2 GOL DA . -2.44 -6.25 5.37
C3 GOL DA . -2.80 -5.15 7.47
O3 GOL DA . -2.02 -4.05 7.06
S SO4 EA . 45.14 -20.09 30.54
O1 SO4 EA . 43.80 -20.57 30.21
O2 SO4 EA . 45.10 -18.65 30.86
O3 SO4 EA . 45.65 -20.81 31.71
O4 SO4 EA . 45.97 -20.35 29.37
S SO4 FA . 39.50 -13.73 24.93
O1 SO4 FA . 39.03 -15.00 24.31
O2 SO4 FA . 38.39 -12.76 24.85
O3 SO4 FA . 39.80 -13.98 26.36
O4 SO4 FA . 40.72 -13.23 24.28
S SO4 GA . 43.71 -17.76 -11.94
O1 SO4 GA . 44.18 -18.73 -12.92
O2 SO4 GA . 42.26 -17.80 -11.83
O3 SO4 GA . 44.20 -18.11 -10.63
O4 SO4 GA . 44.11 -16.43 -12.39
C1 GOL HA . 41.69 -34.95 40.41
O1 GOL HA . 42.58 -35.14 39.34
C2 GOL HA . 42.36 -34.32 41.63
O2 GOL HA . 42.16 -35.14 42.76
C3 GOL HA . 43.85 -34.08 41.48
O3 GOL HA . 44.55 -35.29 41.51
C1 GOL IA . 48.44 -41.37 14.20
O1 GOL IA . 47.06 -41.65 14.17
C2 GOL IA . 48.71 -40.21 13.25
O2 GOL IA . 48.64 -40.65 11.93
C3 GOL IA . 50.10 -39.67 13.48
O3 GOL IA . 51.00 -40.70 13.20
S SO4 JA . -11.88 -13.70 -14.71
O1 SO4 JA . -13.18 -14.20 -15.21
O2 SO4 JA . -11.87 -12.25 -14.64
O3 SO4 JA . -11.67 -14.31 -13.36
O4 SO4 JA . -10.84 -14.22 -15.64
S SO4 KA . -9.76 -12.37 -24.72
O1 SO4 KA . -10.21 -13.65 -24.17
O2 SO4 KA . -10.88 -11.46 -24.75
O3 SO4 KA . -8.61 -11.86 -23.93
O4 SO4 KA . -9.19 -12.53 -26.08
S SO4 LA . -44.82 -0.23 -4.32
O1 SO4 LA . -44.11 -0.93 -5.38
O2 SO4 LA . -45.73 0.80 -4.84
O3 SO4 LA . -45.57 -1.19 -3.53
O4 SO4 LA . -43.89 0.40 -3.41
C1 GOL MA . -34.19 -8.99 -35.44
O1 GOL MA . -35.15 -8.56 -36.37
C2 GOL MA . -34.61 -10.36 -34.98
O2 GOL MA . -35.80 -10.12 -34.26
C3 GOL MA . -34.87 -11.22 -36.22
O3 GOL MA . -34.56 -12.56 -35.99
C1 GOL NA . -8.94 -22.34 -39.01
O1 GOL NA . -10.21 -22.92 -39.09
C2 GOL NA . -8.30 -22.45 -40.37
O2 GOL NA . -7.64 -21.24 -40.66
C3 GOL NA . -7.37 -23.67 -40.43
O3 GOL NA . -6.01 -23.45 -40.02
C1 GOL OA . -22.65 9.55 -2.70
O1 GOL OA . -22.70 10.19 -3.97
C2 GOL OA . -22.22 10.45 -1.53
O2 GOL OA . -23.21 10.47 -0.52
C3 GOL OA . -20.87 10.01 -0.95
O3 GOL OA . -21.03 9.38 0.29
S SO4 PA . -14.37 -14.78 2.01
O1 SO4 PA . -13.74 -16.11 2.07
O2 SO4 PA . -15.84 -14.91 2.19
O3 SO4 PA . -13.87 -13.95 3.11
O4 SO4 PA . -14.13 -14.04 0.75
S SO4 QA . -15.09 -15.71 12.28
O1 SO4 QA . -15.85 -16.92 11.98
O2 SO4 QA . -15.12 -15.43 13.74
O3 SO4 QA . -13.69 -15.84 11.90
O4 SO4 QA . -15.62 -14.60 11.52
S SO4 RA . -32.70 -41.48 -16.97
O1 SO4 RA . -34.00 -41.14 -17.53
O2 SO4 RA . -32.37 -40.46 -16.00
O3 SO4 RA . -32.80 -42.77 -16.30
O4 SO4 RA . -31.72 -41.56 -18.06
C1 GOL SA . -37.25 -30.50 15.81
O1 GOL SA . -37.97 -31.69 15.74
C2 GOL SA . -37.81 -29.56 14.77
O2 GOL SA . -38.25 -30.35 13.69
C3 GOL SA . -38.97 -28.80 15.39
O3 GOL SA . -39.57 -27.95 14.43
C1 GOL TA . -30.59 -44.75 -1.80
O1 GOL TA . -30.93 -43.70 -0.91
C2 GOL TA . -29.14 -45.20 -1.64
O2 GOL TA . -28.39 -44.34 -0.82
C3 GOL TA . -28.47 -45.31 -3.01
O3 GOL TA . -28.26 -44.03 -3.54
C1 GOL UA . -23.22 -6.09 27.22
O1 GOL UA . -22.05 -5.28 27.22
C2 GOL UA . -22.91 -7.37 26.48
O2 GOL UA . -22.26 -8.28 27.31
C3 GOL UA . -24.21 -8.00 26.00
O3 GOL UA . -24.42 -7.58 24.67
#